data_9F48
#
_entry.id   9F48
#
_cell.length_a   1.00
_cell.length_b   1.00
_cell.length_c   1.00
_cell.angle_alpha   90.00
_cell.angle_beta   90.00
_cell.angle_gamma   90.00
#
_symmetry.space_group_name_H-M   'P 1'
#
_entity_poly.entity_id   1
_entity_poly.type   'polypeptide(L)'
_entity_poly.pdbx_seq_one_letter_code
;MADVAESQENAPAERAELTVPEMRQWLRNWVGKAVGKAPDSIDESVPMVELGLSSRDAVAMAADIEDLTGVTLSVAVAFA
HPTIESLATRIIEGEPETDLAGDDAEDWSRTGPAERVDIAIVGLSTRFPGEMNTPEQTWQALLEGRDGITDLPDGRWSEF
LEEPRLAARVAGARTRGGYLKDIKGFDSEFFAVAKTEADNIDPQQRMALELTWEALEHARIPASSLRGQAVGVYIGSSTN
DYSFLAVSDPTVAHPYAITGTSSSIIANRVSYFYDFHGPSVTIDTACSSSLVAIHQGVQALRNGEADVVVAGGVNALITP
MVTLGFDEIGAVLAPDGRIKSFSADADGYTRSEGGGMLVLKRVDDARRDGDAILAVIAGSAVNHDGRSNGLIAPNQDAQA
DVLRRAYKDAGIDPRTVDYIEAHGTGTILGDPIEAEALGRVVGRGRPADRPALLGAVKTNVGHLESAAGAASMAKVVLAL
QHDKLPPSINFAGPSPYIDFDAMRLKMITTPTDWPRYGGYALAGVSSFGFGGANAHVVVREVLPRDVVEKEPEPEPEPKA
AAEPAEAPTLAGHALRFDEFGNIITDSAVAEEPEPELPGVTEEALRLKEAALEELAAQEVTAPLVPLAVSAFLTSRKKAA
AAELADWMQSPEGQASSLESIGRSLSRRNHGRSRAVVLAHDHDEAIKGLRAVAAGKQAPNVFSVDGPVTTGPVWVLAGFG
AQHRKMGKSLYLRNEVFAAWIEKVDALVQDELGYSVLELILDDAQDYGIETTQVTIFAIQIALGELLRHHGAKPAAVIGQ
SLGEAASAYFAGGLSLRDATRAICSRSHLMGEGEAMLFGEYIRLMALVEYSADEIREVFSDFPDLEVCVYAAPTQTVIGG
PPEQVDAILARAEAEGKFARKFATKGASHTSQMDPLLGELTAELQGIKPTSPTCGIFSTVHEGRYIKPGGEPIHDVEYWK
KGLRHSVYFTHGIRNAVDSGHTTFLELAPNPVALMQVALTTADAGLHDAQLIPTLARKQDEVSSMVSTMAQLYVYGHDLD
IRTLFSRASGPQDYANIPPTRFKRKEHWLPAHFSGDGSTYMPGTHVALPDGRHVWEYAPRDGNVDLAALVRAAAAHVLPD
AQLTAAEQRAVPGDGARLVTTMTRHPGGASVQVHARIDESFTLVYDALVSRAGSESVLPTAVGAATAIAVADGAPVAPET
PAEDADAETLSDSLTTRYMPSGMTRWSPDSGETIAERLGLIVGSAMGYEPEDLPWEVPLIELGLDSLMAVRIKNRVEYDF
DLPPIQLTAVRDANLYNVEKLIEYAVEHRDEVQQLHEHQKTQTAEEIARAQAELLHGKVGKTEPVDSEAGVALPSPQNGE
QPNPTGPALNVDVPPRDAAERVTFATWAIVTGKSPGGIFNELPRLDDEAAAKIAQRLSERAEGPITAEDVLTSSNIEALA
DKVRTYLEAGQIDGFVRTLRARPEAGGKVPVFVFHPAGGSTVVYEPLLGRLPADTPMYGFERVEGSIEERAQQYVPKLIE
MQGDGPYVLVGWSLGGVLAYACAIGLRRLGKDVRFVGLIDAVRAGEEIPQTKEEIRKRWDRYAAFAEKTFNVTIPAIPYE
QLEELDDEGQVRFVLDAVSQSGVQIPAGIIEHQRTSYLDNRAIDTAQIQPYDGHVTLYMADRYHDDAIMFEPRYAVRQPD
GGWGEYVSDLEVVPIGGEHIQAIDEPIIAKVGEHMSRALGQIEADRTSEVGKQ
;
_entity_poly.pdbx_strand_id   A,B
#
# COMPACT_ATOMS: atom_id res chain seq x y z
N GLU A 106 10.35 11.59 24.18
CA GLU A 106 10.17 11.45 22.74
C GLU A 106 8.78 11.91 22.32
N ASP A 107 8.67 12.42 21.11
CA ASP A 107 7.41 12.97 20.60
C ASP A 107 6.71 11.92 19.73
N TRP A 108 5.45 11.62 20.06
CA TRP A 108 4.64 10.68 19.31
C TRP A 108 3.32 11.37 18.98
N SER A 109 3.21 11.93 17.78
CA SER A 109 2.08 12.79 17.46
C SER A 109 1.50 12.49 16.09
N ARG A 110 1.25 11.19 15.79
CA ARG A 110 0.41 10.83 14.66
C ARG A 110 0.93 11.35 13.33
N THR A 111 1.97 10.71 12.79
CA THR A 111 2.54 11.04 11.48
C THR A 111 1.49 11.52 10.51
N GLY A 112 1.77 12.64 9.85
CA GLY A 112 0.82 13.30 8.98
C GLY A 112 0.37 12.47 7.81
N PRO A 113 -0.46 13.06 6.95
CA PRO A 113 -1.06 12.30 5.85
C PRO A 113 -0.05 12.01 4.75
N ALA A 114 -0.56 11.40 3.69
CA ALA A 114 0.22 11.14 2.48
C ALA A 114 -0.24 12.07 1.37
N GLU A 115 0.71 12.74 0.74
CA GLU A 115 0.41 13.70 -0.31
C GLU A 115 0.69 13.06 -1.66
N ARG A 116 -0.29 13.10 -2.56
CA ARG A 116 -0.21 12.41 -3.85
C ARG A 116 0.75 13.17 -4.75
N VAL A 117 1.99 12.69 -4.81
CA VAL A 117 3.04 13.30 -5.60
C VAL A 117 3.42 12.34 -6.72
N ASP A 118 4.30 12.78 -7.62
CA ASP A 118 4.71 11.98 -8.76
C ASP A 118 6.03 11.29 -8.48
N ILE A 119 6.21 10.09 -9.02
CA ILE A 119 7.34 9.24 -8.67
C ILE A 119 8.29 9.17 -9.85
N ALA A 120 9.55 9.56 -9.64
CA ALA A 120 10.55 9.54 -10.69
C ALA A 120 11.19 8.17 -10.82
N ILE A 121 11.45 7.78 -12.06
CA ILE A 121 12.19 6.58 -12.37
C ILE A 121 13.62 6.99 -12.69
N VAL A 122 14.59 6.46 -11.95
CA VAL A 122 15.98 6.87 -12.12
C VAL A 122 16.87 5.74 -12.63
N GLY A 123 16.36 4.50 -12.67
CA GLY A 123 17.16 3.39 -13.15
C GLY A 123 16.27 2.38 -13.82
N LEU A 124 16.91 1.37 -14.42
CA LEU A 124 16.18 0.37 -15.18
C LEU A 124 17.10 -0.79 -15.56
N SER A 125 16.57 -2.02 -15.55
CA SER A 125 17.32 -3.19 -15.99
C SER A 125 16.51 -3.94 -17.04
N THR A 126 17.05 -5.06 -17.48
CA THR A 126 16.46 -5.83 -18.58
C THR A 126 17.14 -7.18 -18.68
N ARG A 127 16.35 -8.23 -18.82
CA ARG A 127 16.84 -9.55 -19.21
C ARG A 127 15.86 -10.20 -20.18
N PHE A 128 15.31 -9.41 -21.09
CA PHE A 128 14.33 -9.92 -22.03
C PHE A 128 15.02 -10.76 -23.11
N PRO A 129 14.28 -11.67 -23.76
CA PRO A 129 14.88 -12.45 -24.85
C PRO A 129 15.35 -11.55 -25.98
N GLY A 130 16.51 -11.88 -26.54
CA GLY A 130 17.12 -11.05 -27.55
C GLY A 130 18.04 -9.99 -26.96
N GLU A 131 17.50 -9.18 -26.07
CA GLU A 131 18.28 -8.15 -25.37
C GLU A 131 18.60 -8.62 -23.96
N MET A 132 19.61 -9.49 -23.87
CA MET A 132 19.97 -10.08 -22.57
C MET A 132 20.81 -9.14 -21.72
N ASN A 133 20.80 -7.84 -21.99
CA ASN A 133 21.75 -6.93 -21.36
C ASN A 133 21.16 -5.55 -21.16
N THR A 134 22.05 -4.55 -21.01
CA THR A 134 21.71 -3.18 -20.67
C THR A 134 20.56 -2.65 -21.52
N PRO A 135 19.84 -1.64 -21.03
CA PRO A 135 18.70 -1.10 -21.77
C PRO A 135 19.09 -0.33 -23.03
N GLU A 136 20.36 -0.40 -23.43
CA GLU A 136 20.75 0.12 -24.72
C GLU A 136 20.76 -0.91 -25.83
N GLN A 137 20.90 -2.21 -25.52
CA GLN A 137 20.64 -3.23 -26.53
C GLN A 137 19.14 -3.41 -26.72
N THR A 138 18.37 -3.24 -25.65
CA THR A 138 16.92 -3.35 -25.73
C THR A 138 16.34 -2.31 -26.68
N TRP A 139 16.85 -1.08 -26.59
CA TRP A 139 16.36 -0.03 -27.48
C TRP A 139 16.67 -0.36 -28.92
N GLN A 140 17.86 -0.89 -29.19
CA GLN A 140 18.22 -1.27 -30.55
C GLN A 140 17.30 -2.37 -31.07
N ALA A 141 17.03 -3.37 -30.23
CA ALA A 141 16.17 -4.46 -30.65
C ALA A 141 14.72 -4.00 -30.85
N LEU A 142 14.25 -3.05 -30.06
CA LEU A 142 12.90 -2.54 -30.24
C LEU A 142 12.77 -1.69 -31.48
N LEU A 143 13.73 -0.80 -31.72
CA LEU A 143 13.70 0.06 -32.90
C LEU A 143 14.05 -0.70 -34.17
N GLU A 144 14.63 -1.89 -34.06
CA GLU A 144 14.88 -2.72 -35.22
C GLU A 144 13.72 -3.66 -35.55
N GLY A 145 12.84 -3.91 -34.59
CA GLY A 145 11.76 -4.85 -34.81
C GLY A 145 12.17 -6.30 -34.67
N ARG A 146 13.18 -6.59 -33.85
CA ARG A 146 13.67 -7.94 -33.69
C ARG A 146 12.62 -8.84 -33.06
N ASP A 147 12.74 -10.13 -33.34
CA ASP A 147 11.87 -11.16 -32.79
C ASP A 147 12.68 -12.07 -31.88
N GLY A 148 12.34 -12.07 -30.60
CA GLY A 148 13.03 -12.87 -29.62
C GLY A 148 12.46 -14.25 -29.40
N ILE A 149 11.49 -14.68 -30.20
CA ILE A 149 10.79 -15.94 -29.98
C ILE A 149 11.55 -17.03 -30.72
N THR A 150 12.13 -17.97 -29.98
CA THR A 150 12.91 -19.05 -30.57
C THR A 150 12.33 -20.41 -30.20
N ASP A 151 13.04 -21.49 -30.54
CA ASP A 151 12.60 -22.83 -30.26
C ASP A 151 13.22 -23.34 -28.96
N LEU A 152 13.05 -24.63 -28.69
CA LEU A 152 13.59 -25.26 -27.49
C LEU A 152 15.12 -25.30 -27.60
N PRO A 153 15.85 -24.76 -26.63
CA PRO A 153 17.32 -24.78 -26.71
C PRO A 153 17.87 -26.20 -26.69
N ASP A 154 19.19 -26.29 -26.80
CA ASP A 154 19.91 -27.56 -26.90
C ASP A 154 19.42 -28.55 -25.85
N GLY A 155 19.64 -28.23 -24.58
CA GLY A 155 18.91 -28.89 -23.51
C GLY A 155 18.32 -27.86 -22.57
N ARG A 156 17.01 -27.73 -22.53
CA ARG A 156 16.40 -26.82 -21.57
C ARG A 156 15.92 -27.59 -20.36
N TRP A 157 14.97 -28.52 -20.56
CA TRP A 157 14.50 -29.30 -19.43
C TRP A 157 15.54 -30.36 -19.10
N SER A 158 15.73 -31.32 -20.02
CA SER A 158 16.80 -32.30 -19.95
C SER A 158 16.73 -33.15 -18.68
N GLU A 159 15.71 -32.91 -17.85
CA GLU A 159 15.46 -33.66 -16.63
C GLU A 159 14.24 -34.56 -16.77
N PHE A 160 13.11 -33.97 -17.14
CA PHE A 160 11.91 -34.75 -17.45
C PHE A 160 11.92 -35.26 -18.88
N LEU A 161 12.89 -34.85 -19.68
CA LEU A 161 13.08 -35.39 -21.03
C LEU A 161 14.01 -36.60 -20.96
N GLU A 162 13.71 -37.48 -20.01
CA GLU A 162 14.39 -38.76 -19.88
C GLU A 162 13.44 -39.93 -20.01
N GLU A 163 12.30 -39.88 -19.32
CA GLU A 163 11.27 -40.90 -19.44
C GLU A 163 10.70 -40.89 -20.85
N PRO A 164 10.67 -42.03 -21.53
CA PRO A 164 10.19 -42.06 -22.91
C PRO A 164 8.68 -41.88 -23.07
N ARG A 165 7.96 -41.60 -21.97
CA ARG A 165 6.54 -41.29 -22.05
C ARG A 165 6.31 -39.78 -22.16
N LEU A 166 6.83 -39.02 -21.19
CA LEU A 166 6.69 -37.57 -21.23
C LEU A 166 7.47 -36.99 -22.40
N ALA A 167 8.51 -37.71 -22.86
CA ALA A 167 9.33 -37.23 -23.96
C ALA A 167 8.49 -37.04 -25.23
N ALA A 168 7.63 -38.01 -25.54
CA ALA A 168 6.78 -37.91 -26.72
C ALA A 168 5.76 -36.78 -26.63
N ARG A 169 5.12 -36.61 -25.47
CA ARG A 169 4.16 -35.53 -25.32
C ARG A 169 4.85 -34.17 -25.43
N VAL A 170 6.05 -34.04 -24.86
CA VAL A 170 6.80 -32.81 -25.00
C VAL A 170 7.16 -32.57 -26.46
N ALA A 171 7.61 -33.62 -27.16
CA ALA A 171 7.91 -33.51 -28.58
C ALA A 171 6.70 -33.23 -29.43
N GLY A 172 5.49 -33.45 -28.91
CA GLY A 172 4.28 -33.13 -29.64
C GLY A 172 3.47 -32.05 -28.97
N ALA A 173 4.13 -31.02 -28.47
CA ALA A 173 3.49 -29.92 -27.76
C ALA A 173 3.92 -28.58 -28.36
N ARG A 174 3.24 -27.52 -27.94
CA ARG A 174 3.54 -26.17 -28.40
C ARG A 174 4.64 -25.54 -27.56
N THR A 175 5.89 -25.88 -27.91
CA THR A 175 7.02 -25.58 -27.05
C THR A 175 8.00 -24.60 -27.69
N ARG A 176 7.50 -23.55 -28.34
CA ARG A 176 8.32 -22.46 -28.82
C ARG A 176 8.01 -21.20 -28.01
N GLY A 177 9.05 -20.39 -27.79
CA GLY A 177 8.88 -19.19 -27.01
C GLY A 177 10.20 -18.48 -26.80
N GLY A 178 10.13 -17.41 -26.02
CA GLY A 178 11.30 -16.59 -25.74
C GLY A 178 12.18 -17.16 -24.66
N TYR A 179 12.93 -18.21 -24.99
CA TYR A 179 13.80 -18.87 -24.03
C TYR A 179 15.09 -18.08 -23.87
N LEU A 180 15.56 -17.94 -22.64
CA LEU A 180 16.81 -17.24 -22.36
C LEU A 180 17.98 -18.21 -22.35
N LYS A 181 19.15 -17.69 -22.74
CA LYS A 181 20.38 -18.43 -22.58
C LYS A 181 20.96 -18.20 -21.19
N ASP A 182 21.78 -19.15 -20.74
CA ASP A 182 22.52 -19.02 -19.48
C ASP A 182 21.60 -18.83 -18.28
N ILE A 183 20.78 -19.83 -17.98
CA ILE A 183 19.98 -19.85 -16.76
C ILE A 183 20.76 -20.39 -15.57
N LYS A 184 21.72 -21.28 -15.80
CA LYS A 184 22.37 -22.01 -14.73
C LYS A 184 23.61 -21.32 -14.18
N GLY A 185 23.97 -20.14 -14.69
CA GLY A 185 25.20 -19.47 -14.29
C GLY A 185 24.96 -18.45 -13.20
N PHE A 186 25.73 -18.57 -12.12
CA PHE A 186 25.66 -17.66 -10.99
C PHE A 186 27.06 -17.33 -10.52
N ASP A 187 27.23 -16.10 -9.99
CA ASP A 187 28.52 -15.65 -9.46
C ASP A 187 28.47 -15.80 -7.94
N SER A 188 28.89 -16.96 -7.46
CA SER A 188 28.74 -17.28 -6.04
C SER A 188 29.61 -16.38 -5.17
N GLU A 189 30.89 -16.25 -5.51
CA GLU A 189 31.82 -15.51 -4.66
C GLU A 189 31.42 -14.05 -4.55
N PHE A 190 30.87 -13.49 -5.62
CA PHE A 190 30.45 -12.09 -5.60
C PHE A 190 29.34 -11.86 -4.58
N PHE A 191 28.41 -12.81 -4.47
CA PHE A 191 27.24 -12.66 -3.63
C PHE A 191 27.38 -13.37 -2.28
N ALA A 192 28.61 -13.79 -1.94
CA ALA A 192 29.05 -14.23 -0.63
C ALA A 192 28.44 -15.56 -0.19
N VAL A 193 27.72 -16.27 -1.04
CA VAL A 193 27.14 -17.54 -0.67
C VAL A 193 28.13 -18.67 -0.98
N ALA A 194 28.01 -19.78 -0.27
CA ALA A 194 28.90 -20.90 -0.45
C ALA A 194 28.49 -21.71 -1.67
N LYS A 195 29.07 -22.90 -1.84
CA LYS A 195 28.76 -23.75 -2.97
C LYS A 195 27.50 -24.59 -2.76
N THR A 196 27.46 -25.42 -1.71
CA THR A 196 26.30 -26.27 -1.48
C THR A 196 25.03 -25.46 -1.27
N GLU A 197 25.14 -24.20 -0.86
CA GLU A 197 23.98 -23.34 -0.77
C GLU A 197 23.54 -22.86 -2.16
N ALA A 198 24.49 -22.64 -3.06
CA ALA A 198 24.24 -21.94 -4.32
C ALA A 198 23.54 -22.79 -5.37
N ASP A 199 23.63 -24.12 -5.29
CA ASP A 199 22.94 -24.95 -6.27
C ASP A 199 21.45 -25.06 -5.98
N ASN A 200 21.02 -24.70 -4.77
CA ASN A 200 19.61 -24.70 -4.39
C ASN A 200 18.92 -23.42 -4.85
N ILE A 201 19.56 -22.27 -4.62
CA ILE A 201 18.97 -20.95 -4.82
C ILE A 201 18.20 -20.89 -6.13
N ASP A 202 16.92 -20.54 -6.05
CA ASP A 202 15.99 -20.44 -7.17
C ASP A 202 16.51 -19.45 -8.20
N PRO A 203 16.60 -19.85 -9.48
CA PRO A 203 17.11 -18.92 -10.51
C PRO A 203 16.41 -17.57 -10.53
N GLN A 204 15.17 -17.52 -10.05
CA GLN A 204 14.50 -16.24 -9.91
C GLN A 204 15.22 -15.36 -8.88
N GLN A 205 15.69 -15.95 -7.79
CA GLN A 205 16.46 -15.18 -6.81
C GLN A 205 17.77 -14.68 -7.39
N ARG A 206 18.47 -15.51 -8.16
CA ARG A 206 19.70 -15.06 -8.80
C ARG A 206 19.42 -13.93 -9.78
N MET A 207 18.35 -14.05 -10.55
CA MET A 207 17.99 -13.00 -11.50
C MET A 207 17.67 -11.69 -10.78
N ALA A 208 16.92 -11.76 -9.69
CA ALA A 208 16.61 -10.55 -8.94
C ALA A 208 17.88 -9.94 -8.35
N LEU A 209 18.77 -10.77 -7.80
CA LEU A 209 20.01 -10.28 -7.24
C LEU A 209 20.84 -9.54 -8.28
N GLU A 210 20.98 -10.12 -9.47
CA GLU A 210 21.80 -9.50 -10.49
C GLU A 210 21.13 -8.26 -11.08
N LEU A 211 19.82 -8.31 -11.30
CA LEU A 211 19.11 -7.17 -11.85
C LEU A 211 19.08 -5.99 -10.91
N THR A 212 19.06 -6.22 -9.59
CA THR A 212 19.13 -5.09 -8.66
C THR A 212 20.46 -4.36 -8.79
N TRP A 213 21.55 -5.12 -8.89
CA TRP A 213 22.86 -4.51 -9.07
C TRP A 213 22.92 -3.74 -10.40
N GLU A 214 22.40 -4.34 -11.47
CA GLU A 214 22.42 -3.66 -12.76
C GLU A 214 21.59 -2.39 -12.74
N ALA A 215 20.43 -2.42 -12.08
CA ALA A 215 19.62 -1.20 -11.95
C ALA A 215 20.33 -0.13 -11.14
N LEU A 216 20.97 -0.51 -10.03
CA LEU A 216 21.68 0.46 -9.22
C LEU A 216 22.87 1.04 -9.97
N GLU A 217 23.47 0.27 -10.88
CA GLU A 217 24.51 0.83 -11.73
C GLU A 217 23.93 1.78 -12.78
N HIS A 218 22.81 1.40 -13.40
CA HIS A 218 22.22 2.25 -14.43
C HIS A 218 21.74 3.58 -13.85
N ALA A 219 21.23 3.58 -12.63
CA ALA A 219 20.78 4.80 -11.98
C ALA A 219 21.94 5.67 -11.51
N ARG A 220 23.17 5.14 -11.55
CA ARG A 220 24.36 5.84 -11.07
C ARG A 220 24.21 6.25 -9.62
N ILE A 221 23.79 5.29 -8.79
CA ILE A 221 23.77 5.44 -7.35
C ILE A 221 24.58 4.29 -6.77
N PRO A 222 25.69 4.53 -6.10
CA PRO A 222 26.52 3.42 -5.59
C PRO A 222 25.75 2.58 -4.59
N ALA A 223 25.91 1.26 -4.70
CA ALA A 223 25.20 0.34 -3.80
C ALA A 223 25.63 0.55 -2.36
N SER A 224 26.93 0.77 -2.13
CA SER A 224 27.44 0.93 -0.77
C SER A 224 26.89 2.17 -0.07
N SER A 225 26.38 3.14 -0.81
CA SER A 225 25.81 4.34 -0.20
C SER A 225 24.42 4.11 0.35
N LEU A 226 23.80 2.97 0.06
CA LEU A 226 22.45 2.66 0.53
C LEU A 226 22.42 1.66 1.67
N ARG A 227 23.57 1.30 2.24
CA ARG A 227 23.62 0.30 3.30
C ARG A 227 22.83 0.74 4.52
N GLY A 228 21.89 -0.08 4.95
CA GLY A 228 21.16 0.17 6.17
C GLY A 228 20.28 1.41 6.15
N GLN A 229 19.51 1.60 5.09
CA GLN A 229 18.56 2.71 5.01
C GLN A 229 17.21 2.18 4.56
N ALA A 230 16.21 3.07 4.53
CA ALA A 230 14.84 2.72 4.21
C ALA A 230 14.72 2.53 2.70
N VAL A 231 14.98 1.29 2.27
CA VAL A 231 14.88 0.90 0.87
C VAL A 231 13.85 -0.20 0.76
N GLY A 232 12.73 0.08 0.09
CA GLY A 232 11.70 -0.93 -0.08
C GLY A 232 11.98 -1.82 -1.28
N VAL A 233 11.56 -3.07 -1.18
CA VAL A 233 11.80 -4.07 -2.23
C VAL A 233 10.49 -4.81 -2.45
N TYR A 234 9.74 -4.39 -3.47
CA TYR A 234 8.49 -5.03 -3.87
C TYR A 234 8.77 -5.79 -5.16
N ILE A 235 8.79 -7.12 -5.09
CA ILE A 235 9.08 -7.93 -6.26
C ILE A 235 7.93 -8.88 -6.55
N GLY A 236 7.58 -8.99 -7.81
CA GLY A 236 6.51 -9.89 -8.23
C GLY A 236 7.05 -11.15 -8.83
N SER A 237 6.45 -12.28 -8.45
CA SER A 237 6.88 -13.59 -8.92
C SER A 237 5.76 -14.60 -8.75
N SER A 238 5.37 -15.26 -9.83
CA SER A 238 4.13 -16.05 -9.85
C SER A 238 4.36 -17.55 -9.81
N THR A 239 5.59 -18.02 -9.63
CA THR A 239 5.82 -19.45 -9.59
C THR A 239 7.18 -19.74 -8.95
N ASN A 240 7.28 -20.92 -8.36
CA ASN A 240 8.55 -21.48 -7.93
C ASN A 240 8.55 -22.95 -8.33
N ASP A 241 8.94 -23.23 -9.56
CA ASP A 241 9.00 -24.60 -10.06
C ASP A 241 10.35 -25.26 -9.78
N TYR A 242 11.34 -24.49 -9.31
CA TYR A 242 12.58 -25.08 -8.85
C TYR A 242 12.40 -25.87 -7.55
N SER A 243 11.30 -25.65 -6.85
CA SER A 243 10.98 -26.44 -5.67
C SER A 243 10.73 -27.89 -6.07
N PHE A 244 10.26 -28.11 -7.29
CA PHE A 244 10.07 -29.47 -7.79
C PHE A 244 11.40 -30.20 -7.83
N LEU A 245 12.41 -29.60 -8.47
CA LEU A 245 13.71 -30.24 -8.58
C LEU A 245 14.40 -30.32 -7.22
N ALA A 246 14.33 -29.25 -6.43
CA ALA A 246 15.10 -29.17 -5.19
C ALA A 246 14.52 -30.08 -4.12
N VAL A 247 13.19 -30.19 -4.06
CA VAL A 247 12.55 -31.00 -3.03
C VAL A 247 12.08 -32.31 -3.66
N SER A 248 12.72 -32.70 -4.76
CA SER A 248 12.56 -34.02 -5.32
C SER A 248 13.41 -35.00 -4.53
N ASP A 249 13.21 -36.30 -4.77
CA ASP A 249 13.87 -37.36 -4.00
C ASP A 249 13.66 -37.12 -2.51
N PRO A 250 12.44 -37.30 -1.99
CA PRO A 250 12.17 -37.05 -0.57
C PRO A 250 12.74 -38.12 0.36
N THR A 251 14.03 -38.42 0.18
CA THR A 251 14.70 -39.41 1.01
C THR A 251 15.91 -38.86 1.75
N VAL A 252 16.86 -38.23 1.06
CA VAL A 252 18.09 -37.77 1.68
C VAL A 252 18.34 -36.30 1.32
N ALA A 253 17.26 -35.54 1.11
CA ALA A 253 17.34 -34.18 0.60
C ALA A 253 18.12 -33.27 1.54
N HIS A 254 18.71 -32.23 0.96
CA HIS A 254 19.61 -31.34 1.69
C HIS A 254 18.84 -30.45 2.67
N PRO A 255 19.53 -29.92 3.68
CA PRO A 255 18.90 -28.95 4.59
C PRO A 255 18.34 -27.73 3.88
N TYR A 256 19.19 -27.04 3.11
CA TYR A 256 18.81 -25.77 2.51
C TYR A 256 17.85 -25.97 1.34
N ALA A 257 16.55 -26.04 1.63
CA ALA A 257 15.54 -26.00 0.60
C ALA A 257 14.42 -25.04 1.00
N ILE A 258 14.28 -24.81 2.30
CA ILE A 258 13.24 -23.91 2.77
C ILE A 258 13.69 -22.47 2.59
N THR A 259 14.89 -22.13 3.08
CA THR A 259 15.43 -20.80 2.89
C THR A 259 15.70 -20.55 1.41
N GLY A 260 16.26 -21.53 0.71
CA GLY A 260 16.67 -21.34 -0.66
C GLY A 260 15.56 -21.19 -1.67
N THR A 261 14.82 -22.26 -1.94
CA THR A 261 13.80 -22.26 -3.00
C THR A 261 12.42 -22.03 -2.38
N SER A 262 12.19 -20.78 -1.99
CA SER A 262 10.90 -20.33 -1.49
C SER A 262 10.51 -19.05 -2.23
N SER A 263 9.34 -18.50 -1.90
CA SER A 263 8.84 -17.32 -2.57
C SER A 263 8.93 -16.06 -1.74
N SER A 264 8.81 -16.15 -0.42
CA SER A 264 8.98 -14.96 0.42
C SER A 264 10.44 -14.54 0.48
N ILE A 265 11.34 -15.40 0.02
CA ILE A 265 12.78 -15.17 0.14
C ILE A 265 13.34 -14.47 -1.11
N ILE A 266 12.55 -14.39 -2.18
CA ILE A 266 13.03 -13.74 -3.40
C ILE A 266 13.36 -12.27 -3.13
N ALA A 267 12.45 -11.55 -2.46
CA ALA A 267 12.74 -10.17 -2.10
C ALA A 267 13.55 -10.05 -0.82
N ASN A 268 13.45 -11.04 0.07
CA ASN A 268 14.19 -10.99 1.32
C ASN A 268 15.68 -11.17 1.13
N ARG A 269 16.11 -12.00 0.18
CA ARG A 269 17.53 -12.10 -0.13
C ARG A 269 18.06 -10.79 -0.69
N VAL A 270 17.26 -10.11 -1.52
CA VAL A 270 17.66 -8.81 -2.04
C VAL A 270 17.83 -7.81 -0.91
N SER A 271 16.89 -7.80 0.02
CA SER A 271 17.01 -6.89 1.17
C SER A 271 18.19 -7.26 2.04
N TYR A 272 18.46 -8.56 2.20
CA TYR A 272 19.54 -9.07 3.02
C TYR A 272 20.91 -8.70 2.48
N PHE A 273 21.20 -9.10 1.23
CA PHE A 273 22.52 -8.92 0.67
C PHE A 273 22.91 -7.45 0.62
N TYR A 274 22.00 -6.61 0.16
CA TYR A 274 22.29 -5.19 0.04
C TYR A 274 22.06 -4.42 1.34
N ASP A 275 21.60 -5.10 2.39
CA ASP A 275 21.37 -4.51 3.70
C ASP A 275 20.37 -3.36 3.63
N PHE A 276 19.18 -3.69 3.13
CA PHE A 276 18.09 -2.74 3.04
C PHE A 276 17.15 -2.91 4.23
N HIS A 277 16.96 -1.84 5.00
CA HIS A 277 16.03 -1.83 6.12
C HIS A 277 14.73 -1.14 5.69
N GLY A 278 13.93 -1.86 4.93
CA GLY A 278 12.68 -1.34 4.44
C GLY A 278 11.71 -2.45 4.10
N PRO A 279 10.45 -2.10 3.82
CA PRO A 279 9.45 -3.13 3.53
C PRO A 279 9.80 -4.00 2.34
N SER A 280 10.00 -5.29 2.58
CA SER A 280 10.34 -6.25 1.54
C SER A 280 9.20 -7.23 1.41
N VAL A 281 8.69 -7.41 0.18
CA VAL A 281 7.53 -8.26 -0.02
C VAL A 281 7.50 -8.79 -1.45
N THR A 282 7.07 -10.05 -1.59
CA THR A 282 6.86 -10.71 -2.86
C THR A 282 5.37 -10.76 -3.14
N ILE A 283 4.99 -10.43 -4.37
CA ILE A 283 3.60 -10.23 -4.74
C ILE A 283 3.20 -11.27 -5.78
N ASP A 284 1.94 -11.68 -5.72
CA ASP A 284 1.45 -12.73 -6.61
C ASP A 284 0.02 -12.39 -7.06
N THR A 285 -0.09 -11.82 -8.26
CA THR A 285 -1.37 -11.56 -8.92
C THR A 285 -1.35 -12.02 -10.36
N ALA A 286 -0.63 -13.12 -10.63
CA ALA A 286 -0.58 -13.77 -11.94
C ALA A 286 0.13 -12.85 -12.93
N CYS A 287 -0.51 -12.43 -14.01
CA CYS A 287 0.15 -11.70 -15.09
C CYS A 287 0.22 -10.21 -14.85
N SER A 288 -0.30 -9.72 -13.73
CA SER A 288 -0.24 -8.30 -13.39
C SER A 288 0.78 -7.99 -12.31
N SER A 289 1.48 -9.01 -11.80
CA SER A 289 2.26 -8.87 -10.57
C SER A 289 3.20 -7.68 -10.62
N SER A 290 4.01 -7.59 -11.69
CA SER A 290 4.95 -6.49 -11.80
C SER A 290 4.21 -5.16 -11.71
N LEU A 291 3.18 -4.97 -12.53
CA LEU A 291 2.47 -3.71 -12.52
C LEU A 291 1.79 -3.47 -11.19
N VAL A 292 1.48 -4.53 -10.44
CA VAL A 292 0.97 -4.32 -9.10
C VAL A 292 2.10 -3.90 -8.17
N ALA A 293 3.24 -4.59 -8.24
CA ALA A 293 4.35 -4.29 -7.32
C ALA A 293 4.80 -2.85 -7.47
N ILE A 294 5.10 -2.43 -8.70
CA ILE A 294 5.37 -1.03 -8.98
C ILE A 294 4.34 -0.14 -8.29
N HIS A 295 3.06 -0.42 -8.52
CA HIS A 295 2.00 0.37 -7.93
C HIS A 295 2.17 0.47 -6.42
N GLN A 296 2.34 -0.67 -5.76
CA GLN A 296 2.51 -0.65 -4.31
C GLN A 296 3.74 0.16 -3.93
N GLY A 297 4.84 -0.02 -4.66
CA GLY A 297 6.02 0.78 -4.37
C GLY A 297 5.71 2.26 -4.39
N VAL A 298 4.94 2.68 -5.40
CA VAL A 298 4.57 4.09 -5.49
C VAL A 298 3.89 4.54 -4.20
N GLN A 299 2.93 3.75 -3.72
CA GLN A 299 2.23 4.12 -2.50
C GLN A 299 3.20 4.25 -1.33
N ALA A 300 4.15 3.33 -1.23
CA ALA A 300 5.16 3.44 -0.18
C ALA A 300 5.86 4.79 -0.26
N LEU A 301 6.35 5.14 -1.45
CA LEU A 301 7.09 6.39 -1.58
C LEU A 301 6.21 7.59 -1.28
N ARG A 302 4.88 7.41 -1.30
CA ARG A 302 4.00 8.53 -1.04
C ARG A 302 3.57 8.61 0.42
N ASN A 303 3.74 7.54 1.19
CA ASN A 303 3.39 7.64 2.60
C ASN A 303 4.61 7.65 3.52
N GLY A 304 5.80 7.57 2.97
CA GLY A 304 7.02 7.78 3.74
C GLY A 304 7.62 6.52 4.34
N GLU A 305 7.20 5.35 3.86
CA GLU A 305 7.71 4.10 4.39
C GLU A 305 9.01 3.66 3.73
N ALA A 306 9.45 4.36 2.69
CA ALA A 306 10.71 4.06 2.02
C ALA A 306 11.19 5.31 1.31
N ASP A 307 12.46 5.28 0.91
CA ASP A 307 13.05 6.38 0.15
C ASP A 307 13.44 6.02 -1.27
N VAL A 308 14.05 4.86 -1.47
CA VAL A 308 14.34 4.33 -2.80
C VAL A 308 13.74 2.94 -2.88
N VAL A 309 12.93 2.70 -3.91
CA VAL A 309 12.19 1.45 -4.02
C VAL A 309 12.66 0.72 -5.27
N VAL A 310 13.11 -0.52 -5.10
CA VAL A 310 13.46 -1.36 -6.24
C VAL A 310 12.26 -2.26 -6.52
N ALA A 311 11.46 -1.89 -7.52
CA ALA A 311 10.24 -2.61 -7.83
C ALA A 311 10.28 -3.19 -9.23
N GLY A 312 9.80 -4.42 -9.38
CA GLY A 312 9.80 -5.03 -10.70
C GLY A 312 9.21 -6.42 -10.67
N GLY A 313 9.72 -7.27 -11.55
CA GLY A 313 9.22 -8.63 -11.63
C GLY A 313 10.25 -9.52 -12.26
N VAL A 314 9.97 -10.83 -12.22
CA VAL A 314 10.89 -11.82 -12.76
C VAL A 314 10.12 -13.11 -13.01
N ASN A 315 10.54 -13.87 -14.01
CA ASN A 315 9.89 -15.12 -14.37
C ASN A 315 10.91 -16.04 -15.02
N ALA A 316 10.73 -17.34 -14.85
CA ALA A 316 11.66 -18.33 -15.39
C ALA A 316 10.92 -19.62 -15.70
N LEU A 317 11.30 -20.26 -16.80
CA LEU A 317 10.72 -21.55 -17.20
C LEU A 317 11.72 -22.64 -16.85
N ILE A 318 11.36 -23.52 -15.92
CA ILE A 318 12.26 -24.57 -15.47
C ILE A 318 11.66 -25.93 -15.76
N THR A 319 10.33 -26.03 -15.76
CA THR A 319 9.67 -27.32 -15.92
C THR A 319 8.65 -27.27 -17.03
N PRO A 320 8.56 -28.32 -17.86
CA PRO A 320 7.55 -28.35 -18.91
C PRO A 320 6.16 -28.71 -18.43
N MET A 321 6.02 -29.22 -17.20
CA MET A 321 4.71 -29.60 -16.70
C MET A 321 3.75 -28.40 -16.68
N VAL A 322 4.24 -27.26 -16.21
CA VAL A 322 3.42 -26.04 -16.24
C VAL A 322 3.14 -25.63 -17.67
N THR A 323 4.11 -25.79 -18.57
CA THR A 323 3.89 -25.45 -19.97
C THR A 323 2.86 -26.37 -20.62
N LEU A 324 3.01 -27.68 -20.41
CA LEU A 324 2.06 -28.63 -20.98
C LEU A 324 0.65 -28.42 -20.43
N GLY A 325 0.56 -28.12 -19.13
CA GLY A 325 -0.72 -27.78 -18.54
C GLY A 325 -1.33 -26.50 -19.10
N PHE A 326 -0.50 -25.46 -19.29
CA PHE A 326 -1.00 -24.22 -19.87
C PHE A 326 -1.43 -24.43 -21.32
N ASP A 327 -0.84 -25.41 -21.99
CA ASP A 327 -1.32 -25.81 -23.31
C ASP A 327 -2.76 -26.30 -23.23
N GLU A 328 -3.13 -26.93 -22.12
CA GLU A 328 -4.48 -27.47 -21.99
C GLU A 328 -5.52 -26.34 -21.98
N ILE A 329 -6.78 -26.74 -21.85
CA ILE A 329 -7.91 -26.15 -22.57
C ILE A 329 -7.71 -26.58 -24.02
N GLY A 330 -6.81 -25.91 -24.73
CA GLY A 330 -6.35 -26.45 -26.00
C GLY A 330 -6.17 -25.46 -27.14
N ALA A 331 -6.68 -24.23 -26.97
CA ALA A 331 -6.66 -23.30 -28.08
C ALA A 331 -6.19 -21.91 -27.66
N VAL A 332 -5.12 -21.84 -26.86
CA VAL A 332 -4.54 -20.59 -26.44
C VAL A 332 -3.06 -20.49 -26.76
N LEU A 333 -2.46 -21.57 -27.26
CA LEU A 333 -1.05 -21.58 -27.64
C LEU A 333 -0.95 -21.58 -29.15
N ALA A 334 -0.27 -20.57 -29.70
CA ALA A 334 -0.11 -20.47 -31.13
C ALA A 334 0.75 -21.61 -31.66
N PRO A 335 0.49 -22.10 -32.87
CA PRO A 335 1.32 -23.17 -33.45
C PRO A 335 2.77 -22.76 -33.58
N ASP A 336 3.03 -21.67 -34.29
CA ASP A 336 4.38 -21.16 -34.46
C ASP A 336 4.87 -20.48 -33.18
N GLY A 337 4.18 -19.43 -32.76
CA GLY A 337 4.52 -18.77 -31.52
C GLY A 337 4.45 -17.26 -31.57
N ARG A 338 4.58 -16.67 -32.76
CA ARG A 338 4.56 -15.21 -32.88
C ARG A 338 3.22 -14.64 -32.45
N ILE A 339 3.21 -13.88 -31.35
CA ILE A 339 1.99 -13.24 -30.87
C ILE A 339 1.58 -12.13 -31.82
N LYS A 340 0.49 -12.35 -32.55
CA LYS A 340 -0.07 -11.34 -33.46
C LYS A 340 -1.22 -10.66 -32.72
N SER A 341 -0.99 -9.45 -32.23
CA SER A 341 -1.97 -8.75 -31.44
C SER A 341 -2.74 -7.75 -32.29
N PHE A 342 -4.04 -7.67 -32.06
CA PHE A 342 -4.92 -6.72 -32.75
C PHE A 342 -4.86 -6.89 -34.26
N SER A 343 -4.76 -8.13 -34.72
CA SER A 343 -4.63 -8.42 -36.13
C SER A 343 -5.68 -9.43 -36.55
N ALA A 344 -5.84 -9.59 -37.87
CA ALA A 344 -6.76 -10.57 -38.40
C ALA A 344 -6.38 -11.99 -37.97
N ASP A 345 -5.08 -12.28 -38.00
CA ASP A 345 -4.60 -13.57 -37.51
C ASP A 345 -4.27 -13.46 -36.03
N ALA A 346 -4.85 -14.37 -35.23
CA ALA A 346 -4.54 -14.44 -33.82
C ALA A 346 -4.85 -15.84 -33.29
N ASP A 347 -3.82 -16.67 -33.13
CA ASP A 347 -4.01 -18.08 -32.79
C ASP A 347 -3.47 -18.42 -31.40
N GLY A 348 -3.28 -17.42 -30.54
CA GLY A 348 -2.82 -17.66 -29.19
C GLY A 348 -1.55 -16.89 -28.87
N TYR A 349 -0.87 -17.36 -27.83
CA TYR A 349 0.36 -16.73 -27.36
C TYR A 349 1.31 -17.80 -26.87
N THR A 350 2.54 -17.38 -26.57
CA THR A 350 3.59 -18.29 -26.11
C THR A 350 4.23 -17.76 -24.84
N ARG A 351 4.88 -18.67 -24.11
CA ARG A 351 5.51 -18.34 -22.85
C ARG A 351 6.93 -17.82 -23.08
N SER A 352 7.44 -17.12 -22.07
CA SER A 352 8.78 -16.56 -22.13
C SER A 352 9.37 -16.51 -20.71
N GLU A 353 10.62 -16.09 -20.63
CA GLU A 353 11.30 -15.91 -19.35
C GLU A 353 12.17 -14.67 -19.39
N GLY A 354 12.44 -14.11 -18.22
CA GLY A 354 13.24 -12.91 -18.10
C GLY A 354 12.47 -11.86 -17.31
N GLY A 355 13.22 -11.06 -16.55
CA GLY A 355 12.58 -10.09 -15.68
C GLY A 355 13.05 -8.68 -15.88
N GLY A 356 12.68 -7.79 -14.95
CA GLY A 356 13.04 -6.39 -15.05
C GLY A 356 12.80 -5.64 -13.76
N MET A 357 13.68 -4.68 -13.46
CA MET A 357 13.60 -3.89 -12.24
C MET A 357 13.50 -2.41 -12.58
N LEU A 358 13.04 -1.64 -11.60
CA LEU A 358 12.91 -0.20 -11.72
C LEU A 358 13.30 0.42 -10.39
N VAL A 359 14.13 1.44 -10.42
CA VAL A 359 14.54 2.16 -9.22
C VAL A 359 13.73 3.44 -9.13
N LEU A 360 12.76 3.46 -8.23
CA LEU A 360 11.82 4.55 -8.07
C LEU A 360 12.22 5.42 -6.88
N LYS A 361 12.00 6.72 -7.05
CA LYS A 361 12.37 7.71 -6.05
C LYS A 361 11.32 8.80 -6.04
N ARG A 362 11.17 9.51 -4.93
CA ARG A 362 10.34 10.72 -4.97
C ARG A 362 11.01 11.77 -5.84
N VAL A 363 10.21 12.45 -6.66
CA VAL A 363 10.77 13.39 -7.63
C VAL A 363 11.56 14.48 -6.92
N ASP A 364 11.13 14.85 -5.72
CA ASP A 364 11.89 15.81 -4.92
C ASP A 364 13.27 15.26 -4.58
N ASP A 365 13.35 13.98 -4.23
CA ASP A 365 14.64 13.39 -3.92
C ASP A 365 15.54 13.34 -5.14
N ALA A 366 14.99 13.02 -6.30
CA ALA A 366 15.79 12.99 -7.52
C ALA A 366 16.30 14.38 -7.88
N ARG A 367 15.44 15.40 -7.73
CA ARG A 367 15.86 16.77 -7.99
C ARG A 367 16.96 17.19 -7.03
N ARG A 368 16.79 16.88 -5.74
CA ARG A 368 17.73 17.35 -4.72
C ARG A 368 19.07 16.65 -4.82
N ASP A 369 19.07 15.35 -5.11
CA ASP A 369 20.32 14.59 -5.12
C ASP A 369 21.16 14.93 -6.36
N GLY A 370 20.60 14.69 -7.54
CA GLY A 370 21.34 14.96 -8.77
C GLY A 370 21.21 13.87 -9.81
N ASP A 371 20.37 12.87 -9.55
CA ASP A 371 20.15 11.82 -10.52
C ASP A 371 19.35 12.35 -11.70
N ALA A 372 19.42 11.61 -12.81
CA ALA A 372 18.71 11.96 -14.03
C ALA A 372 17.37 11.24 -14.06
N ILE A 373 16.30 12.01 -14.19
CA ILE A 373 14.94 11.46 -14.16
C ILE A 373 14.67 10.86 -15.54
N LEU A 374 14.52 9.54 -15.60
CA LEU A 374 14.25 8.87 -16.88
C LEU A 374 12.82 9.10 -17.31
N ALA A 375 11.88 9.00 -16.38
CA ALA A 375 10.46 9.22 -16.66
C ALA A 375 9.76 9.47 -15.33
N VAL A 376 8.49 9.83 -15.41
CA VAL A 376 7.74 10.17 -14.21
C VAL A 376 6.40 9.45 -14.20
N ILE A 377 6.23 8.51 -13.26
CA ILE A 377 4.92 7.93 -13.01
C ILE A 377 4.04 8.93 -12.31
N ALA A 378 2.82 9.10 -12.81
CA ALA A 378 1.86 10.04 -12.25
C ALA A 378 0.75 9.36 -11.48
N GLY A 379 0.25 8.22 -11.96
CA GLY A 379 -0.83 7.53 -11.29
C GLY A 379 -0.85 6.05 -11.64
N SER A 380 -1.53 5.29 -10.78
CA SER A 380 -1.67 3.85 -10.98
C SER A 380 -2.94 3.39 -10.30
N ALA A 381 -3.53 2.31 -10.82
CA ALA A 381 -4.73 1.74 -10.24
C ALA A 381 -4.72 0.24 -10.47
N VAL A 382 -5.39 -0.48 -9.60
CA VAL A 382 -5.51 -1.94 -9.66
C VAL A 382 -6.86 -2.34 -9.09
N ASN A 383 -7.53 -3.28 -9.74
CA ASN A 383 -8.76 -3.84 -9.19
C ASN A 383 -8.92 -5.27 -9.71
N HIS A 384 -10.13 -5.79 -9.58
CA HIS A 384 -10.45 -7.15 -10.01
C HIS A 384 -11.67 -7.15 -10.91
N ASP A 385 -11.75 -8.16 -11.78
CA ASP A 385 -12.87 -8.28 -12.70
C ASP A 385 -14.19 -8.53 -11.97
N GLY A 386 -14.17 -9.34 -10.91
CA GLY A 386 -15.40 -9.78 -10.29
C GLY A 386 -15.83 -11.10 -10.88
N ARG A 387 -17.13 -11.24 -11.17
CA ARG A 387 -17.65 -12.41 -11.87
C ARG A 387 -18.20 -12.00 -13.22
N SER A 388 -17.55 -12.46 -14.29
CA SER A 388 -18.08 -12.19 -15.62
C SER A 388 -18.50 -13.46 -16.33
N ASN A 389 -17.55 -14.35 -16.59
CA ASN A 389 -17.86 -15.66 -17.16
C ASN A 389 -16.91 -16.73 -16.63
N GLY A 390 -16.42 -16.54 -15.42
CA GLY A 390 -15.38 -17.40 -14.88
C GLY A 390 -14.08 -16.63 -14.64
N LEU A 391 -13.09 -17.36 -14.16
CA LEU A 391 -11.80 -16.75 -13.84
C LEU A 391 -11.10 -16.21 -15.08
N ILE A 392 -11.06 -17.00 -16.15
CA ILE A 392 -10.18 -16.72 -17.29
C ILE A 392 -10.98 -16.01 -18.36
N ALA A 393 -12.10 -15.39 -17.98
CA ALA A 393 -12.92 -14.65 -18.90
C ALA A 393 -12.74 -13.16 -18.64
N PRO A 394 -12.22 -12.40 -19.60
CA PRO A 394 -12.01 -10.96 -19.37
C PRO A 394 -13.32 -10.20 -19.34
N ASN A 395 -13.47 -9.35 -18.32
CA ASN A 395 -14.61 -8.44 -18.19
C ASN A 395 -14.21 -7.05 -18.66
N GLN A 396 -15.12 -6.42 -19.38
CA GLN A 396 -14.81 -5.12 -19.98
C GLN A 396 -15.08 -3.97 -19.03
N ASP A 397 -16.15 -4.03 -18.23
CA ASP A 397 -16.44 -2.91 -17.34
C ASP A 397 -15.36 -2.72 -16.29
N ALA A 398 -14.76 -3.80 -15.82
CA ALA A 398 -13.60 -3.67 -14.93
C ALA A 398 -12.42 -3.04 -15.67
N GLN A 399 -12.20 -3.45 -16.91
CA GLN A 399 -11.07 -2.91 -17.67
C GLN A 399 -11.28 -1.45 -18.05
N ALA A 400 -12.52 -0.97 -18.03
CA ALA A 400 -12.73 0.47 -18.15
C ALA A 400 -12.59 1.17 -16.81
N ASP A 401 -12.99 0.52 -15.73
CA ASP A 401 -12.86 1.11 -14.40
C ASP A 401 -11.41 1.31 -13.98
N VAL A 402 -10.51 0.36 -14.29
CA VAL A 402 -9.11 0.57 -13.96
C VAL A 402 -8.59 1.83 -14.65
N LEU A 403 -8.96 2.02 -15.91
CA LEU A 403 -8.51 3.19 -16.66
C LEU A 403 -9.05 4.47 -16.02
N ARG A 404 -10.34 4.48 -15.68
CA ARG A 404 -10.92 5.68 -15.07
C ARG A 404 -10.24 6.01 -13.75
N ARG A 405 -10.03 5.01 -12.90
CA ARG A 405 -9.40 5.27 -11.60
C ARG A 405 -7.94 5.70 -11.77
N ALA A 406 -7.21 5.10 -12.71
CA ALA A 406 -5.82 5.49 -12.93
C ALA A 406 -5.71 6.93 -13.39
N TYR A 407 -6.55 7.34 -14.34
CA TYR A 407 -6.46 8.69 -14.87
C TYR A 407 -7.11 9.74 -13.97
N LYS A 408 -7.92 9.32 -12.99
CA LYS A 408 -8.33 10.25 -11.95
C LYS A 408 -7.32 10.33 -10.81
N ASP A 409 -6.56 9.26 -10.58
CA ASP A 409 -5.47 9.28 -9.62
C ASP A 409 -4.31 10.14 -10.12
N ALA A 410 -4.00 10.07 -11.41
CA ALA A 410 -2.96 10.91 -11.98
C ALA A 410 -3.38 12.35 -12.14
N GLY A 411 -4.68 12.61 -12.21
CA GLY A 411 -5.16 13.94 -12.53
C GLY A 411 -5.00 14.29 -14.00
N ILE A 412 -5.10 13.30 -14.88
CA ILE A 412 -4.84 13.48 -16.31
C ILE A 412 -6.10 13.10 -17.07
N ASP A 413 -6.52 13.97 -17.97
CA ASP A 413 -7.66 13.66 -18.83
C ASP A 413 -7.25 12.58 -19.82
N PRO A 414 -7.94 11.42 -19.85
CA PRO A 414 -7.50 10.33 -20.72
C PRO A 414 -7.67 10.60 -22.21
N ARG A 415 -8.29 11.71 -22.60
CA ARG A 415 -8.46 12.06 -24.01
C ARG A 415 -7.33 12.97 -24.48
N THR A 416 -6.16 12.86 -23.87
CA THR A 416 -4.97 13.56 -24.36
C THR A 416 -3.74 12.64 -24.35
N VAL A 417 -3.91 11.37 -23.99
CA VAL A 417 -2.83 10.40 -24.01
C VAL A 417 -2.44 10.08 -25.44
N ASP A 418 -1.16 9.75 -25.64
CA ASP A 418 -0.61 9.53 -26.97
C ASP A 418 -0.39 8.05 -27.26
N TYR A 419 0.27 7.34 -26.36
CA TYR A 419 0.61 5.94 -26.56
C TYR A 419 -0.11 5.08 -25.52
N ILE A 420 -0.67 3.97 -25.99
CA ILE A 420 -1.52 3.11 -25.18
C ILE A 420 -0.96 1.69 -25.17
N GLU A 421 0.36 1.56 -25.00
CA GLU A 421 0.97 0.24 -24.83
C GLU A 421 0.08 -0.62 -23.96
N ALA A 422 -0.42 -1.72 -24.52
CA ALA A 422 -1.54 -2.44 -23.94
C ALA A 422 -1.15 -3.88 -23.64
N HIS A 423 -2.15 -4.68 -23.27
CA HIS A 423 -1.89 -6.07 -22.92
C HIS A 423 -1.55 -6.88 -24.17
N GLY A 424 -2.45 -6.89 -25.15
CA GLY A 424 -2.18 -7.50 -26.44
C GLY A 424 -1.86 -8.98 -26.37
N THR A 425 -2.70 -9.73 -25.65
CA THR A 425 -2.45 -11.15 -25.44
C THR A 425 -2.52 -11.97 -26.73
N GLY A 426 -3.05 -11.40 -27.81
CA GLY A 426 -3.12 -12.10 -29.08
C GLY A 426 -4.08 -13.28 -29.09
N THR A 427 -5.25 -13.10 -28.48
CA THR A 427 -6.32 -14.08 -28.52
C THR A 427 -7.45 -13.54 -29.39
N ILE A 428 -8.19 -14.44 -30.02
CA ILE A 428 -9.18 -14.07 -31.02
C ILE A 428 -10.40 -13.45 -30.34
N LEU A 429 -10.44 -13.50 -29.02
CA LEU A 429 -11.60 -12.97 -28.31
C LEU A 429 -11.25 -11.88 -27.31
N GLY A 430 -10.13 -12.01 -26.59
CA GLY A 430 -9.79 -11.02 -25.58
C GLY A 430 -9.44 -9.67 -26.15
N ASP A 431 -8.74 -9.65 -27.29
CA ASP A 431 -8.30 -8.38 -27.87
C ASP A 431 -9.46 -7.46 -28.22
N PRO A 432 -10.56 -7.92 -28.85
CA PRO A 432 -11.70 -7.02 -29.05
C PRO A 432 -12.25 -6.45 -27.75
N ILE A 433 -12.28 -7.25 -26.68
CA ILE A 433 -12.77 -6.77 -25.39
C ILE A 433 -11.89 -5.66 -24.87
N GLU A 434 -10.57 -5.86 -24.93
CA GLU A 434 -9.65 -4.81 -24.53
C GLU A 434 -9.83 -3.57 -25.40
N ALA A 435 -10.17 -3.77 -26.67
CA ALA A 435 -10.39 -2.65 -27.58
C ALA A 435 -11.60 -1.82 -27.16
N GLU A 436 -12.72 -2.49 -26.85
CA GLU A 436 -13.90 -1.75 -26.38
C GLU A 436 -13.59 -1.04 -25.06
N ALA A 437 -12.86 -1.72 -24.17
CA ALA A 437 -12.49 -1.10 -22.90
C ALA A 437 -11.68 0.16 -23.13
N LEU A 438 -10.74 0.11 -24.08
CA LEU A 438 -9.92 1.29 -24.38
C LEU A 438 -10.75 2.40 -24.99
N GLY A 439 -11.59 2.05 -25.97
CA GLY A 439 -12.41 3.03 -26.66
C GLY A 439 -13.49 3.67 -25.83
N ARG A 440 -13.94 3.02 -24.76
CA ARG A 440 -14.93 3.64 -23.88
C ARG A 440 -14.35 4.75 -23.03
N VAL A 441 -13.05 4.71 -22.73
CA VAL A 441 -12.44 5.63 -21.78
C VAL A 441 -11.44 6.54 -22.47
N VAL A 442 -10.44 5.95 -23.11
CA VAL A 442 -9.36 6.73 -23.71
C VAL A 442 -9.84 7.43 -24.97
N GLY A 443 -10.37 6.67 -25.93
CA GLY A 443 -10.84 7.25 -27.17
C GLY A 443 -12.33 7.56 -27.19
N ARG A 444 -12.79 8.42 -26.29
CA ARG A 444 -14.20 8.79 -26.21
C ARG A 444 -14.28 10.32 -26.30
N GLY A 445 -14.48 10.82 -27.51
CA GLY A 445 -14.47 12.24 -27.78
C GLY A 445 -13.24 12.76 -28.49
N ARG A 446 -12.51 11.90 -29.21
CA ARG A 446 -11.30 12.31 -29.90
C ARG A 446 -11.69 13.08 -31.15
N PRO A 447 -11.12 14.27 -31.41
CA PRO A 447 -11.53 15.03 -32.60
C PRO A 447 -10.94 14.46 -33.88
N ALA A 448 -10.98 13.14 -34.00
CA ALA A 448 -10.92 12.40 -35.25
C ALA A 448 -9.57 12.38 -35.95
N ASP A 449 -8.60 13.18 -35.52
CA ASP A 449 -7.27 12.88 -36.02
C ASP A 449 -6.60 11.89 -35.08
N ARG A 450 -6.03 12.42 -33.97
CA ARG A 450 -5.88 11.88 -32.63
C ARG A 450 -5.98 10.36 -32.55
N PRO A 451 -5.19 9.61 -33.31
CA PRO A 451 -5.46 8.17 -33.39
C PRO A 451 -4.78 7.36 -32.31
N ALA A 452 -4.76 7.86 -31.06
CA ALA A 452 -4.51 7.09 -29.86
C ALA A 452 -3.56 5.92 -30.07
N LEU A 453 -2.34 6.19 -30.53
CA LEU A 453 -1.49 5.15 -31.09
C LEU A 453 -1.37 3.95 -30.16
N LEU A 454 -1.60 2.78 -30.71
CA LEU A 454 -1.63 1.53 -29.95
C LEU A 454 -0.42 0.68 -30.30
N GLY A 455 0.03 -0.09 -29.33
CA GLY A 455 1.15 -0.99 -29.55
C GLY A 455 1.22 -2.02 -28.45
N ALA A 456 2.06 -3.03 -28.68
CA ALA A 456 2.26 -4.09 -27.71
C ALA A 456 3.71 -4.54 -27.77
N VAL A 457 4.29 -4.77 -26.59
CA VAL A 457 5.64 -5.31 -26.51
C VAL A 457 5.64 -6.83 -26.55
N LYS A 458 4.48 -7.47 -26.37
CA LYS A 458 4.42 -8.93 -26.37
C LYS A 458 4.75 -9.50 -27.73
N THR A 459 4.61 -8.72 -28.79
CA THR A 459 4.87 -9.21 -30.13
C THR A 459 6.36 -9.39 -30.42
N ASN A 460 7.22 -8.78 -29.61
CA ASN A 460 8.66 -8.91 -29.77
C ASN A 460 9.28 -9.94 -28.85
N VAL A 461 8.77 -10.10 -27.63
CA VAL A 461 9.37 -10.98 -26.65
C VAL A 461 8.45 -12.11 -26.19
N GLY A 462 7.15 -12.04 -26.48
CA GLY A 462 6.22 -13.06 -26.02
C GLY A 462 5.51 -12.63 -24.76
N HIS A 463 4.88 -13.63 -24.13
CA HIS A 463 4.14 -13.43 -22.89
C HIS A 463 5.03 -13.84 -21.72
N LEU A 464 5.42 -12.85 -20.91
CA LEU A 464 6.38 -13.05 -19.83
C LEU A 464 5.73 -13.34 -18.48
N GLU A 465 4.42 -13.58 -18.47
CA GLU A 465 3.65 -13.80 -17.25
C GLU A 465 3.88 -12.72 -16.21
N SER A 466 4.42 -13.08 -15.05
CA SER A 466 4.54 -12.15 -13.94
C SER A 466 5.44 -10.97 -14.26
N ALA A 467 6.35 -11.11 -15.22
CA ALA A 467 7.27 -10.04 -15.60
C ALA A 467 6.73 -9.20 -16.75
N ALA A 468 5.48 -9.44 -17.18
CA ALA A 468 4.94 -8.74 -18.32
C ALA A 468 4.89 -7.23 -18.09
N GLY A 469 4.42 -6.80 -16.93
CA GLY A 469 4.37 -5.38 -16.62
C GLY A 469 5.75 -4.78 -16.52
N ALA A 470 6.75 -5.64 -16.31
CA ALA A 470 8.13 -5.16 -16.33
C ALA A 470 8.61 -4.93 -17.76
N ALA A 471 8.16 -5.77 -18.70
CA ALA A 471 8.58 -5.60 -20.09
C ALA A 471 8.05 -4.31 -20.66
N SER A 472 6.74 -4.10 -20.57
CA SER A 472 6.13 -2.89 -21.13
C SER A 472 6.71 -1.64 -20.51
N MET A 473 6.87 -1.64 -19.18
CA MET A 473 7.41 -0.46 -18.51
C MET A 473 8.82 -0.13 -19.00
N ALA A 474 9.52 -1.09 -19.60
CA ALA A 474 10.78 -0.77 -20.25
C ALA A 474 10.52 -0.06 -21.58
N LYS A 475 9.70 -0.67 -22.44
CA LYS A 475 9.43 -0.13 -23.77
C LYS A 475 8.93 1.30 -23.71
N VAL A 476 8.00 1.57 -22.79
CA VAL A 476 7.47 2.92 -22.67
C VAL A 476 8.51 3.88 -22.11
N VAL A 477 9.38 3.42 -21.20
CA VAL A 477 10.37 4.32 -20.64
C VAL A 477 11.49 4.58 -21.65
N LEU A 478 12.03 3.51 -22.23
CA LEU A 478 13.10 3.67 -23.21
C LEU A 478 12.68 4.60 -24.34
N ALA A 479 11.49 4.39 -24.90
CA ALA A 479 10.98 5.29 -25.92
C ALA A 479 10.91 6.71 -25.38
N LEU A 480 10.37 6.89 -24.17
CA LEU A 480 10.29 8.20 -23.58
C LEU A 480 11.66 8.84 -23.40
N GLN A 481 12.72 8.03 -23.35
CA GLN A 481 14.07 8.56 -23.22
C GLN A 481 14.71 8.88 -24.56
N HIS A 482 14.18 8.35 -25.66
CA HIS A 482 14.73 8.59 -26.98
C HIS A 482 13.75 9.28 -27.91
N ASP A 483 12.58 9.66 -27.42
CA ASP A 483 11.65 10.54 -28.14
C ASP A 483 11.25 9.96 -29.49
N LYS A 484 11.00 8.65 -29.52
CA LYS A 484 10.58 7.99 -30.74
C LYS A 484 9.91 6.65 -30.44
N LEU A 485 8.69 6.45 -30.93
CA LEU A 485 7.99 5.19 -30.70
C LEU A 485 8.63 4.08 -31.54
N PRO A 486 8.86 2.91 -30.98
CA PRO A 486 9.36 1.79 -31.77
C PRO A 486 8.24 1.18 -32.59
N PRO A 487 8.57 0.45 -33.66
CA PRO A 487 7.53 -0.27 -34.40
C PRO A 487 7.03 -1.47 -33.61
N SER A 488 5.84 -1.91 -33.97
CA SER A 488 5.24 -3.13 -33.41
C SER A 488 5.07 -4.12 -34.55
N ILE A 489 5.78 -5.25 -34.47
CA ILE A 489 5.81 -6.22 -35.54
C ILE A 489 4.58 -7.11 -35.51
N ASN A 490 4.39 -7.90 -36.57
CA ASN A 490 3.30 -8.87 -36.67
C ASN A 490 1.94 -8.19 -36.61
N PHE A 491 1.70 -7.33 -37.61
CA PHE A 491 0.40 -6.67 -37.79
C PHE A 491 0.04 -6.77 -39.27
N ALA A 492 -0.64 -7.86 -39.64
CA ALA A 492 -1.07 -8.06 -41.01
C ALA A 492 -2.13 -7.04 -41.40
N GLY A 493 -3.24 -7.02 -40.67
CA GLY A 493 -4.31 -6.10 -40.93
C GLY A 493 -5.27 -6.02 -39.76
N PRO A 494 -6.10 -4.98 -39.74
CA PRO A 494 -7.05 -4.81 -38.65
C PRO A 494 -8.03 -5.97 -38.55
N SER A 495 -8.37 -6.35 -37.33
CA SER A 495 -9.26 -7.48 -37.11
C SER A 495 -10.69 -7.11 -37.45
N PRO A 496 -11.46 -8.06 -38.00
CA PRO A 496 -12.87 -7.76 -38.34
C PRO A 496 -13.72 -7.36 -37.15
N TYR A 497 -13.50 -7.97 -35.99
CA TYR A 497 -14.40 -7.78 -34.85
C TYR A 497 -14.20 -6.43 -34.18
N ILE A 498 -12.97 -5.92 -34.16
CA ILE A 498 -12.68 -4.60 -33.59
C ILE A 498 -12.52 -3.61 -34.73
N ASP A 499 -13.26 -2.50 -34.64
CA ASP A 499 -13.19 -1.43 -35.63
C ASP A 499 -12.23 -0.38 -35.09
N PHE A 500 -11.00 -0.39 -35.60
CA PHE A 500 -9.96 0.50 -35.09
C PHE A 500 -10.33 1.96 -35.26
N ASP A 501 -10.71 2.35 -36.47
CA ASP A 501 -11.07 3.73 -36.75
C ASP A 501 -12.32 4.17 -36.01
N ALA A 502 -13.14 3.22 -35.55
CA ALA A 502 -14.36 3.58 -34.85
C ALA A 502 -14.05 4.29 -33.53
N MET A 503 -13.23 3.68 -32.68
CA MET A 503 -13.07 4.27 -31.35
C MET A 503 -12.03 5.39 -31.34
N ARG A 504 -10.75 5.06 -31.31
CA ARG A 504 -9.70 6.02 -31.62
C ARG A 504 -8.41 5.37 -32.10
N LEU A 505 -8.45 4.10 -32.47
CA LEU A 505 -7.25 3.29 -32.44
C LEU A 505 -6.48 3.35 -33.75
N LYS A 506 -5.17 3.14 -33.64
CA LYS A 506 -4.26 3.09 -34.78
C LYS A 506 -2.99 2.33 -34.42
N MET A 507 -2.81 1.14 -35.00
CA MET A 507 -1.60 0.37 -34.76
C MET A 507 -0.40 1.05 -35.42
N ILE A 508 0.75 0.94 -34.79
CA ILE A 508 2.00 1.50 -35.30
C ILE A 508 2.82 0.39 -35.93
N THR A 509 3.35 0.65 -37.11
CA THR A 509 4.12 -0.36 -37.84
C THR A 509 5.57 0.05 -38.12
N THR A 510 5.87 1.33 -38.15
CA THR A 510 7.21 1.84 -38.42
C THR A 510 7.62 2.82 -37.33
N PRO A 511 8.94 3.01 -37.12
CA PRO A 511 9.39 3.99 -36.11
C PRO A 511 8.75 5.36 -36.30
N THR A 512 7.96 5.78 -35.33
CA THR A 512 7.14 6.97 -35.45
C THR A 512 7.48 7.98 -34.36
N ASP A 513 7.48 9.26 -34.73
CA ASP A 513 7.73 10.34 -33.79
C ASP A 513 6.59 10.43 -32.79
N TRP A 514 6.78 11.26 -31.76
CA TRP A 514 5.84 11.35 -30.66
C TRP A 514 4.78 12.40 -30.96
N PRO A 515 3.51 12.04 -31.05
CA PRO A 515 2.45 13.04 -30.97
C PRO A 515 2.49 13.69 -29.59
N ARG A 516 2.16 14.98 -29.54
CA ARG A 516 2.23 15.69 -28.27
C ARG A 516 0.94 16.43 -27.97
N TYR A 517 -0.20 15.74 -28.10
CA TYR A 517 -1.49 16.35 -27.81
C TYR A 517 -1.53 16.88 -26.39
N GLY A 518 -2.02 18.11 -26.23
CA GLY A 518 -2.18 18.71 -24.93
C GLY A 518 -0.89 19.16 -24.28
N GLY A 519 0.23 19.13 -24.98
CA GLY A 519 1.48 19.55 -24.40
C GLY A 519 2.56 18.48 -24.43
N TYR A 520 2.90 17.94 -23.27
CA TYR A 520 3.99 16.99 -23.13
C TYR A 520 3.61 15.62 -23.70
N ALA A 521 4.49 14.66 -23.50
CA ALA A 521 4.22 13.29 -23.91
C ALA A 521 3.60 12.51 -22.77
N LEU A 522 2.54 11.76 -23.08
CA LEU A 522 1.86 10.90 -22.13
C LEU A 522 1.88 9.48 -22.64
N ALA A 523 1.48 8.54 -21.78
CA ALA A 523 1.45 7.14 -22.15
C ALA A 523 0.57 6.39 -21.15
N GLY A 524 0.51 5.08 -21.31
CA GLY A 524 -0.28 4.23 -20.44
C GLY A 524 0.05 2.77 -20.61
N VAL A 525 0.29 2.07 -19.52
CA VAL A 525 0.63 0.66 -19.53
C VAL A 525 -0.47 -0.11 -18.81
N SER A 526 -1.04 -1.11 -19.47
CA SER A 526 -2.10 -1.92 -18.91
C SER A 526 -1.68 -3.38 -18.86
N SER A 527 -1.98 -4.03 -17.75
CA SER A 527 -1.80 -5.47 -17.62
C SER A 527 -3.06 -6.06 -17.02
N PHE A 528 -3.48 -7.21 -17.55
CA PHE A 528 -4.74 -7.83 -17.17
C PHE A 528 -4.46 -9.31 -16.89
N GLY A 529 -4.41 -9.67 -15.61
CA GLY A 529 -4.06 -11.02 -15.23
C GLY A 529 -5.10 -12.04 -15.66
N PHE A 530 -4.64 -13.28 -15.79
CA PHE A 530 -5.52 -14.37 -16.17
C PHE A 530 -6.38 -14.87 -15.03
N GLY A 531 -6.14 -14.39 -13.81
CA GLY A 531 -7.01 -14.72 -12.69
C GLY A 531 -8.08 -13.67 -12.49
N GLY A 532 -7.90 -12.50 -13.09
CA GLY A 532 -8.89 -11.44 -12.99
C GLY A 532 -8.36 -10.11 -12.50
N ALA A 533 -7.12 -10.08 -12.01
CA ALA A 533 -6.54 -8.85 -11.50
C ALA A 533 -6.11 -7.95 -12.65
N ASN A 534 -6.45 -6.67 -12.55
CA ASN A 534 -6.15 -5.69 -13.59
C ASN A 534 -5.39 -4.52 -12.98
N ALA A 535 -4.40 -4.01 -13.71
CA ALA A 535 -3.62 -2.87 -13.27
C ALA A 535 -3.32 -1.96 -14.46
N HIS A 536 -3.33 -0.66 -14.21
CA HIS A 536 -3.01 0.34 -15.21
C HIS A 536 -2.18 1.45 -14.58
N VAL A 537 -1.05 1.78 -15.22
CA VAL A 537 -0.11 2.78 -14.72
C VAL A 537 0.14 3.79 -15.83
N VAL A 538 0.08 5.08 -15.50
CA VAL A 538 0.25 6.14 -16.49
C VAL A 538 1.60 6.81 -16.27
N VAL A 539 2.35 7.00 -17.36
CA VAL A 539 3.70 7.54 -17.32
C VAL A 539 3.75 8.83 -18.13
N ARG A 540 4.30 9.89 -17.54
CA ARG A 540 4.49 11.15 -18.25
C ARG A 540 5.87 11.25 -18.87
N GLU A 541 6.22 12.46 -19.30
CA GLU A 541 7.56 12.81 -19.77
C GLU A 541 8.17 13.81 -18.81
N VAL A 542 9.50 13.82 -18.70
CA VAL A 542 10.16 14.79 -17.86
C VAL A 542 9.87 16.19 -18.37
N LEU A 543 9.65 17.12 -17.44
CA LEU A 543 9.15 18.44 -17.78
C LEU A 543 10.16 19.51 -17.38
N PRO A 544 9.98 20.77 -17.81
CA PRO A 544 10.80 21.84 -17.21
C PRO A 544 10.59 21.97 -15.71
N ARG A 545 9.36 21.75 -15.24
CA ARG A 545 9.16 21.55 -13.82
C ARG A 545 9.69 20.16 -13.43
N ASP A 546 9.75 19.92 -12.12
CA ASP A 546 10.27 18.71 -11.48
C ASP A 546 11.79 18.67 -11.52
N VAL A 547 12.45 19.62 -12.17
CA VAL A 547 13.92 19.65 -12.21
C VAL A 547 14.40 20.91 -11.52
N VAL A 548 13.61 21.97 -11.56
CA VAL A 548 13.94 23.24 -10.92
C VAL A 548 12.82 23.58 -9.94
N GLU A 549 13.19 23.82 -8.69
CA GLU A 549 12.24 24.13 -7.62
C GLU A 549 11.15 23.07 -7.51
N GLU A 596 27.93 41.71 14.16
CA GLU A 596 27.96 41.40 12.73
C GLU A 596 29.38 41.12 12.26
N LEU A 597 29.51 40.19 11.32
CA LEU A 597 30.81 39.68 10.89
C LEU A 597 31.12 40.18 9.48
N PRO A 598 32.04 41.15 9.33
CA PRO A 598 32.32 41.70 8.01
C PRO A 598 32.99 40.69 7.09
N GLY A 599 32.76 40.85 5.80
CA GLY A 599 33.39 40.02 4.79
C GLY A 599 34.66 40.62 4.25
N VAL A 600 34.82 40.57 2.93
CA VAL A 600 35.97 41.17 2.27
C VAL A 600 35.88 42.70 2.40
N THR A 601 36.87 43.30 3.05
CA THR A 601 36.88 44.75 3.22
C THR A 601 37.35 45.45 1.96
N GLU A 602 37.43 46.77 1.99
CA GLU A 602 37.82 47.55 0.80
C GLU A 602 39.26 47.28 0.40
N GLU A 603 40.19 47.36 1.36
CA GLU A 603 41.58 47.03 1.08
C GLU A 603 41.71 45.58 0.64
N ALA A 604 41.01 44.68 1.33
CA ALA A 604 41.01 43.27 0.95
C ALA A 604 40.45 43.11 -0.46
N LEU A 605 39.42 43.89 -0.79
CA LEU A 605 38.84 43.85 -2.14
C LEU A 605 39.87 44.25 -3.19
N ARG A 606 40.61 45.33 -2.93
CA ARG A 606 41.60 45.80 -3.89
C ARG A 606 42.72 44.78 -4.09
N LEU A 607 43.23 44.23 -2.98
CA LEU A 607 44.28 43.23 -3.11
C LEU A 607 43.77 41.97 -3.79
N LYS A 608 42.51 41.61 -3.55
CA LYS A 608 41.93 40.45 -4.23
C LYS A 608 41.80 40.71 -5.72
N GLU A 609 41.43 41.94 -6.11
CA GLU A 609 41.35 42.27 -7.52
C GLU A 609 42.72 42.17 -8.18
N ALA A 610 43.76 42.69 -7.52
CA ALA A 610 45.10 42.58 -8.05
C ALA A 610 45.53 41.12 -8.18
N ALA A 611 45.23 40.32 -7.16
CA ALA A 611 45.56 38.91 -7.19
C ALA A 611 44.86 38.18 -8.31
N LEU A 612 43.58 38.50 -8.56
CA LEU A 612 42.87 37.88 -9.66
C LEU A 612 43.44 38.32 -11.01
N GLU A 613 43.88 39.57 -11.13
CA GLU A 613 44.58 39.99 -12.34
C GLU A 613 45.82 39.14 -12.58
N GLU A 614 46.63 38.97 -11.52
CA GLU A 614 47.83 38.14 -11.65
C GLU A 614 47.48 36.70 -12.01
N LEU A 615 46.43 36.18 -11.37
CA LEU A 615 46.03 34.80 -11.61
C LEU A 615 45.58 34.59 -13.05
N ALA A 616 44.79 35.52 -13.58
CA ALA A 616 44.35 35.44 -14.96
C ALA A 616 45.45 35.75 -15.95
N ALA A 617 46.55 36.37 -15.51
CA ALA A 617 47.66 36.62 -16.42
C ALA A 617 48.27 35.31 -16.94
N GLN A 618 48.51 34.36 -16.05
CA GLN A 618 49.08 33.09 -16.46
C GLN A 618 48.02 32.17 -17.05
N GLU A 619 48.41 31.38 -18.04
CA GLU A 619 47.49 30.49 -18.75
C GLU A 619 47.10 29.31 -17.86
N VAL A 620 46.23 28.46 -18.39
CA VAL A 620 45.67 27.35 -17.62
C VAL A 620 46.56 26.13 -17.74
N THR A 621 46.53 25.29 -16.70
CA THR A 621 47.27 24.03 -16.68
C THR A 621 46.29 22.89 -16.40
N ALA A 622 46.63 21.70 -16.84
CA ALA A 622 45.74 20.55 -16.73
C ALA A 622 45.49 20.22 -15.26
N PRO A 623 44.25 20.24 -14.79
CA PRO A 623 43.98 19.93 -13.39
C PRO A 623 44.14 18.45 -13.10
N LEU A 624 44.62 18.14 -11.90
CA LEU A 624 44.80 16.75 -11.49
C LEU A 624 43.45 16.12 -11.20
N VAL A 625 43.20 14.95 -11.77
CA VAL A 625 41.93 14.27 -11.69
C VAL A 625 42.16 12.90 -11.06
N PRO A 626 41.44 12.54 -9.98
CA PRO A 626 41.55 11.20 -9.42
C PRO A 626 40.61 10.18 -10.05
N LEU A 627 41.15 9.11 -10.61
CA LEU A 627 40.35 7.97 -11.05
C LEU A 627 40.31 6.94 -9.92
N ALA A 628 39.12 6.55 -9.51
CA ALA A 628 38.91 5.69 -8.35
C ALA A 628 38.38 4.34 -8.81
N VAL A 629 39.19 3.30 -8.66
CA VAL A 629 38.75 1.94 -8.94
C VAL A 629 38.49 1.25 -7.61
N SER A 630 37.49 0.36 -7.58
CA SER A 630 37.14 -0.33 -6.36
C SER A 630 36.55 -1.68 -6.70
N ALA A 631 36.58 -2.58 -5.72
CA ALA A 631 36.00 -3.91 -5.85
C ALA A 631 35.94 -4.51 -4.46
N PHE A 632 35.33 -5.70 -4.34
CA PHE A 632 35.27 -6.42 -3.08
C PHE A 632 36.44 -7.35 -2.85
N LEU A 633 37.34 -7.49 -3.83
CA LEU A 633 38.54 -8.31 -3.69
C LEU A 633 39.68 -7.65 -4.46
N THR A 634 40.91 -8.00 -4.07
CA THR A 634 42.08 -7.44 -4.73
C THR A 634 42.15 -7.85 -6.20
N SER A 635 41.90 -9.13 -6.47
CA SER A 635 41.96 -9.64 -7.84
C SER A 635 40.92 -8.96 -8.73
N ARG A 636 39.71 -8.77 -8.20
CA ARG A 636 38.67 -8.10 -8.97
C ARG A 636 39.04 -6.66 -9.28
N LYS A 637 39.62 -5.96 -8.31
CA LYS A 637 40.05 -4.59 -8.54
C LYS A 637 41.14 -4.53 -9.60
N LYS A 638 42.09 -5.46 -9.53
CA LYS A 638 43.15 -5.53 -10.55
C LYS A 638 42.57 -5.73 -11.93
N ALA A 639 41.65 -6.70 -12.06
CA ALA A 639 41.05 -6.98 -13.36
C ALA A 639 40.24 -5.80 -13.87
N ALA A 640 39.50 -5.13 -13.00
CA ALA A 640 38.74 -3.95 -13.41
C ALA A 640 39.65 -2.84 -13.88
N ALA A 641 40.77 -2.62 -13.19
CA ALA A 641 41.73 -1.62 -13.63
C ALA A 641 42.31 -1.97 -15.00
N ALA A 642 42.65 -3.24 -15.21
CA ALA A 642 43.18 -3.66 -16.50
C ALA A 642 42.18 -3.42 -17.62
N GLU A 643 40.91 -3.80 -17.38
CA GLU A 643 39.88 -3.61 -18.39
C GLU A 643 39.65 -2.13 -18.68
N LEU A 644 39.65 -1.29 -17.64
CA LEU A 644 39.48 0.14 -17.86
C LEU A 644 40.63 0.74 -18.64
N ALA A 645 41.87 0.30 -18.38
CA ALA A 645 43.00 0.77 -19.18
C ALA A 645 42.87 0.35 -20.63
N ASP A 646 42.47 -0.91 -20.87
CA ASP A 646 42.24 -1.36 -22.25
C ASP A 646 41.18 -0.50 -22.93
N TRP A 647 40.12 -0.15 -22.20
CA TRP A 647 39.09 0.72 -22.75
C TRP A 647 39.65 2.09 -23.08
N MET A 648 40.47 2.65 -22.21
CA MET A 648 41.04 3.97 -22.42
C MET A 648 42.10 3.99 -23.52
N GLN A 649 42.59 2.82 -23.94
CA GLN A 649 43.40 2.74 -25.15
C GLN A 649 42.57 2.74 -26.44
N SER A 650 41.27 2.51 -26.34
CA SER A 650 40.38 2.45 -27.49
C SER A 650 39.99 3.86 -27.94
N PRO A 651 39.58 4.03 -29.21
CA PRO A 651 39.23 5.37 -29.69
C PRO A 651 38.14 6.06 -28.88
N GLU A 652 37.08 5.34 -28.48
CA GLU A 652 36.06 5.94 -27.64
C GLU A 652 36.63 6.30 -26.28
N GLY A 653 37.60 5.55 -25.80
CA GLY A 653 38.33 5.86 -24.60
C GLY A 653 39.43 6.87 -24.79
N GLN A 654 39.65 7.34 -26.02
CA GLN A 654 40.62 8.39 -26.30
C GLN A 654 39.97 9.74 -26.60
N ALA A 655 38.68 9.75 -26.93
CA ALA A 655 37.96 10.99 -27.20
C ALA A 655 37.08 11.40 -26.02
N SER A 656 37.31 10.81 -24.85
CA SER A 656 36.53 11.10 -23.65
C SER A 656 37.37 11.94 -22.70
N SER A 657 36.79 13.02 -22.21
CA SER A 657 37.50 13.88 -21.26
C SER A 657 37.78 13.13 -19.97
N LEU A 658 38.94 13.43 -19.37
CA LEU A 658 39.30 12.77 -18.12
C LEU A 658 38.33 13.12 -17.00
N GLU A 659 37.79 14.33 -17.00
CA GLU A 659 36.81 14.71 -15.98
C GLU A 659 35.56 13.85 -16.08
N SER A 660 35.10 13.57 -17.31
CA SER A 660 33.92 12.72 -17.48
C SER A 660 34.19 11.30 -17.00
N ILE A 661 35.37 10.76 -17.29
CA ILE A 661 35.71 9.42 -16.83
C ILE A 661 35.76 9.38 -15.31
N GLY A 662 36.35 10.39 -14.69
CA GLY A 662 36.38 10.47 -13.25
C GLY A 662 34.98 10.55 -12.65
N ARG A 663 34.11 11.36 -13.25
CA ARG A 663 32.74 11.49 -12.77
C ARG A 663 32.00 10.16 -12.87
N SER A 664 32.18 9.45 -13.98
CA SER A 664 31.54 8.14 -14.13
C SER A 664 32.06 7.15 -13.10
N LEU A 665 33.37 7.16 -12.85
CA LEU A 665 33.94 6.22 -11.89
C LEU A 665 33.62 6.57 -10.45
N SER A 666 33.32 7.82 -10.15
CA SER A 666 33.06 8.24 -8.78
C SER A 666 31.69 7.81 -8.26
N ARG A 667 30.76 7.46 -9.15
CA ARG A 667 29.39 7.12 -8.77
C ARG A 667 29.15 5.61 -8.88
N ARG A 668 30.16 4.82 -8.58
CA ARG A 668 30.07 3.38 -8.61
C ARG A 668 30.37 2.82 -7.23
N ASN A 669 29.96 1.57 -7.01
CA ASN A 669 30.08 0.94 -5.70
C ASN A 669 31.51 1.00 -5.18
N HIS A 670 31.67 1.51 -3.97
CA HIS A 670 32.97 1.65 -3.32
C HIS A 670 33.13 0.47 -2.36
N GLY A 671 33.84 -0.56 -2.80
CA GLY A 671 33.97 -1.80 -2.07
C GLY A 671 35.05 -1.77 -1.01
N ARG A 672 35.51 -2.97 -0.64
CA ARG A 672 36.54 -3.10 0.39
C ARG A 672 37.91 -2.78 -0.18
N SER A 673 38.31 -3.45 -1.26
CA SER A 673 39.55 -3.14 -1.93
C SER A 673 39.39 -1.87 -2.76
N ARG A 674 40.33 -0.93 -2.60
CA ARG A 674 40.22 0.37 -3.24
C ARG A 674 41.55 0.77 -3.85
N ALA A 675 41.50 1.61 -4.87
CA ALA A 675 42.71 2.13 -5.50
C ALA A 675 42.41 3.45 -6.20
N VAL A 676 43.39 4.34 -6.25
CA VAL A 676 43.22 5.66 -6.85
C VAL A 676 44.45 6.00 -7.67
N VAL A 677 44.24 6.56 -8.85
CA VAL A 677 45.31 7.03 -9.73
C VAL A 677 45.02 8.50 -10.02
N LEU A 678 45.92 9.38 -9.58
CA LEU A 678 45.75 10.80 -9.89
C LEU A 678 46.54 11.14 -11.15
N ALA A 679 45.85 11.69 -12.15
CA ALA A 679 46.48 11.89 -13.44
C ALA A 679 46.04 13.22 -14.04
N HIS A 680 46.90 13.78 -14.90
CA HIS A 680 46.59 15.01 -15.63
C HIS A 680 46.06 14.76 -17.03
N ASP A 681 46.62 13.77 -17.73
CA ASP A 681 46.17 13.44 -19.08
C ASP A 681 46.09 11.94 -19.23
N HIS A 682 45.68 11.49 -20.41
CA HIS A 682 45.27 10.10 -20.61
C HIS A 682 46.41 9.13 -20.39
N ASP A 683 47.61 9.44 -20.89
CA ASP A 683 48.72 8.48 -20.81
C ASP A 683 49.19 8.25 -19.37
N GLU A 684 49.23 9.29 -18.56
CA GLU A 684 49.56 9.11 -17.14
C GLU A 684 48.53 8.21 -16.47
N ALA A 685 47.25 8.42 -16.78
CA ALA A 685 46.19 7.59 -16.22
C ALA A 685 46.35 6.14 -16.65
N ILE A 686 46.67 5.91 -17.92
CA ILE A 686 46.80 4.54 -18.43
C ILE A 686 47.98 3.85 -17.74
N LYS A 687 49.10 4.56 -17.60
CA LYS A 687 50.26 3.97 -16.94
C LYS A 687 49.96 3.67 -15.47
N GLY A 688 49.26 4.58 -14.79
CA GLY A 688 48.88 4.33 -13.40
C GLY A 688 47.94 3.15 -13.27
N LEU A 689 46.99 3.02 -14.18
CA LEU A 689 46.08 1.89 -14.16
C LEU A 689 46.81 0.58 -14.41
N ARG A 690 47.79 0.59 -15.32
CA ARG A 690 48.61 -0.61 -15.53
C ARG A 690 49.42 -0.94 -14.28
N ALA A 691 49.93 0.07 -13.58
CA ALA A 691 50.63 -0.17 -12.32
C ALA A 691 49.70 -0.79 -11.29
N VAL A 692 48.47 -0.29 -11.19
CA VAL A 692 47.50 -0.85 -10.25
C VAL A 692 47.19 -2.29 -10.59
N ALA A 693 46.97 -2.59 -11.88
CA ALA A 693 46.68 -3.95 -12.29
C ALA A 693 47.85 -4.88 -12.01
N ALA A 694 49.08 -4.42 -12.28
CA ALA A 694 50.25 -5.26 -12.09
C ALA A 694 50.63 -5.38 -10.61
N GLY A 695 50.41 -4.34 -9.83
CA GLY A 695 50.80 -4.31 -8.44
C GLY A 695 52.05 -3.50 -8.16
N LYS A 696 52.76 -3.06 -9.20
CA LYS A 696 53.93 -2.22 -8.99
C LYS A 696 53.51 -0.84 -8.49
N GLN A 697 54.29 -0.30 -7.56
CA GLN A 697 53.99 0.99 -6.96
C GLN A 697 54.31 2.13 -7.93
N ALA A 698 53.91 3.34 -7.54
CA ALA A 698 54.13 4.53 -8.36
C ALA A 698 53.91 5.76 -7.48
N PRO A 699 54.42 6.94 -7.89
CA PRO A 699 54.23 8.15 -7.08
C PRO A 699 52.77 8.49 -6.83
N ASN A 700 51.98 8.63 -7.89
CA ASN A 700 50.60 9.09 -7.80
C ASN A 700 49.60 7.95 -7.69
N VAL A 701 50.05 6.71 -7.53
CA VAL A 701 49.18 5.56 -7.44
C VAL A 701 49.05 5.13 -5.98
N PHE A 702 47.82 4.97 -5.50
CA PHE A 702 47.55 4.44 -4.18
C PHE A 702 46.67 3.19 -4.30
N SER A 703 46.96 2.21 -3.45
CA SER A 703 46.21 0.96 -3.46
C SER A 703 46.19 0.39 -2.05
N VAL A 704 45.15 -0.38 -1.77
CA VAL A 704 44.89 -0.92 -0.44
C VAL A 704 44.08 -2.20 -0.56
N ASP A 705 44.41 -3.22 0.24
CA ASP A 705 43.71 -4.49 0.22
C ASP A 705 42.50 -4.56 1.15
N GLY A 706 42.43 -3.72 2.18
CA GLY A 706 41.33 -3.75 3.11
C GLY A 706 41.27 -2.51 3.96
N PRO A 707 40.10 -2.22 4.52
CA PRO A 707 39.91 -0.95 5.24
C PRO A 707 40.74 -0.88 6.51
N VAL A 708 41.14 0.33 6.86
CA VAL A 708 41.85 0.58 8.12
C VAL A 708 40.83 0.65 9.25
N THR A 709 41.08 -0.10 10.32
CA THR A 709 40.07 -0.28 11.37
C THR A 709 39.73 1.04 12.05
N THR A 710 40.71 1.64 12.73
CA THR A 710 40.46 2.80 13.56
C THR A 710 40.40 4.08 12.72
N GLY A 711 39.80 5.11 13.32
CA GLY A 711 39.63 6.37 12.64
C GLY A 711 40.92 7.16 12.57
N PRO A 712 40.86 8.31 11.89
CA PRO A 712 42.07 9.12 11.72
C PRO A 712 42.42 9.87 12.99
N VAL A 713 43.57 10.54 12.94
CA VAL A 713 43.99 11.47 13.98
C VAL A 713 44.41 12.77 13.30
N TRP A 714 43.82 13.88 13.72
CA TRP A 714 44.07 15.18 13.11
C TRP A 714 45.16 15.86 13.93
N VAL A 715 46.39 15.79 13.43
CA VAL A 715 47.55 16.33 14.15
C VAL A 715 47.64 17.82 13.89
N LEU A 716 46.93 18.60 14.71
CA LEU A 716 46.93 20.05 14.56
C LEU A 716 48.15 20.65 15.22
N ALA A 717 49.15 20.99 14.41
CA ALA A 717 50.45 21.41 14.94
C ALA A 717 51.11 22.42 14.02
N GLY A 718 52.42 22.58 14.14
CA GLY A 718 53.14 23.49 13.29
C GLY A 718 53.86 24.59 14.03
N PHE A 719 55.19 24.57 13.97
CA PHE A 719 56.03 25.61 14.56
C PHE A 719 57.04 26.02 13.51
N GLY A 720 56.90 27.23 12.99
CA GLY A 720 57.79 27.71 11.94
C GLY A 720 57.48 27.14 10.57
N ALA A 721 56.26 26.65 10.36
CA ALA A 721 55.83 26.16 9.06
C ALA A 721 55.39 27.27 8.12
N GLN A 722 55.41 28.52 8.59
CA GLN A 722 54.98 29.64 7.77
C GLN A 722 55.97 29.92 6.65
N HIS A 723 55.45 30.51 5.57
CA HIS A 723 56.28 31.06 4.51
C HIS A 723 55.53 32.24 3.89
N ARG A 724 56.06 32.75 2.79
CA ARG A 724 55.58 34.03 2.26
C ARG A 724 54.18 33.92 1.66
N LYS A 725 53.89 32.81 0.99
CA LYS A 725 52.66 32.75 0.19
C LYS A 725 51.86 31.48 0.46
N MET A 726 51.64 31.16 1.72
CA MET A 726 50.88 29.96 2.10
C MET A 726 49.40 30.28 2.13
N GLY A 727 48.58 29.31 1.74
CA GLY A 727 47.14 29.45 1.84
C GLY A 727 46.53 30.53 0.97
N LYS A 728 47.19 30.89 -0.12
CA LYS A 728 46.69 31.94 -1.00
C LYS A 728 46.28 31.43 -2.38
N SER A 729 46.99 30.45 -2.92
CA SER A 729 46.62 29.91 -4.24
C SER A 729 45.29 29.19 -4.18
N LEU A 730 45.06 28.40 -3.11
CA LEU A 730 43.81 27.67 -3.01
C LEU A 730 42.66 28.57 -2.58
N TYR A 731 42.98 29.70 -1.92
CA TYR A 731 41.97 30.70 -1.65
C TYR A 731 41.42 31.28 -2.95
N LEU A 732 42.24 31.34 -3.98
CA LEU A 732 41.84 31.91 -5.26
C LEU A 732 41.13 30.91 -6.16
N ARG A 733 41.17 29.62 -5.83
CA ARG A 733 40.66 28.57 -6.70
C ARG A 733 39.78 27.60 -5.93
N ASN A 734 39.09 28.12 -4.91
CA ASN A 734 38.16 27.34 -4.10
C ASN A 734 37.31 28.28 -3.26
N GLU A 735 36.00 28.05 -3.18
CA GLU A 735 35.10 28.99 -2.54
C GLU A 735 34.70 28.62 -1.12
N VAL A 736 34.68 27.34 -0.76
CA VAL A 736 34.39 26.97 0.62
C VAL A 736 35.54 27.38 1.52
N PHE A 737 36.77 27.10 1.09
CA PHE A 737 37.96 27.52 1.81
C PHE A 737 37.99 29.03 1.98
N ALA A 738 37.69 29.76 0.90
CA ALA A 738 37.66 31.21 0.96
C ALA A 738 36.58 31.70 1.90
N ALA A 739 35.40 31.08 1.86
CA ALA A 739 34.30 31.48 2.72
C ALA A 739 34.67 31.32 4.19
N TRP A 740 35.29 30.19 4.54
CA TRP A 740 35.69 30.00 5.93
C TRP A 740 36.84 30.93 6.33
N ILE A 741 37.75 31.21 5.39
CA ILE A 741 38.83 32.15 5.67
C ILE A 741 38.26 33.52 6.02
N GLU A 742 37.29 33.99 5.23
CA GLU A 742 36.66 35.27 5.54
C GLU A 742 35.84 35.19 6.83
N LYS A 743 35.24 34.04 7.09
CA LYS A 743 34.45 33.86 8.32
C LYS A 743 35.32 34.05 9.56
N VAL A 744 36.52 33.48 9.55
CA VAL A 744 37.41 33.66 10.69
C VAL A 744 38.11 35.02 10.62
N ASP A 745 38.19 35.59 9.41
CA ASP A 745 38.82 36.90 9.27
C ASP A 745 37.97 37.99 9.92
N ALA A 746 36.65 37.85 9.83
CA ALA A 746 35.76 38.76 10.54
C ALA A 746 36.04 38.73 12.05
N LEU A 747 36.19 37.52 12.59
CA LEU A 747 36.44 37.38 14.02
C LEU A 747 37.77 37.99 14.42
N VAL A 748 38.83 37.73 13.65
CA VAL A 748 40.14 38.28 14.03
C VAL A 748 40.14 39.80 13.88
N GLN A 749 39.38 40.32 12.90
CA GLN A 749 39.18 41.77 12.85
C GLN A 749 38.51 42.28 14.12
N ASP A 750 37.52 41.54 14.62
CA ASP A 750 36.89 41.93 15.88
C ASP A 750 37.90 41.95 17.01
N GLU A 751 38.73 40.90 17.09
CA GLU A 751 39.60 40.74 18.26
C GLU A 751 40.63 41.86 18.38
N LEU A 752 41.60 41.91 17.46
CA LEU A 752 42.70 42.84 17.72
C LEU A 752 42.58 44.18 17.01
N GLY A 753 42.89 44.22 15.71
CA GLY A 753 42.68 45.44 14.96
C GLY A 753 42.58 45.34 13.46
N TYR A 754 42.64 44.15 12.89
CA TYR A 754 43.01 44.02 11.49
C TYR A 754 42.56 42.67 10.92
N SER A 755 42.81 42.49 9.62
CA SER A 755 42.35 41.33 8.88
C SER A 755 43.54 40.50 8.43
N VAL A 756 43.48 39.19 8.69
CA VAL A 756 44.54 38.29 8.26
C VAL A 756 44.49 38.09 6.75
N LEU A 757 43.30 38.15 6.16
CA LEU A 757 43.15 37.97 4.72
C LEU A 757 43.96 39.03 3.96
N GLU A 758 44.11 40.22 4.54
CA GLU A 758 44.99 41.23 3.95
C GLU A 758 46.43 40.74 3.92
N LEU A 759 46.88 40.09 4.99
CA LEU A 759 48.23 39.53 5.00
C LEU A 759 48.36 38.42 3.97
N ILE A 760 47.34 37.58 3.83
CA ILE A 760 47.41 36.48 2.88
C ILE A 760 47.49 37.01 1.45
N LEU A 761 46.64 37.98 1.12
CA LEU A 761 46.60 38.53 -0.22
C LEU A 761 47.90 39.24 -0.57
N ASP A 762 48.23 40.30 0.17
CA ASP A 762 49.45 41.05 -0.09
C ASP A 762 50.67 40.19 0.19
N ASP A 763 51.65 40.24 -0.71
CA ASP A 763 52.85 39.42 -0.62
C ASP A 763 54.07 40.22 -0.16
N ALA A 764 53.84 41.41 0.39
CA ALA A 764 54.91 42.24 0.92
C ALA A 764 54.99 42.23 2.44
N GLN A 765 54.00 41.67 3.11
CA GLN A 765 53.93 41.72 4.57
C GLN A 765 55.03 40.88 5.19
N ASP A 766 55.63 41.39 6.26
CA ASP A 766 56.65 40.68 7.02
C ASP A 766 55.99 39.97 8.20
N TYR A 767 56.02 38.64 8.17
CA TYR A 767 55.23 37.83 9.10
C TYR A 767 55.88 37.84 10.47
N GLY A 768 55.31 38.64 11.37
CA GLY A 768 55.71 38.61 12.76
C GLY A 768 55.12 37.43 13.50
N ILE A 769 55.50 37.28 14.76
CA ILE A 769 55.07 36.13 15.55
C ILE A 769 53.56 36.13 15.73
N GLU A 770 53.00 37.28 16.11
CA GLU A 770 51.55 37.39 16.28
C GLU A 770 50.82 37.10 14.97
N THR A 771 51.25 37.76 13.89
CA THR A 771 50.59 37.60 12.61
C THR A 771 50.73 36.17 12.09
N THR A 772 51.92 35.59 12.23
CA THR A 772 52.11 34.20 11.81
C THR A 772 51.20 33.27 12.59
N GLN A 773 51.08 33.49 13.90
CA GLN A 773 50.26 32.62 14.73
C GLN A 773 48.80 32.68 14.30
N VAL A 774 48.25 33.88 14.16
CA VAL A 774 46.85 33.98 13.77
C VAL A 774 46.62 33.49 12.34
N THR A 775 47.57 33.74 11.43
CA THR A 775 47.41 33.26 10.06
C THR A 775 47.41 31.75 10.01
N ILE A 776 48.32 31.09 10.74
CA ILE A 776 48.34 29.63 10.75
C ILE A 776 47.07 29.08 11.39
N PHE A 777 46.57 29.75 12.42
CA PHE A 777 45.30 29.32 13.01
C PHE A 777 44.17 29.39 11.99
N ALA A 778 44.09 30.49 11.25
CA ALA A 778 43.04 30.64 10.25
C ALA A 778 43.18 29.59 9.16
N ILE A 779 44.40 29.34 8.71
CA ILE A 779 44.62 28.35 7.66
C ILE A 779 44.22 26.97 8.14
N GLN A 780 44.55 26.63 9.39
CA GLN A 780 44.17 25.33 9.93
C GLN A 780 42.65 25.21 10.01
N ILE A 781 41.97 26.26 10.46
CA ILE A 781 40.52 26.21 10.59
C ILE A 781 39.88 25.99 9.22
N ALA A 782 40.33 26.75 8.22
CA ALA A 782 39.75 26.63 6.89
C ALA A 782 40.06 25.27 6.27
N LEU A 783 41.28 24.77 6.46
CA LEU A 783 41.64 23.46 5.94
C LEU A 783 40.75 22.37 6.52
N GLY A 784 40.61 22.36 7.85
CA GLY A 784 39.78 21.35 8.47
C GLY A 784 38.32 21.45 8.11
N GLU A 785 37.80 22.67 7.99
CA GLU A 785 36.38 22.80 7.66
C GLU A 785 36.10 22.48 6.19
N LEU A 786 37.08 22.74 5.31
CA LEU A 786 36.94 22.25 3.94
C LEU A 786 36.96 20.72 3.90
N LEU A 787 37.83 20.09 4.69
CA LEU A 787 37.84 18.64 4.75
C LEU A 787 36.54 18.08 5.31
N ARG A 788 35.95 18.73 6.31
CA ARG A 788 34.68 18.30 6.86
C ARG A 788 33.49 18.60 5.96
N HIS A 789 33.61 19.57 5.06
CA HIS A 789 32.56 19.85 4.10
C HIS A 789 32.39 18.72 3.09
N HIS A 790 33.43 17.92 2.87
CA HIS A 790 33.38 16.79 1.97
C HIS A 790 33.12 15.47 2.68
N GLY A 791 32.80 15.50 3.97
CA GLY A 791 32.39 14.32 4.70
C GLY A 791 33.42 13.74 5.64
N ALA A 792 34.61 14.32 5.72
CA ALA A 792 35.61 13.80 6.65
C ALA A 792 35.18 14.05 8.09
N LYS A 793 35.65 13.19 8.99
CA LYS A 793 35.31 13.31 10.40
C LYS A 793 36.48 12.87 11.26
N PRO A 794 37.04 13.78 12.06
CA PRO A 794 38.16 13.41 12.94
C PRO A 794 37.69 12.46 14.03
N ALA A 795 38.55 11.48 14.35
CA ALA A 795 38.29 10.57 15.45
C ALA A 795 39.05 10.96 16.72
N ALA A 796 40.13 11.73 16.59
CA ALA A 796 40.95 12.13 17.72
C ALA A 796 41.87 13.27 17.33
N VAL A 797 41.98 14.29 18.17
CA VAL A 797 42.78 15.47 17.87
C VAL A 797 43.86 15.64 18.93
N ILE A 798 45.00 16.19 18.51
CA ILE A 798 46.11 16.45 19.42
C ILE A 798 46.87 17.67 18.95
N GLY A 799 46.95 18.70 19.80
CA GLY A 799 47.57 19.96 19.44
C GLY A 799 49.03 20.05 19.87
N GLN A 800 49.61 21.22 19.59
CA GLN A 800 51.00 21.50 19.93
C GLN A 800 51.19 23.01 19.85
N SER A 801 51.65 23.62 20.94
CA SER A 801 51.99 25.03 20.97
C SER A 801 50.78 25.89 20.64
N LEU A 802 50.65 26.29 19.37
CA LEU A 802 49.49 27.01 18.88
C LEU A 802 48.53 26.11 18.12
N GLY A 803 48.71 24.80 18.19
CA GLY A 803 47.81 23.87 17.54
C GLY A 803 46.70 23.42 18.45
N GLU A 804 46.82 23.74 19.74
CA GLU A 804 45.78 23.35 20.69
C GLU A 804 44.50 24.15 20.48
N ALA A 805 44.63 25.42 20.08
CA ALA A 805 43.47 26.29 19.95
C ALA A 805 42.51 25.78 18.90
N ALA A 806 43.03 25.35 17.75
CA ALA A 806 42.17 24.83 16.70
C ALA A 806 41.65 23.43 17.03
N SER A 807 42.45 22.64 17.75
CA SER A 807 41.97 21.34 18.21
C SER A 807 40.79 21.49 19.15
N ALA A 808 40.76 22.58 19.92
CA ALA A 808 39.62 22.83 20.80
C ALA A 808 38.33 22.97 19.98
N TYR A 809 38.40 23.69 18.87
CA TYR A 809 37.22 23.86 18.03
C TYR A 809 36.87 22.58 17.27
N PHE A 810 37.89 21.85 16.81
CA PHE A 810 37.66 20.65 16.03
C PHE A 810 37.28 19.44 16.88
N ALA A 811 37.37 19.56 18.20
CA ALA A 811 36.93 18.51 19.09
C ALA A 811 35.57 18.79 19.71
N GLY A 812 34.93 19.92 19.38
CA GLY A 812 33.68 20.27 19.99
C GLY A 812 33.79 20.88 21.37
N GLY A 813 35.01 21.07 21.87
CA GLY A 813 35.17 21.63 23.20
C GLY A 813 34.91 23.12 23.26
N LEU A 814 34.98 23.80 22.13
CA LEU A 814 34.80 25.24 22.07
C LEU A 814 34.08 25.62 20.78
N SER A 815 33.52 26.83 20.78
CA SER A 815 32.98 27.42 19.57
C SER A 815 34.07 28.23 18.87
N LEU A 816 33.72 28.89 17.77
CA LEU A 816 34.73 29.61 17.00
C LEU A 816 35.30 30.80 17.75
N ARG A 817 34.43 31.65 18.30
CA ARG A 817 34.89 32.88 18.96
C ARG A 817 35.77 32.55 20.15
N ASP A 818 35.53 31.41 20.81
CA ASP A 818 36.39 30.99 21.91
C ASP A 818 37.81 30.76 21.43
N ALA A 819 37.96 30.01 20.33
CA ALA A 819 39.27 29.74 19.77
C ALA A 819 39.97 31.01 19.29
N THR A 820 39.23 31.91 18.64
CA THR A 820 39.82 33.19 18.24
C THR A 820 40.29 33.97 19.47
N ARG A 821 39.48 34.03 20.52
CA ARG A 821 39.88 34.76 21.72
C ARG A 821 41.14 34.17 22.30
N ALA A 822 41.21 32.84 22.38
CA ALA A 822 42.39 32.17 22.91
C ALA A 822 43.63 32.50 22.07
N ILE A 823 43.50 32.41 20.74
CA ILE A 823 44.68 32.56 19.90
C ILE A 823 45.19 34.00 19.92
N CYS A 824 44.30 34.99 19.90
CA CYS A 824 44.80 36.36 19.97
C CYS A 824 45.26 36.75 21.38
N SER A 825 44.65 36.18 22.42
CA SER A 825 45.13 36.43 23.78
C SER A 825 46.56 35.93 23.91
N ARG A 826 46.85 34.76 23.36
CA ARG A 826 48.22 34.27 23.31
C ARG A 826 49.11 35.20 22.48
N SER A 827 48.68 35.48 21.25
CA SER A 827 49.53 36.12 20.25
C SER A 827 49.92 37.54 20.62
N HIS A 828 48.97 38.37 21.02
CA HIS A 828 49.30 39.76 21.34
C HIS A 828 50.24 39.81 22.54
N LEU A 829 50.02 38.93 23.52
CA LEU A 829 50.88 38.91 24.70
C LEU A 829 52.31 38.54 24.32
N MET A 830 52.49 37.47 23.52
CA MET A 830 53.84 37.12 23.10
C MET A 830 54.47 38.24 22.25
N GLY A 831 53.68 38.84 21.37
CA GLY A 831 54.18 39.90 20.52
C GLY A 831 54.70 41.08 21.32
N GLU A 832 53.96 41.48 22.34
CA GLU A 832 54.42 42.57 23.19
C GLU A 832 55.64 42.15 24.02
N GLY A 833 55.57 40.96 24.62
CA GLY A 833 56.61 40.50 25.52
C GLY A 833 57.97 40.26 24.89
N GLU A 834 58.00 39.72 23.67
CA GLU A 834 59.27 39.30 23.09
C GLU A 834 60.21 40.48 22.86
N ALA A 835 59.67 41.63 22.45
CA ALA A 835 60.51 42.78 22.12
C ALA A 835 61.26 43.29 23.35
N MET A 836 60.62 43.27 24.51
CA MET A 836 61.18 43.83 25.73
C MET A 836 62.16 42.88 26.44
N LEU A 837 62.68 41.89 25.73
CA LEU A 837 63.57 40.89 26.31
C LEU A 837 64.97 41.09 25.77
N PHE A 838 65.97 40.89 26.64
CA PHE A 838 67.35 41.18 26.31
C PHE A 838 68.30 40.12 26.86
N GLY A 839 69.60 40.44 26.88
CA GLY A 839 70.62 39.41 27.09
C GLY A 839 70.43 38.63 28.38
N GLU A 840 70.03 39.32 29.45
CA GLU A 840 69.79 38.69 30.74
C GLU A 840 68.37 38.16 30.88
N TYR A 841 67.56 38.28 29.84
CA TYR A 841 66.15 37.93 29.92
C TYR A 841 65.70 36.93 28.87
N ILE A 842 66.36 36.87 27.71
CA ILE A 842 65.93 35.97 26.64
C ILE A 842 66.11 34.52 27.07
N ARG A 843 65.03 33.75 26.98
CA ARG A 843 65.08 32.31 27.21
C ARG A 843 65.13 31.57 25.87
N LEU A 844 66.25 31.76 25.17
CA LEU A 844 66.45 31.25 23.82
C LEU A 844 66.14 29.77 23.70
N MET A 845 65.19 29.41 22.84
CA MET A 845 64.86 28.02 22.58
C MET A 845 65.82 27.45 21.54
N ALA A 846 66.32 26.24 21.79
CA ALA A 846 67.12 25.51 20.82
C ALA A 846 66.77 24.04 20.93
N LEU A 847 66.84 23.33 19.81
CA LEU A 847 66.61 21.89 19.83
C LEU A 847 67.88 21.15 20.24
N VAL A 848 67.71 20.10 21.04
CA VAL A 848 68.80 19.21 21.42
C VAL A 848 68.32 17.78 21.21
N GLU A 849 69.28 16.85 21.18
CA GLU A 849 68.95 15.48 20.83
C GLU A 849 69.03 14.56 22.04
N TYR A 850 68.56 15.04 23.18
CA TYR A 850 68.50 14.25 24.41
C TYR A 850 67.06 13.89 24.72
N SER A 851 66.81 12.60 24.96
CA SER A 851 65.48 12.14 25.32
C SER A 851 65.22 12.44 26.79
N ALA A 852 64.04 12.01 27.27
CA ALA A 852 63.61 12.36 28.62
C ALA A 852 64.59 11.83 29.66
N ASP A 853 65.02 10.58 29.52
CA ASP A 853 66.03 10.05 30.44
C ASP A 853 67.36 10.76 30.28
N GLU A 854 67.77 11.04 29.04
CA GLU A 854 69.06 11.66 28.79
C GLU A 854 69.10 13.14 29.12
N ILE A 855 67.96 13.78 29.41
CA ILE A 855 67.97 15.10 30.00
C ILE A 855 67.75 15.07 31.51
N ARG A 856 66.90 14.18 32.02
CA ARG A 856 66.77 14.01 33.46
C ARG A 856 68.08 13.61 34.11
N GLU A 857 68.93 12.85 33.40
CA GLU A 857 70.27 12.55 33.89
C GLU A 857 71.10 13.81 34.02
N VAL A 858 71.37 14.49 32.91
CA VAL A 858 72.13 15.73 32.95
C VAL A 858 71.15 16.90 33.08
N PHE A 859 70.74 17.19 34.31
CA PHE A 859 69.92 18.35 34.62
C PHE A 859 70.45 19.12 35.83
N SER A 860 71.25 18.48 36.68
CA SER A 860 71.91 19.16 37.78
C SER A 860 73.10 19.97 37.30
N ASP A 861 73.64 19.61 36.13
CA ASP A 861 74.72 20.40 35.53
C ASP A 861 74.20 21.75 35.08
N PHE A 862 72.95 21.82 34.62
CA PHE A 862 72.42 23.01 33.98
C PHE A 862 71.21 23.53 34.74
N PRO A 863 71.36 24.54 35.59
CA PRO A 863 70.27 24.91 36.51
C PRO A 863 69.03 25.47 35.84
N ASP A 864 69.19 26.55 35.07
CA ASP A 864 68.06 27.29 34.55
C ASP A 864 67.54 26.75 33.22
N LEU A 865 68.20 25.74 32.65
CA LEU A 865 67.65 25.09 31.48
C LEU A 865 66.39 24.31 31.86
N GLU A 866 65.51 24.13 30.87
CA GLU A 866 64.21 23.53 31.13
C GLU A 866 63.64 22.90 29.88
N VAL A 867 62.74 21.94 30.05
CA VAL A 867 62.07 21.33 28.91
C VAL A 867 61.04 22.28 28.35
N CYS A 868 61.07 22.48 27.03
CA CYS A 868 60.06 23.27 26.34
C CYS A 868 59.11 22.38 25.55
N VAL A 869 59.64 21.49 24.72
CA VAL A 869 58.81 20.64 23.86
C VAL A 869 59.40 19.23 23.83
N TYR A 870 58.66 18.25 24.35
CA TYR A 870 58.94 16.86 24.06
C TYR A 870 58.45 16.49 22.66
N ALA A 871 59.36 16.46 21.69
CA ALA A 871 59.00 16.28 20.29
C ALA A 871 59.16 14.86 19.79
N ALA A 872 60.08 14.08 20.36
CA ALA A 872 60.38 12.75 19.85
C ALA A 872 61.01 11.95 20.97
N PRO A 873 61.05 10.61 20.83
CA PRO A 873 61.71 9.80 21.86
C PRO A 873 63.22 9.98 21.89
N THR A 874 63.74 10.86 21.05
CA THR A 874 65.16 11.21 21.10
C THR A 874 65.42 12.70 21.15
N GLN A 875 64.61 13.52 20.45
CA GLN A 875 64.80 14.96 20.42
C GLN A 875 64.00 15.65 21.51
N THR A 876 64.37 16.89 21.79
CA THR A 876 63.65 17.72 22.77
C THR A 876 64.06 19.18 22.55
N VAL A 877 63.07 20.07 22.50
CA VAL A 877 63.37 21.49 22.42
C VAL A 877 63.48 22.06 23.83
N ILE A 878 64.59 22.73 24.11
CA ILE A 878 64.93 23.23 25.43
C ILE A 878 64.98 24.76 25.37
N GLY A 879 64.78 25.42 26.51
CA GLY A 879 64.90 26.86 26.56
C GLY A 879 65.54 27.34 27.86
N GLY A 880 66.33 28.42 27.79
CA GLY A 880 66.99 28.95 28.96
C GLY A 880 67.93 30.09 28.64
N PRO A 881 68.65 30.57 29.65
CA PRO A 881 69.63 31.63 29.44
C PRO A 881 70.70 31.20 28.44
N PRO A 882 71.18 32.12 27.60
CA PRO A 882 72.01 31.73 26.45
C PRO A 882 73.27 30.96 26.79
N GLU A 883 73.95 31.27 27.89
CA GLU A 883 75.23 30.61 28.17
C GLU A 883 75.02 29.15 28.54
N GLN A 884 74.06 28.85 29.41
CA GLN A 884 73.78 27.45 29.75
C GLN A 884 73.23 26.70 28.55
N VAL A 885 72.60 27.39 27.61
CA VAL A 885 72.22 26.78 26.35
C VAL A 885 73.48 26.36 25.57
N ASP A 886 74.36 27.33 25.31
CA ASP A 886 75.54 27.09 24.50
C ASP A 886 76.43 26.02 25.11
N ALA A 887 76.49 25.97 26.45
CA ALA A 887 77.35 24.99 27.10
C ALA A 887 76.89 23.56 26.80
N ILE A 888 75.59 23.30 26.94
CA ILE A 888 75.08 21.98 26.63
C ILE A 888 75.17 21.70 25.14
N LEU A 889 74.96 22.73 24.30
CA LEU A 889 75.11 22.53 22.86
C LEU A 889 76.53 22.05 22.54
N ALA A 890 77.54 22.75 23.04
CA ALA A 890 78.92 22.42 22.79
C ALA A 890 79.33 21.08 23.37
N ARG A 891 78.87 20.74 24.58
CA ARG A 891 79.21 19.43 25.13
C ARG A 891 78.55 18.32 24.32
N ALA A 892 77.30 18.51 23.91
CA ALA A 892 76.61 17.49 23.13
C ALA A 892 77.21 17.33 21.74
N GLU A 893 77.82 18.41 21.22
CA GLU A 893 78.51 18.31 19.94
C GLU A 893 79.63 17.29 20.01
N ALA A 894 80.40 17.30 21.10
CA ALA A 894 81.46 16.31 21.29
C ALA A 894 80.90 14.95 21.67
N GLU A 895 79.85 14.93 22.48
CA GLU A 895 79.24 13.68 22.91
C GLU A 895 78.67 12.90 21.74
N GLY A 896 78.11 13.61 20.76
CA GLY A 896 77.52 12.98 19.61
C GLY A 896 76.03 13.23 19.47
N LYS A 897 75.58 14.40 19.93
CA LYS A 897 74.17 14.78 19.84
C LYS A 897 74.05 15.93 18.85
N PHE A 898 72.81 16.26 18.49
CA PHE A 898 72.51 17.28 17.51
C PHE A 898 71.88 18.46 18.21
N ALA A 899 72.45 19.64 18.02
CA ALA A 899 72.06 20.86 18.73
C ALA A 899 71.63 21.95 17.77
N ARG A 900 70.78 21.61 16.79
CA ARG A 900 70.22 22.59 15.89
C ARG A 900 69.46 23.65 16.67
N LYS A 901 69.81 24.91 16.45
CA LYS A 901 69.26 25.99 17.28
C LYS A 901 68.15 26.74 16.53
N PHE A 902 67.12 27.11 17.28
CA PHE A 902 66.01 27.90 16.75
C PHE A 902 66.33 29.38 16.85
N ALA A 903 65.99 30.13 15.80
CA ALA A 903 66.16 31.57 15.77
C ALA A 903 64.92 32.31 16.24
N THR A 904 64.04 31.65 16.98
CA THR A 904 62.84 32.29 17.49
C THR A 904 63.19 33.29 18.59
N LYS A 905 62.28 34.22 18.81
CA LYS A 905 62.46 35.27 19.80
C LYS A 905 61.35 35.34 20.84
N GLY A 906 60.10 35.07 20.46
CA GLY A 906 59.02 34.98 21.43
C GLY A 906 58.97 33.62 22.09
N ALA A 907 60.08 33.22 22.71
CA ALA A 907 60.23 31.88 23.26
C ALA A 907 59.17 31.57 24.30
N SER A 908 58.30 30.61 24.00
CA SER A 908 57.21 30.21 24.88
C SER A 908 57.52 28.86 25.52
N HIS A 909 56.55 28.34 26.28
CA HIS A 909 56.72 27.11 27.06
C HIS A 909 57.90 27.24 28.03
N THR A 910 58.07 28.45 28.58
CA THR A 910 59.16 28.77 29.48
C THR A 910 58.60 29.40 30.75
N SER A 911 59.47 29.54 31.75
CA SER A 911 59.15 30.33 32.92
C SER A 911 59.17 31.82 32.62
N GLN A 912 59.68 32.21 31.45
CA GLN A 912 59.73 33.61 31.05
C GLN A 912 58.33 34.20 30.87
N MET A 913 57.32 33.36 30.64
CA MET A 913 55.97 33.83 30.37
C MET A 913 55.16 34.15 31.61
N ASP A 914 55.73 33.93 32.80
CA ASP A 914 55.01 34.21 34.04
C ASP A 914 54.50 35.64 34.14
N PRO A 915 55.26 36.69 33.76
CA PRO A 915 54.68 38.05 33.74
C PRO A 915 53.45 38.16 32.86
N LEU A 916 53.45 37.45 31.73
CA LEU A 916 52.36 37.60 30.75
C LEU A 916 51.07 36.98 31.25
N LEU A 917 51.16 35.99 32.13
CA LEU A 917 49.98 35.23 32.53
C LEU A 917 48.94 36.08 33.25
N GLY A 918 49.34 37.21 33.83
CA GLY A 918 48.39 38.07 34.51
C GLY A 918 47.31 38.58 33.59
N GLU A 919 47.67 38.97 32.37
CA GLU A 919 46.68 39.43 31.41
C GLU A 919 46.04 38.28 30.65
N LEU A 920 46.72 37.13 30.56
CA LEU A 920 46.08 35.94 30.00
C LEU A 920 44.91 35.50 30.87
N THR A 921 45.01 35.68 32.19
CA THR A 921 43.92 35.32 33.07
C THR A 921 42.66 36.11 32.76
N ALA A 922 42.82 37.41 32.51
CA ALA A 922 41.65 38.28 32.29
C ALA A 922 41.17 38.27 30.85
N GLU A 923 41.98 37.77 29.91
CA GLU A 923 41.60 37.77 28.50
C GLU A 923 41.05 36.43 28.03
N LEU A 924 40.78 35.51 28.96
CA LEU A 924 40.16 34.24 28.62
C LEU A 924 38.84 34.03 29.36
N GLN A 925 38.28 35.11 29.92
CA GLN A 925 37.04 35.04 30.66
C GLN A 925 35.84 35.14 29.72
N GLY A 926 34.75 34.50 30.11
CA GLY A 926 33.52 34.53 29.35
C GLY A 926 33.38 33.40 28.35
N ILE A 927 34.41 32.57 28.17
CA ILE A 927 34.33 31.45 27.25
C ILE A 927 33.74 30.25 27.96
N LYS A 928 33.15 29.34 27.19
CA LYS A 928 32.46 28.17 27.73
C LYS A 928 33.11 26.90 27.22
N PRO A 929 33.95 26.24 28.01
CA PRO A 929 34.36 24.87 27.66
C PRO A 929 33.15 23.95 27.60
N THR A 930 33.13 23.04 26.63
CA THR A 930 31.98 22.20 26.37
C THR A 930 32.44 20.76 26.19
N SER A 931 31.50 19.81 26.36
CA SER A 931 31.80 18.38 26.28
C SER A 931 32.29 18.03 24.88
N PRO A 932 33.51 17.48 24.75
CA PRO A 932 34.04 17.19 23.42
C PRO A 932 33.22 16.12 22.70
N THR A 933 33.19 16.22 21.37
CA THR A 933 32.53 15.24 20.53
C THR A 933 33.41 14.07 20.14
N CYS A 934 34.71 14.14 20.44
CA CYS A 934 35.63 13.05 20.15
C CYS A 934 36.81 13.15 21.11
N GLY A 935 37.58 12.06 21.19
CA GLY A 935 38.67 12.01 22.13
C GLY A 935 39.74 13.04 21.84
N ILE A 936 40.36 13.53 22.92
CA ILE A 936 41.44 14.51 22.84
C ILE A 936 42.65 13.90 23.52
N PHE A 937 43.77 13.80 22.81
CA PHE A 937 45.03 13.36 23.39
C PHE A 937 45.78 14.62 23.83
N SER A 938 45.27 15.24 24.89
CA SER A 938 45.76 16.54 25.32
C SER A 938 47.22 16.46 25.75
N THR A 939 48.03 17.36 25.19
CA THR A 939 49.42 17.50 25.57
C THR A 939 49.59 18.38 26.80
N VAL A 940 48.54 19.07 27.23
CA VAL A 940 48.61 19.81 28.48
C VAL A 940 48.62 18.86 29.67
N HIS A 941 47.77 17.85 29.66
CA HIS A 941 47.68 16.88 30.75
C HIS A 941 48.49 15.62 30.44
N GLU A 942 49.80 15.82 30.24
CA GLU A 942 50.84 14.80 30.19
C GLU A 942 50.71 13.90 28.96
N GLY A 943 49.59 13.91 28.26
CA GLY A 943 49.38 13.06 27.11
C GLY A 943 48.40 11.92 27.32
N ARG A 944 47.81 11.83 28.50
CA ARG A 944 46.82 10.78 28.77
C ARG A 944 45.55 11.00 27.94
N TYR A 945 44.96 9.90 27.50
CA TYR A 945 43.77 9.96 26.66
C TYR A 945 42.57 10.52 27.43
N ILE A 946 41.66 11.18 26.71
CA ILE A 946 40.39 11.65 27.26
C ILE A 946 39.27 11.05 26.42
N LYS A 947 38.30 10.42 27.09
CA LYS A 947 37.21 9.76 26.39
C LYS A 947 36.27 10.78 25.76
N PRO A 948 35.55 10.38 24.71
CA PRO A 948 34.60 11.30 24.08
C PRO A 948 33.39 11.54 24.99
N GLY A 949 32.76 12.68 24.78
CA GLY A 949 31.54 13.04 25.48
C GLY A 949 31.67 12.99 26.99
N GLY A 950 32.57 13.79 27.54
CA GLY A 950 32.80 13.79 28.97
C GLY A 950 32.45 15.11 29.63
N GLU A 951 33.44 15.75 30.24
CA GLU A 951 33.25 17.01 30.94
C GLU A 951 34.08 18.11 30.28
N PRO A 952 33.68 19.38 30.45
CA PRO A 952 34.47 20.48 29.87
C PRO A 952 35.90 20.48 30.37
N ILE A 953 36.84 20.82 29.48
CA ILE A 953 38.26 20.73 29.81
C ILE A 953 38.94 22.08 29.58
N HIS A 954 38.70 22.68 28.42
CA HIS A 954 39.42 23.90 28.03
C HIS A 954 38.84 25.11 28.76
N ASP A 955 39.18 25.20 30.05
CA ASP A 955 38.83 26.36 30.85
C ASP A 955 40.02 27.32 30.89
N VAL A 956 39.87 28.40 31.67
CA VAL A 956 40.94 29.38 31.78
C VAL A 956 42.19 28.75 32.39
N GLU A 957 42.02 27.92 33.43
CA GLU A 957 43.15 27.25 34.05
C GLU A 957 43.86 26.31 33.07
N TYR A 958 43.09 25.65 32.19
CA TYR A 958 43.69 24.75 31.21
C TYR A 958 44.64 25.49 30.28
N TRP A 959 44.21 26.65 29.77
CA TRP A 959 45.09 27.44 28.91
C TRP A 959 46.23 28.08 29.69
N LYS A 960 45.98 28.45 30.95
CA LYS A 960 47.05 28.94 31.83
C LYS A 960 48.16 27.90 31.96
N LYS A 961 47.78 26.64 32.18
CA LYS A 961 48.76 25.56 32.21
C LYS A 961 49.40 25.34 30.85
N GLY A 962 48.61 25.45 29.78
CA GLY A 962 49.14 25.19 28.44
C GLY A 962 50.20 26.18 28.02
N LEU A 963 50.06 27.44 28.42
CA LEU A 963 51.02 28.47 28.06
C LEU A 963 52.30 28.40 28.88
N ARG A 964 52.31 27.65 29.99
CA ARG A 964 53.46 27.58 30.88
C ARG A 964 54.17 26.23 30.79
N HIS A 965 53.45 25.13 31.01
CA HIS A 965 54.11 23.85 31.19
C HIS A 965 54.45 23.20 29.85
N SER A 966 55.23 22.13 29.92
CA SER A 966 55.84 21.56 28.73
C SER A 966 54.81 20.85 27.86
N VAL A 967 55.11 20.77 26.56
CA VAL A 967 54.25 20.08 25.62
C VAL A 967 54.64 18.60 25.61
N TYR A 968 53.63 17.74 25.78
CA TYR A 968 53.82 16.28 25.82
C TYR A 968 53.47 15.61 24.50
N PHE A 969 53.83 16.24 23.38
CA PHE A 969 53.50 15.73 22.05
C PHE A 969 53.87 14.25 21.89
N THR A 970 55.12 13.90 22.21
CA THR A 970 55.59 12.55 21.89
C THR A 970 54.82 11.48 22.67
N HIS A 971 54.51 11.74 23.94
CA HIS A 971 53.75 10.77 24.72
C HIS A 971 52.33 10.65 24.22
N GLY A 972 51.71 11.76 23.82
CA GLY A 972 50.39 11.70 23.24
C GLY A 972 50.36 10.90 21.94
N ILE A 973 51.37 11.09 21.09
CA ILE A 973 51.45 10.33 19.85
C ILE A 973 51.62 8.85 20.15
N ARG A 974 52.49 8.52 21.11
CA ARG A 974 52.68 7.12 21.48
C ARG A 974 51.41 6.53 22.08
N ASN A 975 50.64 7.33 22.82
CA ASN A 975 49.37 6.85 23.36
C ASN A 975 48.38 6.59 22.24
N ALA A 976 48.38 7.43 21.20
CA ALA A 976 47.57 7.16 20.02
C ALA A 976 48.00 5.85 19.37
N VAL A 977 49.30 5.61 19.32
CA VAL A 977 49.82 4.31 18.86
C VAL A 977 49.26 3.17 19.72
N ASP A 978 49.16 3.40 21.03
CA ASP A 978 48.76 2.32 21.94
C ASP A 978 47.39 1.75 21.58
N SER A 979 46.43 2.63 21.32
CA SER A 979 45.05 2.19 21.06
C SER A 979 44.75 2.10 19.57
N GLY A 980 45.56 1.34 18.84
CA GLY A 980 45.23 0.97 17.46
C GLY A 980 45.42 1.96 16.32
N HIS A 981 45.36 3.26 16.62
CA HIS A 981 45.39 4.31 15.61
C HIS A 981 46.62 4.19 14.71
N THR A 982 46.39 4.24 13.40
CA THR A 982 47.44 4.11 12.40
C THR A 982 47.54 5.28 11.45
N THR A 983 46.43 5.95 11.14
CA THR A 983 46.42 7.04 10.18
C THR A 983 46.51 8.38 10.91
N PHE A 984 47.46 9.21 10.49
CA PHE A 984 47.62 10.56 11.01
C PHE A 984 47.61 11.53 9.85
N LEU A 985 46.83 12.61 10.00
CA LEU A 985 46.69 13.61 8.95
C LEU A 985 47.04 14.96 9.55
N GLU A 986 48.01 15.64 8.97
CA GLU A 986 48.66 16.79 9.59
C GLU A 986 48.17 18.04 8.85
N LEU A 987 47.48 18.93 9.57
CA LEU A 987 46.83 20.10 8.97
C LEU A 987 47.64 21.37 9.24
N ALA A 988 48.62 21.63 8.37
CA ALA A 988 49.37 22.87 8.36
C ALA A 988 49.82 23.13 6.93
N PRO A 989 50.17 24.38 6.61
CA PRO A 989 50.63 24.68 5.24
C PRO A 989 52.01 24.09 4.92
N ASN A 990 52.56 23.29 5.83
CA ASN A 990 53.83 22.62 5.58
C ASN A 990 53.94 21.43 6.53
N PRO A 991 54.13 20.21 6.00
CA PRO A 991 54.16 19.01 6.86
C PRO A 991 55.44 18.88 7.68
N VAL A 992 55.52 19.67 8.75
CA VAL A 992 56.72 19.66 9.58
C VAL A 992 56.56 18.68 10.75
N ALA A 993 55.37 18.65 11.36
CA ALA A 993 55.13 17.74 12.47
C ALA A 993 55.14 16.29 12.03
N LEU A 994 54.98 16.04 10.71
CA LEU A 994 54.96 14.67 10.22
C LEU A 994 56.28 13.96 10.47
N MET A 995 57.40 14.68 10.43
CA MET A 995 58.69 14.06 10.71
C MET A 995 58.76 13.55 12.14
N GLN A 996 58.34 14.38 13.09
CA GLN A 996 58.32 13.98 14.49
C GLN A 996 57.39 12.79 14.71
N VAL A 997 56.20 12.84 14.10
CA VAL A 997 55.25 11.75 14.24
C VAL A 997 55.82 10.47 13.64
N ALA A 998 56.53 10.59 12.52
CA ALA A 998 57.13 9.42 11.89
C ALA A 998 58.19 8.80 12.79
N LEU A 999 59.05 9.64 13.39
CA LEU A 999 60.06 9.10 14.28
C LEU A 999 59.44 8.43 15.49
N THR A 1000 58.42 9.05 16.08
CA THR A 1000 57.76 8.47 17.25
C THR A 1000 57.06 7.16 16.91
N THR A 1001 56.40 7.10 15.75
CA THR A 1001 55.72 5.87 15.34
C THR A 1001 56.73 4.77 15.04
N ALA A 1002 57.88 5.12 14.46
CA ALA A 1002 58.95 4.15 14.26
C ALA A 1002 59.45 3.63 15.61
N ASP A 1003 59.50 4.51 16.61
CA ASP A 1003 59.88 4.08 17.96
C ASP A 1003 58.88 3.07 18.52
N ALA A 1004 57.59 3.32 18.32
CA ALA A 1004 56.54 2.55 18.98
C ALA A 1004 56.12 1.30 18.22
N GLY A 1005 56.76 0.98 17.10
CA GLY A 1005 56.50 -0.29 16.44
C GLY A 1005 55.52 -0.24 15.28
N LEU A 1006 55.19 0.93 14.76
CA LEU A 1006 54.45 1.05 13.51
C LEU A 1006 55.43 1.40 12.40
N HIS A 1007 55.56 0.52 11.41
CA HIS A 1007 56.32 0.79 10.22
C HIS A 1007 55.46 0.94 8.98
N ASP A 1008 54.25 0.38 9.01
CA ASP A 1008 53.21 0.74 8.04
C ASP A 1008 52.26 1.72 8.71
N ALA A 1009 52.71 2.96 8.84
CA ALA A 1009 51.93 4.04 9.42
C ALA A 1009 51.59 5.03 8.32
N GLN A 1010 50.30 5.30 8.15
CA GLN A 1010 49.82 6.17 7.08
C GLN A 1010 49.84 7.61 7.57
N LEU A 1011 50.75 8.40 7.02
CA LEU A 1011 50.95 9.79 7.42
C LEU A 1011 50.64 10.67 6.21
N ILE A 1012 49.51 11.36 6.27
CA ILE A 1012 48.98 12.09 5.12
C ILE A 1012 49.19 13.58 5.27
N PRO A 1013 50.07 14.20 4.50
CA PRO A 1013 50.21 15.66 4.54
C PRO A 1013 49.18 16.35 3.67
N THR A 1014 48.74 17.52 4.12
CA THR A 1014 47.68 18.23 3.43
C THR A 1014 48.23 19.26 2.44
N LEU A 1015 48.96 20.25 2.94
CA LEU A 1015 49.53 21.27 2.10
C LEU A 1015 51.05 21.24 2.15
N ALA A 1016 51.68 21.82 1.13
CA ALA A 1016 53.12 21.94 1.06
C ALA A 1016 53.50 23.31 0.50
N ARG A 1017 54.80 23.54 0.40
CA ARG A 1017 55.34 24.75 -0.23
C ARG A 1017 55.90 24.37 -1.59
N LYS A 1018 55.70 25.25 -2.57
CA LYS A 1018 56.10 25.02 -3.96
C LYS A 1018 55.35 23.82 -4.56
N GLN A 1019 54.09 23.65 -4.17
CA GLN A 1019 53.22 22.62 -4.72
C GLN A 1019 51.83 23.23 -4.90
N ASP A 1020 51.21 22.96 -6.03
CA ASP A 1020 49.87 23.49 -6.29
C ASP A 1020 48.89 22.97 -5.27
N GLU A 1021 48.22 23.89 -4.58
CA GLU A 1021 47.47 23.53 -3.39
C GLU A 1021 46.24 22.69 -3.71
N VAL A 1022 45.57 22.97 -4.83
CA VAL A 1022 44.37 22.21 -5.19
C VAL A 1022 44.74 20.76 -5.47
N SER A 1023 45.85 20.54 -6.17
CA SER A 1023 46.33 19.18 -6.40
C SER A 1023 46.66 18.49 -5.10
N SER A 1024 47.28 19.22 -4.17
CA SER A 1024 47.61 18.63 -2.87
C SER A 1024 46.35 18.19 -2.12
N MET A 1025 45.34 19.06 -2.07
CA MET A 1025 44.09 18.70 -1.41
C MET A 1025 43.42 17.50 -2.07
N VAL A 1026 43.40 17.47 -3.40
CA VAL A 1026 42.84 16.31 -4.08
C VAL A 1026 43.60 15.05 -3.70
N SER A 1027 44.93 15.15 -3.57
CA SER A 1027 45.71 13.98 -3.18
C SER A 1027 45.36 13.50 -1.77
N THR A 1028 45.26 14.43 -0.82
CA THR A 1028 44.92 14.03 0.55
C THR A 1028 43.54 13.38 0.61
N MET A 1029 42.57 13.97 -0.09
CA MET A 1029 41.21 13.46 -0.01
C MET A 1029 41.09 12.12 -0.72
N ALA A 1030 41.81 11.94 -1.83
CA ALA A 1030 41.89 10.63 -2.46
C ALA A 1030 42.52 9.60 -1.53
N GLN A 1031 43.56 9.98 -0.79
CA GLN A 1031 44.17 9.05 0.16
C GLN A 1031 43.20 8.67 1.27
N LEU A 1032 42.45 9.65 1.77
CA LEU A 1032 41.42 9.36 2.77
C LEU A 1032 40.40 8.38 2.23
N TYR A 1033 39.99 8.54 0.97
CA TYR A 1033 39.12 7.56 0.35
C TYR A 1033 39.79 6.19 0.29
N VAL A 1034 41.07 6.17 -0.09
CA VAL A 1034 41.77 4.90 -0.34
C VAL A 1034 41.84 4.06 0.92
N TYR A 1035 42.29 4.66 2.02
CA TYR A 1035 42.58 3.86 3.21
C TYR A 1035 41.30 3.31 3.83
N GLY A 1036 40.16 3.93 3.53
CA GLY A 1036 38.89 3.36 3.95
C GLY A 1036 38.14 4.23 4.94
N HIS A 1037 38.57 5.48 5.09
CA HIS A 1037 37.95 6.38 6.04
C HIS A 1037 36.71 7.01 5.40
N ASP A 1038 36.10 7.99 6.06
CA ASP A 1038 34.82 8.54 5.65
C ASP A 1038 35.06 9.79 4.79
N LEU A 1039 35.16 9.58 3.48
CA LEU A 1039 35.26 10.65 2.51
C LEU A 1039 34.25 10.40 1.39
N ASP A 1040 33.46 11.42 1.06
CA ASP A 1040 32.48 11.31 -0.01
C ASP A 1040 33.15 11.70 -1.32
N ILE A 1041 33.49 10.72 -2.14
CA ILE A 1041 34.25 10.97 -3.35
C ILE A 1041 33.36 11.60 -4.43
N ARG A 1042 32.06 11.32 -4.40
CA ARG A 1042 31.16 11.89 -5.39
C ARG A 1042 31.16 13.42 -5.35
N THR A 1043 31.57 14.02 -4.23
CA THR A 1043 31.63 15.46 -4.11
C THR A 1043 32.90 16.07 -4.70
N LEU A 1044 33.82 15.24 -5.19
CA LEU A 1044 35.04 15.76 -5.80
C LEU A 1044 34.78 16.44 -7.14
N PHE A 1045 33.64 16.16 -7.77
CA PHE A 1045 33.34 16.66 -9.11
C PHE A 1045 32.15 17.61 -9.05
N SER A 1046 31.72 18.07 -10.22
CA SER A 1046 30.65 19.05 -10.34
C SER A 1046 29.37 18.37 -10.79
N ARG A 1047 28.26 19.07 -10.61
CA ARG A 1047 26.95 18.55 -11.00
C ARG A 1047 26.88 18.41 -12.52
N ALA A 1048 26.44 17.24 -12.98
CA ALA A 1048 26.41 16.95 -14.41
C ALA A 1048 25.15 17.55 -15.05
N SER A 1049 25.34 18.30 -16.13
CA SER A 1049 24.26 18.99 -16.81
C SER A 1049 23.64 18.17 -17.94
N GLY A 1050 24.13 16.96 -18.18
CA GLY A 1050 23.59 16.12 -19.22
C GLY A 1050 24.38 14.84 -19.42
N PRO A 1051 23.92 13.98 -20.34
CA PRO A 1051 24.62 12.72 -20.60
C PRO A 1051 26.02 12.89 -21.16
N GLN A 1052 26.36 14.05 -21.71
CA GLN A 1052 27.70 14.27 -22.22
C GLN A 1052 28.73 14.42 -21.11
N ASP A 1053 28.28 14.67 -19.88
CA ASP A 1053 29.18 14.86 -18.75
C ASP A 1053 29.63 13.55 -18.14
N TYR A 1054 29.11 12.43 -18.59
CA TYR A 1054 29.51 11.10 -18.12
C TYR A 1054 30.26 10.39 -19.25
N ALA A 1055 30.74 9.19 -18.95
CA ALA A 1055 31.49 8.42 -19.92
C ALA A 1055 31.11 6.95 -19.80
N ASN A 1056 30.92 6.29 -20.95
CA ASN A 1056 30.52 4.89 -20.99
C ASN A 1056 31.72 4.00 -20.67
N ILE A 1057 32.12 4.04 -19.40
CA ILE A 1057 33.19 3.19 -18.91
C ILE A 1057 32.71 1.75 -18.94
N PRO A 1058 33.59 0.77 -19.03
CA PRO A 1058 33.17 -0.64 -19.06
C PRO A 1058 32.39 -1.00 -17.81
N PRO A 1059 31.36 -1.81 -17.94
CA PRO A 1059 30.53 -2.15 -16.77
C PRO A 1059 31.22 -3.15 -15.86
N THR A 1060 30.65 -3.32 -14.67
CA THR A 1060 31.16 -4.31 -13.74
C THR A 1060 30.91 -5.71 -14.31
N ARG A 1061 31.79 -6.64 -13.94
CA ARG A 1061 31.78 -7.98 -14.48
C ARG A 1061 31.39 -8.99 -13.40
N PHE A 1062 30.58 -9.98 -13.79
CA PHE A 1062 30.26 -11.12 -12.95
C PHE A 1062 30.80 -12.36 -13.62
N LYS A 1063 31.77 -13.01 -12.98
CA LYS A 1063 32.37 -14.24 -13.50
C LYS A 1063 31.57 -15.41 -12.91
N ARG A 1064 30.78 -16.05 -13.76
CA ARG A 1064 29.77 -17.00 -13.32
C ARG A 1064 30.22 -18.45 -13.53
N LYS A 1065 29.56 -19.35 -12.82
CA LYS A 1065 29.79 -20.79 -12.95
C LYS A 1065 28.45 -21.50 -12.90
N GLU A 1066 28.43 -22.73 -13.41
CA GLU A 1066 27.18 -23.48 -13.52
C GLU A 1066 26.80 -24.06 -12.16
N HIS A 1067 25.65 -23.63 -11.64
CA HIS A 1067 25.10 -24.14 -10.38
C HIS A 1067 23.74 -24.76 -10.69
N TRP A 1068 23.71 -26.08 -10.79
CA TRP A 1068 22.46 -26.79 -11.06
C TRP A 1068 22.45 -28.11 -10.29
N LEU A 1069 21.25 -28.61 -10.05
CA LEU A 1069 21.00 -29.78 -9.23
C LEU A 1069 20.89 -31.02 -10.09
N PRO A 1070 21.00 -32.21 -9.49
CA PRO A 1070 20.72 -33.45 -10.22
C PRO A 1070 19.32 -33.46 -10.82
N ALA A 1071 19.17 -34.11 -11.97
CA ALA A 1071 17.96 -34.00 -12.79
C ALA A 1071 17.07 -35.24 -12.68
N HIS A 1072 17.26 -36.06 -11.65
CA HIS A 1072 16.51 -37.31 -11.53
C HIS A 1072 15.09 -36.99 -11.06
N PHE A 1073 14.20 -36.77 -12.02
CA PHE A 1073 12.79 -36.51 -11.74
C PHE A 1073 11.91 -37.40 -12.61
N GLU B 106 -17.22 16.26 -16.43
CA GLU B 106 -16.03 15.44 -16.60
C GLU B 106 -14.86 16.00 -15.81
N ASP B 107 -14.65 15.47 -14.61
CA ASP B 107 -13.63 15.97 -13.70
C ASP B 107 -12.43 15.03 -13.72
N TRP B 108 -11.24 15.61 -13.95
CA TRP B 108 -9.97 14.91 -13.81
C TRP B 108 -8.99 15.87 -13.14
N SER B 109 -8.98 15.87 -11.80
CA SER B 109 -8.23 16.86 -11.04
C SER B 109 -7.51 16.26 -9.83
N ARG B 110 -7.05 15.02 -9.95
CA ARG B 110 -6.27 14.33 -8.91
C ARG B 110 -7.16 13.97 -7.73
N THR B 111 -6.84 12.87 -7.04
CA THR B 111 -7.72 12.34 -6.00
C THR B 111 -7.66 13.20 -4.74
N GLY B 112 -6.49 13.31 -4.12
CA GLY B 112 -6.36 14.02 -2.87
C GLY B 112 -5.56 13.23 -1.84
N PRO B 113 -5.20 13.88 -0.74
CA PRO B 113 -4.38 13.22 0.27
C PRO B 113 -5.11 12.07 0.94
N ALA B 114 -4.33 11.11 1.44
CA ALA B 114 -4.84 9.94 2.14
C ALA B 114 -4.69 10.18 3.64
N GLU B 115 -5.75 10.66 4.26
CA GLU B 115 -5.70 11.05 5.67
C GLU B 115 -5.51 9.83 6.56
N ARG B 116 -4.65 9.95 7.56
CA ARG B 116 -4.41 8.88 8.51
C ARG B 116 -5.58 8.78 9.47
N VAL B 117 -6.27 7.63 9.48
CA VAL B 117 -7.46 7.42 10.29
C VAL B 117 -7.39 6.04 10.90
N ASP B 118 -8.17 5.85 11.96
CA ASP B 118 -8.27 4.56 12.63
C ASP B 118 -9.18 3.63 11.83
N ILE B 119 -8.87 2.34 11.85
CA ILE B 119 -9.55 1.36 11.00
C ILE B 119 -10.33 0.43 11.91
N ALA B 120 -11.66 0.47 11.84
CA ALA B 120 -12.48 -0.38 12.69
C ALA B 120 -12.40 -1.83 12.26
N ILE B 121 -12.71 -2.74 13.18
CA ILE B 121 -12.85 -4.16 12.87
C ILE B 121 -14.29 -4.55 13.19
N VAL B 122 -14.99 -5.11 12.22
CA VAL B 122 -16.40 -5.43 12.38
C VAL B 122 -16.69 -6.92 12.37
N GLY B 123 -15.79 -7.74 11.82
CA GLY B 123 -16.00 -9.17 11.79
C GLY B 123 -14.70 -9.91 12.05
N LEU B 124 -14.85 -11.22 12.30
CA LEU B 124 -13.70 -12.05 12.63
C LEU B 124 -14.13 -13.51 12.54
N SER B 125 -13.23 -14.36 12.08
CA SER B 125 -13.49 -15.79 11.97
C SER B 125 -12.18 -16.55 12.14
N THR B 126 -12.28 -17.73 12.78
CA THR B 126 -11.12 -18.52 13.14
C THR B 126 -11.33 -19.98 12.76
N ARG B 127 -10.25 -20.65 12.38
CA ARG B 127 -10.23 -22.10 12.19
C ARG B 127 -8.95 -22.66 12.81
N PHE B 128 -8.69 -22.28 14.05
CA PHE B 128 -7.44 -22.57 14.73
C PHE B 128 -7.27 -24.06 15.01
N PRO B 129 -6.03 -24.52 15.26
CA PRO B 129 -5.74 -25.96 15.27
C PRO B 129 -6.15 -26.68 16.54
N GLY B 130 -7.14 -26.16 17.25
CA GLY B 130 -7.43 -26.65 18.58
C GLY B 130 -8.08 -25.60 19.47
N GLU B 131 -8.20 -24.38 18.96
CA GLU B 131 -9.07 -23.39 19.60
C GLU B 131 -10.48 -23.38 19.00
N MET B 132 -10.77 -24.30 18.09
CA MET B 132 -12.11 -24.52 17.56
C MET B 132 -12.52 -23.45 16.55
N ASN B 133 -13.69 -23.62 15.93
CA ASN B 133 -14.01 -23.00 14.65
C ASN B 133 -14.99 -21.82 14.76
N THR B 134 -15.15 -21.23 15.94
CA THR B 134 -15.98 -20.05 16.09
C THR B 134 -15.26 -19.06 17.00
N PRO B 135 -15.55 -17.77 16.87
CA PRO B 135 -14.98 -16.82 17.84
C PRO B 135 -15.83 -16.71 19.10
N GLU B 136 -16.34 -17.84 19.57
CA GLU B 136 -16.90 -17.95 20.91
C GLU B 136 -16.37 -19.23 21.55
N GLN B 137 -16.08 -20.23 20.71
CA GLN B 137 -15.33 -21.39 21.17
C GLN B 137 -13.87 -21.02 21.39
N THR B 138 -13.33 -20.16 20.53
CA THR B 138 -11.95 -19.71 20.67
C THR B 138 -11.76 -18.96 21.99
N TRP B 139 -12.72 -18.10 22.34
CA TRP B 139 -12.61 -17.37 23.59
C TRP B 139 -12.70 -18.30 24.79
N GLN B 140 -13.57 -19.31 24.73
CA GLN B 140 -13.66 -20.26 25.82
C GLN B 140 -12.35 -21.03 25.98
N ALA B 141 -11.77 -21.46 24.86
CA ALA B 141 -10.51 -22.19 24.92
C ALA B 141 -9.38 -21.32 25.47
N LEU B 142 -9.35 -20.05 25.07
CA LEU B 142 -8.33 -19.14 25.60
C LEU B 142 -8.52 -18.90 27.09
N LEU B 143 -9.75 -18.61 27.51
CA LEU B 143 -10.01 -18.27 28.90
C LEU B 143 -9.75 -19.45 29.82
N GLU B 144 -10.13 -20.66 29.41
CA GLU B 144 -9.78 -21.83 30.20
C GLU B 144 -8.31 -22.15 30.05
N GLY B 145 -7.81 -22.10 28.82
CA GLY B 145 -6.43 -22.46 28.53
C GLY B 145 -6.33 -23.86 27.97
N ARG B 146 -6.18 -23.98 26.66
CA ARG B 146 -6.15 -25.28 26.01
C ARG B 146 -4.84 -25.48 25.25
N ASP B 147 -4.64 -26.72 24.81
CA ASP B 147 -3.45 -27.10 24.06
C ASP B 147 -3.90 -27.89 22.83
N GLY B 148 -3.53 -27.42 21.65
CA GLY B 148 -4.02 -28.02 20.42
C GLY B 148 -3.03 -28.93 19.73
N ILE B 149 -2.00 -29.36 20.43
CA ILE B 149 -0.92 -30.17 19.86
C ILE B 149 -1.27 -31.64 20.02
N THR B 150 -1.29 -32.37 18.91
CA THR B 150 -1.52 -33.80 18.91
C THR B 150 -0.55 -34.46 17.95
N ASP B 151 -0.59 -35.79 17.91
CA ASP B 151 0.20 -36.57 16.96
C ASP B 151 -0.55 -36.69 15.65
N LEU B 152 0.14 -37.21 14.62
CA LEU B 152 -0.42 -37.37 13.29
C LEU B 152 -1.74 -38.12 13.33
N PRO B 153 -2.86 -37.45 13.05
CA PRO B 153 -4.16 -38.14 13.10
C PRO B 153 -4.29 -39.13 11.94
N ASP B 154 -4.91 -40.27 12.24
CA ASP B 154 -5.12 -41.38 11.31
C ASP B 154 -3.97 -41.49 10.31
N GLY B 155 -4.28 -41.39 9.02
CA GLY B 155 -3.27 -41.20 8.01
C GLY B 155 -3.43 -39.86 7.33
N ARG B 156 -2.52 -38.93 7.61
CA ARG B 156 -2.57 -37.61 7.01
C ARG B 156 -1.56 -37.44 5.88
N TRP B 157 -0.38 -38.01 6.02
CA TRP B 157 0.53 -38.17 4.90
C TRP B 157 0.22 -39.42 4.08
N SER B 158 -1.00 -39.96 4.19
CA SER B 158 -1.33 -41.21 3.53
C SER B 158 -1.37 -41.01 2.02
N GLU B 159 -0.25 -41.36 1.37
CA GLU B 159 0.12 -40.98 0.01
C GLU B 159 1.64 -41.01 -0.05
N PHE B 160 2.28 -40.20 0.78
CA PHE B 160 3.72 -40.26 1.00
C PHE B 160 4.10 -41.27 2.07
N LEU B 161 3.13 -41.83 2.78
CA LEU B 161 3.41 -42.88 3.75
C LEU B 161 3.95 -44.14 3.08
N GLU B 162 3.82 -44.25 1.77
CA GLU B 162 4.48 -45.29 0.98
C GLU B 162 5.95 -44.92 0.83
N GLU B 163 6.65 -45.56 -0.12
CA GLU B 163 8.10 -45.41 -0.23
C GLU B 163 8.72 -45.73 1.12
N PRO B 164 8.78 -47.01 1.49
CA PRO B 164 8.92 -47.38 2.91
C PRO B 164 10.07 -46.72 3.65
N ARG B 165 10.98 -46.03 2.96
CA ARG B 165 12.00 -45.26 3.66
C ARG B 165 11.49 -43.92 4.16
N LEU B 166 10.54 -43.29 3.46
CA LEU B 166 9.90 -42.09 4.00
C LEU B 166 9.17 -42.41 5.29
N ALA B 167 8.67 -43.63 5.44
CA ALA B 167 8.01 -44.04 6.68
C ALA B 167 8.97 -43.98 7.86
N ALA B 168 10.22 -44.39 7.64
CA ALA B 168 11.21 -44.37 8.71
C ALA B 168 11.49 -42.96 9.19
N ARG B 169 11.64 -42.01 8.26
CA ARG B 169 11.91 -40.63 8.64
C ARG B 169 10.69 -39.87 9.09
N VAL B 170 9.48 -40.37 8.79
CA VAL B 170 8.29 -39.85 9.47
C VAL B 170 8.32 -40.20 10.94
N ALA B 171 8.73 -41.43 11.27
CA ALA B 171 8.85 -41.90 12.64
C ALA B 171 10.22 -41.58 13.23
N GLY B 172 11.02 -40.80 12.51
CA GLY B 172 12.30 -40.36 13.03
C GLY B 172 12.32 -38.86 13.27
N ALA B 173 11.55 -38.13 12.47
CA ALA B 173 11.44 -36.69 12.66
C ALA B 173 10.37 -36.37 13.70
N ARG B 174 10.55 -35.25 14.40
CA ARG B 174 9.56 -34.80 15.36
C ARG B 174 8.29 -34.37 14.65
N THR B 175 7.26 -35.20 14.70
CA THR B 175 6.05 -35.01 13.90
C THR B 175 4.86 -34.52 14.69
N ARG B 176 5.01 -34.24 15.99
CA ARG B 176 3.90 -33.68 16.74
C ARG B 176 3.69 -32.21 16.37
N GLY B 177 2.55 -31.69 16.78
CA GLY B 177 2.21 -30.31 16.48
C GLY B 177 0.71 -30.13 16.41
N GLY B 178 0.31 -28.96 15.94
CA GLY B 178 -1.09 -28.63 15.83
C GLY B 178 -1.65 -29.11 14.50
N TYR B 179 -2.72 -29.89 14.54
CA TYR B 179 -3.39 -30.36 13.34
C TYR B 179 -4.86 -29.99 13.39
N LEU B 180 -5.48 -30.01 12.22
CA LEU B 180 -6.87 -29.59 12.05
C LEU B 180 -7.65 -30.74 11.45
N LYS B 181 -8.67 -31.21 12.15
CA LYS B 181 -9.50 -32.30 11.65
C LYS B 181 -10.28 -31.85 10.42
N ASP B 182 -10.49 -32.78 9.50
CA ASP B 182 -11.28 -32.54 8.29
C ASP B 182 -10.69 -31.43 7.43
N ILE B 183 -9.49 -31.64 6.91
CA ILE B 183 -8.96 -30.78 5.86
C ILE B 183 -9.67 -31.01 4.52
N LYS B 184 -9.94 -32.27 4.19
CA LYS B 184 -10.71 -32.58 3.00
C LYS B 184 -12.19 -32.35 3.28
N GLY B 185 -12.75 -31.30 2.68
CA GLY B 185 -14.16 -31.02 2.84
C GLY B 185 -14.56 -29.76 2.12
N PHE B 186 -15.63 -29.84 1.34
CA PHE B 186 -16.06 -28.73 0.50
C PHE B 186 -17.50 -28.95 0.07
N ASP B 187 -18.33 -27.93 0.27
CA ASP B 187 -19.72 -27.98 -0.19
C ASP B 187 -19.74 -27.41 -1.60
N SER B 188 -19.35 -28.26 -2.56
CA SER B 188 -19.09 -27.83 -3.92
C SER B 188 -20.32 -27.24 -4.62
N GLU B 189 -21.52 -27.67 -4.26
CA GLU B 189 -22.72 -27.07 -4.85
C GLU B 189 -23.01 -25.69 -4.28
N PHE B 190 -22.58 -25.42 -3.05
CA PHE B 190 -22.66 -24.06 -2.52
C PHE B 190 -21.76 -23.11 -3.31
N PHE B 191 -20.55 -23.56 -3.63
CA PHE B 191 -19.56 -22.71 -4.27
C PHE B 191 -19.44 -22.95 -5.76
N ALA B 192 -20.38 -23.71 -6.35
CA ALA B 192 -20.56 -23.78 -7.80
C ALA B 192 -19.30 -24.29 -8.50
N VAL B 193 -18.73 -25.37 -7.98
CA VAL B 193 -17.57 -26.01 -8.60
C VAL B 193 -17.93 -27.46 -8.89
N ALA B 194 -17.66 -27.91 -10.11
CA ALA B 194 -17.95 -29.28 -10.48
C ALA B 194 -17.04 -30.24 -9.74
N LYS B 195 -17.46 -31.51 -9.70
CA LYS B 195 -16.68 -32.53 -9.01
C LYS B 195 -15.30 -32.69 -9.62
N THR B 196 -15.21 -32.69 -10.96
CA THR B 196 -13.94 -32.78 -11.65
C THR B 196 -13.05 -31.57 -11.42
N GLU B 197 -13.62 -30.44 -11.00
CA GLU B 197 -12.83 -29.25 -10.69
C GLU B 197 -12.55 -29.12 -9.20
N ALA B 198 -13.52 -29.47 -8.35
CA ALA B 198 -13.41 -29.22 -6.92
C ALA B 198 -12.28 -30.00 -6.26
N ASP B 199 -11.74 -31.02 -6.92
CA ASP B 199 -10.61 -31.77 -6.37
C ASP B 199 -9.26 -31.27 -6.86
N ASN B 200 -9.23 -30.48 -7.93
CA ASN B 200 -8.00 -29.88 -8.41
C ASN B 200 -7.71 -28.53 -7.75
N ILE B 201 -8.71 -27.95 -7.09
CA ILE B 201 -8.58 -26.73 -6.30
C ILE B 201 -7.96 -27.13 -4.98
N ASP B 202 -7.59 -26.13 -4.16
CA ASP B 202 -7.62 -26.33 -2.71
C ASP B 202 -6.30 -26.90 -2.21
N PRO B 203 -6.12 -27.11 -0.89
CA PRO B 203 -7.04 -26.91 0.25
C PRO B 203 -6.96 -25.55 0.91
N GLN B 204 -6.01 -24.69 0.54
CA GLN B 204 -5.98 -23.37 1.17
C GLN B 204 -7.12 -22.51 0.65
N GLN B 205 -7.57 -22.75 -0.58
CA GLN B 205 -8.66 -21.94 -1.14
C GLN B 205 -10.02 -22.35 -0.58
N ARG B 206 -10.22 -23.63 -0.25
CA ARG B 206 -11.40 -23.98 0.54
C ARG B 206 -11.46 -23.17 1.82
N MET B 207 -10.36 -23.17 2.58
CA MET B 207 -10.35 -22.47 3.85
C MET B 207 -10.58 -20.97 3.65
N ALA B 208 -9.96 -20.38 2.63
CA ALA B 208 -10.20 -18.97 2.37
C ALA B 208 -11.65 -18.68 2.01
N LEU B 209 -12.26 -19.50 1.13
CA LEU B 209 -13.62 -19.26 0.69
C LEU B 209 -14.61 -19.42 1.85
N GLU B 210 -14.41 -20.42 2.70
CA GLU B 210 -15.31 -20.64 3.82
C GLU B 210 -15.11 -19.59 4.91
N LEU B 211 -13.86 -19.19 5.16
CA LEU B 211 -13.59 -18.21 6.19
C LEU B 211 -14.12 -16.84 5.80
N THR B 212 -14.10 -16.50 4.51
CA THR B 212 -14.71 -15.24 4.10
C THR B 212 -16.20 -15.22 4.43
N TRP B 213 -16.89 -16.33 4.13
CA TRP B 213 -18.31 -16.44 4.43
C TRP B 213 -18.57 -16.31 5.93
N GLU B 214 -17.79 -17.03 6.74
CA GLU B 214 -17.99 -16.99 8.18
C GLU B 214 -17.70 -15.61 8.75
N ALA B 215 -16.66 -14.94 8.27
CA ALA B 215 -16.37 -13.58 8.75
C ALA B 215 -17.50 -12.63 8.37
N LEU B 216 -18.01 -12.73 7.15
CA LEU B 216 -19.11 -11.85 6.74
C LEU B 216 -20.37 -12.13 7.54
N GLU B 217 -20.61 -13.39 7.91
CA GLU B 217 -21.77 -13.69 8.75
C GLU B 217 -21.57 -13.13 10.16
N HIS B 218 -20.37 -13.26 10.71
CA HIS B 218 -20.11 -12.74 12.05
C HIS B 218 -20.22 -11.23 12.09
N ALA B 219 -19.77 -10.54 11.04
CA ALA B 219 -19.90 -9.09 11.00
C ALA B 219 -21.35 -8.63 10.82
N ARG B 220 -22.24 -9.55 10.44
CA ARG B 220 -23.66 -9.25 10.25
C ARG B 220 -23.88 -8.22 9.14
N ILE B 221 -23.19 -8.42 8.02
CA ILE B 221 -23.44 -7.69 6.79
C ILE B 221 -23.88 -8.71 5.73
N PRO B 222 -24.99 -8.50 5.05
CA PRO B 222 -25.45 -9.47 4.05
C PRO B 222 -24.42 -9.69 2.96
N ALA B 223 -24.04 -10.94 2.73
CA ALA B 223 -23.02 -11.24 1.72
C ALA B 223 -23.51 -10.90 0.32
N SER B 224 -24.82 -10.72 0.14
CA SER B 224 -25.40 -10.36 -1.14
C SER B 224 -25.47 -8.85 -1.34
N SER B 225 -25.14 -8.07 -0.31
CA SER B 225 -25.11 -6.62 -0.41
C SER B 225 -23.75 -6.09 -0.84
N LEU B 226 -22.77 -6.98 -1.03
CA LEU B 226 -21.43 -6.58 -1.43
C LEU B 226 -21.07 -7.03 -2.84
N ARG B 227 -21.98 -7.66 -3.57
CA ARG B 227 -21.69 -8.11 -4.93
C ARG B 227 -21.73 -6.93 -5.88
N GLY B 228 -20.61 -6.65 -6.54
CA GLY B 228 -20.52 -5.49 -7.41
C GLY B 228 -20.03 -4.27 -6.67
N GLN B 229 -19.19 -4.47 -5.67
CA GLN B 229 -18.70 -3.39 -4.82
C GLN B 229 -17.19 -3.46 -4.74
N ALA B 230 -16.58 -2.35 -4.34
CA ALA B 230 -15.12 -2.24 -4.21
C ALA B 230 -14.72 -2.81 -2.85
N VAL B 231 -14.42 -4.10 -2.84
CA VAL B 231 -14.03 -4.82 -1.64
C VAL B 231 -12.68 -5.48 -1.91
N GLY B 232 -11.65 -5.03 -1.21
CA GLY B 232 -10.33 -5.60 -1.39
C GLY B 232 -10.15 -6.89 -0.63
N VAL B 233 -9.30 -7.76 -1.19
CA VAL B 233 -9.01 -9.06 -0.58
C VAL B 233 -7.51 -9.27 -0.51
N TYR B 234 -6.90 -8.93 0.63
CA TYR B 234 -5.46 -9.12 0.82
C TYR B 234 -5.26 -10.36 1.67
N ILE B 235 -4.84 -11.45 1.04
CA ILE B 235 -4.67 -12.72 1.70
C ILE B 235 -3.20 -13.10 1.68
N GLY B 236 -2.71 -13.64 2.79
CA GLY B 236 -1.33 -14.06 2.88
C GLY B 236 -1.15 -15.56 2.96
N SER B 237 -0.48 -16.14 1.98
CA SER B 237 -0.14 -17.55 1.94
C SER B 237 1.38 -17.69 1.85
N SER B 238 1.88 -18.89 2.10
CA SER B 238 3.33 -19.08 2.15
C SER B 238 3.84 -20.20 1.25
N THR B 239 3.10 -21.31 1.16
CA THR B 239 3.62 -22.51 0.54
C THR B 239 2.63 -23.09 -0.45
N ASN B 240 3.15 -23.72 -1.49
CA ASN B 240 2.36 -24.44 -2.49
C ASN B 240 2.80 -25.91 -2.44
N ASP B 241 1.98 -26.74 -1.79
CA ASP B 241 2.31 -28.15 -1.64
C ASP B 241 1.26 -29.10 -2.19
N TYR B 242 0.05 -28.63 -2.51
CA TYR B 242 -0.92 -29.47 -3.18
C TYR B 242 -0.55 -29.68 -4.65
N SER B 243 0.26 -28.78 -5.20
CA SER B 243 0.67 -28.91 -6.59
C SER B 243 1.50 -30.17 -6.81
N PHE B 244 2.14 -30.67 -5.74
CA PHE B 244 2.83 -31.95 -5.82
C PHE B 244 1.84 -33.06 -6.12
N LEU B 245 0.72 -33.07 -5.40
CA LEU B 245 -0.34 -34.04 -5.65
C LEU B 245 -0.96 -33.82 -7.02
N ALA B 246 -0.99 -32.57 -7.47
CA ALA B 246 -1.56 -32.25 -8.78
C ALA B 246 -0.85 -32.95 -9.93
N VAL B 247 0.40 -33.35 -9.76
CA VAL B 247 1.16 -34.09 -10.79
C VAL B 247 1.81 -35.28 -10.09
N SER B 248 1.15 -36.43 -10.15
CA SER B 248 1.64 -37.64 -9.52
C SER B 248 1.82 -38.80 -10.49
N ASP B 249 1.07 -38.81 -11.59
CA ASP B 249 1.19 -39.88 -12.59
C ASP B 249 1.87 -39.30 -13.83
N PRO B 250 3.13 -39.64 -14.10
CA PRO B 250 3.77 -39.13 -15.31
C PRO B 250 3.44 -39.97 -16.54
N THR B 251 2.17 -40.35 -16.68
CA THR B 251 1.67 -40.98 -17.89
C THR B 251 0.44 -40.24 -18.42
N VAL B 252 -0.12 -39.33 -17.63
CA VAL B 252 -1.19 -38.44 -18.04
C VAL B 252 -0.89 -37.06 -17.48
N ALA B 253 -1.66 -36.07 -17.94
CA ALA B 253 -1.61 -34.72 -17.40
C ALA B 253 -3.03 -34.21 -17.26
N HIS B 254 -3.21 -33.28 -16.33
CA HIS B 254 -4.57 -32.82 -16.06
C HIS B 254 -4.70 -31.32 -16.31
N PRO B 255 -5.75 -30.90 -16.99
CA PRO B 255 -6.10 -29.48 -17.00
C PRO B 255 -6.63 -29.04 -15.65
N TYR B 256 -7.13 -27.81 -15.55
CA TYR B 256 -7.72 -27.29 -14.32
C TYR B 256 -6.65 -27.12 -13.25
N ALA B 257 -5.40 -27.45 -13.57
CA ALA B 257 -4.31 -27.47 -12.60
C ALA B 257 -3.66 -26.11 -12.38
N ILE B 258 -3.69 -25.23 -13.39
CA ILE B 258 -3.10 -23.91 -13.21
C ILE B 258 -3.94 -23.08 -12.25
N THR B 259 -5.22 -22.90 -12.57
CA THR B 259 -6.11 -22.18 -11.67
C THR B 259 -6.46 -22.98 -10.42
N GLY B 260 -6.14 -24.27 -10.39
CA GLY B 260 -6.49 -25.11 -9.26
C GLY B 260 -5.57 -24.94 -8.08
N THR B 261 -4.25 -24.97 -8.31
CA THR B 261 -3.28 -24.92 -7.23
C THR B 261 -2.31 -23.75 -7.36
N SER B 262 -2.68 -22.70 -8.09
CA SER B 262 -1.84 -21.51 -8.13
C SER B 262 -1.91 -20.78 -6.80
N SER B 263 -0.95 -19.87 -6.59
CA SER B 263 -0.87 -19.11 -5.36
C SER B 263 -1.58 -17.77 -5.43
N SER B 264 -1.53 -17.08 -6.57
CA SER B 264 -2.31 -15.86 -6.73
C SER B 264 -3.80 -16.17 -6.68
N ILE B 265 -4.21 -17.26 -7.33
CA ILE B 265 -5.62 -17.59 -7.47
C ILE B 265 -6.31 -17.81 -6.12
N ILE B 266 -5.54 -17.91 -5.04
CA ILE B 266 -6.14 -18.00 -3.71
C ILE B 266 -6.94 -16.75 -3.40
N ALA B 267 -6.39 -15.57 -3.71
CA ALA B 267 -7.09 -14.32 -3.42
C ALA B 267 -7.93 -13.83 -4.60
N ASN B 268 -7.92 -14.56 -5.71
CA ASN B 268 -8.74 -14.18 -6.85
C ASN B 268 -10.10 -14.88 -6.81
N ARG B 269 -10.11 -16.19 -6.51
CA ARG B 269 -11.36 -16.91 -6.42
C ARG B 269 -12.31 -16.26 -5.42
N VAL B 270 -11.78 -15.81 -4.29
CA VAL B 270 -12.60 -15.11 -3.30
C VAL B 270 -13.25 -13.90 -3.93
N SER B 271 -12.50 -13.12 -4.72
CA SER B 271 -13.08 -11.98 -5.40
C SER B 271 -14.02 -12.39 -6.51
N TYR B 272 -13.83 -13.58 -7.09
CA TYR B 272 -14.68 -14.06 -8.16
C TYR B 272 -16.04 -14.50 -7.64
N PHE B 273 -16.04 -15.42 -6.68
CA PHE B 273 -17.29 -15.99 -6.18
C PHE B 273 -18.18 -14.92 -5.57
N TYR B 274 -17.59 -14.02 -4.79
CA TYR B 274 -18.35 -12.98 -4.10
C TYR B 274 -18.55 -11.74 -4.96
N ASP B 275 -17.96 -11.69 -6.16
CA ASP B 275 -18.09 -10.56 -7.08
C ASP B 275 -17.63 -9.26 -6.43
N PHE B 276 -16.34 -9.24 -6.09
CA PHE B 276 -15.70 -8.08 -5.47
C PHE B 276 -14.89 -7.34 -6.53
N HIS B 277 -15.21 -6.06 -6.73
CA HIS B 277 -14.47 -5.24 -7.67
C HIS B 277 -13.43 -4.36 -6.97
N GLY B 278 -12.44 -4.98 -6.34
CA GLY B 278 -11.44 -4.24 -5.61
C GLY B 278 -10.08 -4.88 -5.67
N PRO B 279 -9.06 -4.18 -5.17
CA PRO B 279 -7.70 -4.73 -5.20
C PRO B 279 -7.59 -6.08 -4.51
N SER B 280 -7.26 -7.11 -5.29
CA SER B 280 -7.18 -8.48 -4.80
C SER B 280 -5.79 -9.02 -5.08
N VAL B 281 -4.97 -9.13 -4.03
CA VAL B 281 -3.58 -9.57 -4.17
C VAL B 281 -3.30 -10.65 -3.12
N THR B 282 -2.22 -11.38 -3.36
CA THR B 282 -1.68 -12.35 -2.41
C THR B 282 -0.33 -11.86 -1.91
N ILE B 283 -0.06 -12.12 -0.63
CA ILE B 283 1.12 -11.59 0.06
C ILE B 283 1.97 -12.74 0.54
N ASP B 284 3.29 -12.55 0.51
CA ASP B 284 4.23 -13.56 0.99
C ASP B 284 5.41 -12.88 1.65
N THR B 285 5.43 -12.87 2.99
CA THR B 285 6.62 -12.46 3.74
C THR B 285 6.94 -13.44 4.86
N ALA B 286 6.74 -14.74 4.61
CA ALA B 286 7.19 -15.84 5.47
C ALA B 286 6.27 -16.06 6.67
N CYS B 287 6.78 -15.82 7.87
CA CYS B 287 6.03 -16.03 9.11
C CYS B 287 5.26 -14.79 9.53
N SER B 288 5.26 -13.75 8.71
CA SER B 288 4.57 -12.52 9.02
C SER B 288 3.54 -12.13 7.96
N SER B 289 3.09 -13.07 7.12
CA SER B 289 2.25 -12.73 5.98
C SER B 289 0.92 -12.11 6.38
N SER B 290 0.27 -12.63 7.42
CA SER B 290 -1.01 -12.10 7.86
C SER B 290 -0.94 -10.66 8.33
N LEU B 291 0.10 -10.30 9.08
CA LEU B 291 0.22 -8.93 9.59
C LEU B 291 0.51 -7.92 8.48
N VAL B 292 1.39 -8.26 7.54
CA VAL B 292 1.64 -7.36 6.42
C VAL B 292 0.40 -7.27 5.53
N ALA B 293 -0.34 -8.37 5.40
CA ALA B 293 -1.61 -8.32 4.67
C ALA B 293 -2.59 -7.36 5.34
N ILE B 294 -2.68 -7.42 6.66
CA ILE B 294 -3.55 -6.49 7.38
C ILE B 294 -3.05 -5.05 7.21
N HIS B 295 -1.73 -4.85 7.24
CA HIS B 295 -1.18 -3.52 7.06
C HIS B 295 -1.53 -2.96 5.68
N GLN B 296 -1.41 -3.79 4.64
CA GLN B 296 -1.75 -3.33 3.30
C GLN B 296 -3.24 -3.11 3.14
N GLY B 297 -4.07 -3.92 3.80
CA GLY B 297 -5.50 -3.64 3.79
C GLY B 297 -5.82 -2.30 4.44
N VAL B 298 -5.14 -2.00 5.55
CA VAL B 298 -5.33 -0.72 6.22
C VAL B 298 -4.91 0.42 5.30
N GLN B 299 -3.77 0.27 4.62
CA GLN B 299 -3.31 1.30 3.71
C GLN B 299 -4.28 1.49 2.54
N ALA B 300 -4.80 0.38 2.01
CA ALA B 300 -5.77 0.47 0.92
C ALA B 300 -7.03 1.19 1.37
N LEU B 301 -7.50 0.90 2.58
CA LEU B 301 -8.66 1.59 3.10
C LEU B 301 -8.38 3.08 3.31
N ARG B 302 -7.16 3.43 3.72
CA ARG B 302 -6.87 4.81 4.06
C ARG B 302 -6.83 5.71 2.83
N ASN B 303 -6.28 5.21 1.71
CA ASN B 303 -6.21 6.00 0.49
C ASN B 303 -7.40 5.76 -0.44
N GLY B 304 -8.49 5.23 0.10
CA GLY B 304 -9.75 5.20 -0.64
C GLY B 304 -9.73 4.38 -1.91
N GLU B 305 -9.09 3.22 -1.88
CA GLU B 305 -9.19 2.31 -3.02
C GLU B 305 -10.36 1.35 -2.84
N ALA B 306 -10.65 0.98 -1.60
CA ALA B 306 -11.77 0.09 -1.27
C ALA B 306 -12.52 0.65 -0.08
N ASP B 307 -13.74 0.15 0.12
CA ASP B 307 -14.56 0.54 1.26
C ASP B 307 -14.60 -0.51 2.35
N VAL B 308 -14.62 -1.79 2.01
CA VAL B 308 -14.51 -2.89 2.97
C VAL B 308 -13.39 -3.79 2.48
N VAL B 309 -12.61 -4.32 3.42
CA VAL B 309 -11.46 -5.15 3.06
C VAL B 309 -11.50 -6.43 3.87
N VAL B 310 -11.35 -7.56 3.20
CA VAL B 310 -11.17 -8.82 3.91
C VAL B 310 -9.69 -9.16 3.94
N ALA B 311 -9.14 -9.30 5.14
CA ALA B 311 -7.72 -9.53 5.31
C ALA B 311 -7.53 -10.80 6.14
N GLY B 312 -6.28 -11.25 6.24
CA GLY B 312 -5.99 -12.43 7.03
C GLY B 312 -5.00 -13.36 6.39
N GLY B 313 -5.05 -14.64 6.75
CA GLY B 313 -4.13 -15.60 6.18
C GLY B 313 -4.54 -17.02 6.47
N VAL B 314 -4.00 -17.95 5.67
CA VAL B 314 -4.29 -19.36 5.79
C VAL B 314 -2.98 -20.14 5.73
N ASN B 315 -3.01 -21.38 6.20
CA ASN B 315 -1.87 -22.28 6.14
C ASN B 315 -2.34 -23.72 6.30
N ALA B 316 -1.75 -24.61 5.50
CA ALA B 316 -2.09 -26.02 5.53
C ALA B 316 -0.83 -26.85 5.44
N LEU B 317 -0.84 -28.00 6.12
CA LEU B 317 0.29 -28.92 6.14
C LEU B 317 -0.10 -30.16 5.33
N ILE B 318 0.45 -30.27 4.12
CA ILE B 318 0.10 -31.35 3.22
C ILE B 318 1.21 -32.38 3.06
N THR B 319 2.47 -31.96 2.99
CA THR B 319 3.59 -32.86 2.75
C THR B 319 4.50 -32.88 3.97
N PRO B 320 5.10 -34.03 4.26
CA PRO B 320 6.12 -34.08 5.32
C PRO B 320 7.47 -33.56 4.88
N MET B 321 7.62 -33.18 3.62
CA MET B 321 8.90 -32.70 3.12
C MET B 321 9.33 -31.42 3.81
N VAL B 322 8.40 -30.49 4.02
CA VAL B 322 8.73 -29.24 4.69
C VAL B 322 9.08 -29.49 6.15
N THR B 323 8.33 -30.38 6.81
CA THR B 323 8.67 -30.74 8.19
C THR B 323 10.03 -31.41 8.27
N LEU B 324 10.31 -32.31 7.33
CA LEU B 324 11.61 -32.98 7.32
C LEU B 324 12.73 -31.97 7.11
N GLY B 325 12.54 -31.02 6.20
CA GLY B 325 13.55 -29.99 6.00
C GLY B 325 13.75 -29.12 7.23
N PHE B 326 12.65 -28.76 7.90
CA PHE B 326 12.76 -27.98 9.13
C PHE B 326 13.48 -28.77 10.21
N ASP B 327 13.38 -30.09 10.16
CA ASP B 327 14.08 -30.92 11.14
C ASP B 327 15.59 -30.81 10.99
N GLU B 328 16.09 -30.78 9.76
CA GLU B 328 17.53 -30.81 9.50
C GLU B 328 18.08 -29.39 9.39
N ILE B 329 17.91 -28.65 10.48
CA ILE B 329 18.53 -27.33 10.62
C ILE B 329 19.33 -27.34 11.92
N GLY B 330 18.94 -28.21 12.84
CA GLY B 330 19.60 -28.33 14.12
C GLY B 330 18.61 -28.53 15.25
N ALA B 331 18.70 -27.71 16.29
CA ALA B 331 17.74 -27.72 17.40
C ALA B 331 16.78 -26.56 17.18
N VAL B 332 15.80 -26.79 16.30
CA VAL B 332 14.76 -25.79 16.03
C VAL B 332 13.36 -26.32 16.27
N LEU B 333 13.18 -27.65 16.30
CA LEU B 333 11.87 -28.24 16.50
C LEU B 333 11.85 -28.92 17.87
N ALA B 334 10.85 -28.59 18.67
CA ALA B 334 10.81 -29.06 20.04
C ALA B 334 10.59 -30.58 20.08
N PRO B 335 11.39 -31.31 20.87
CA PRO B 335 11.08 -32.74 21.08
C PRO B 335 9.72 -32.95 21.71
N ASP B 336 9.32 -32.06 22.61
CA ASP B 336 8.03 -32.20 23.29
C ASP B 336 6.88 -31.96 22.32
N GLY B 337 7.05 -31.02 21.40
CA GLY B 337 5.96 -30.58 20.55
C GLY B 337 5.22 -29.36 21.06
N ARG B 338 5.65 -28.77 22.18
CA ARG B 338 5.03 -27.59 22.76
C ARG B 338 6.01 -26.43 22.71
N ILE B 339 5.46 -25.22 22.89
CA ILE B 339 6.24 -23.99 22.80
C ILE B 339 6.07 -23.22 24.11
N LYS B 340 7.19 -22.94 24.77
CA LYS B 340 7.20 -22.16 26.01
C LYS B 340 7.97 -20.87 25.72
N SER B 341 7.23 -19.78 25.49
CA SER B 341 7.85 -18.52 25.13
C SER B 341 8.31 -17.76 26.36
N PHE B 342 9.53 -17.23 26.31
CA PHE B 342 10.10 -16.40 27.36
C PHE B 342 10.14 -17.14 28.70
N SER B 343 10.40 -18.44 28.64
CA SER B 343 10.43 -19.29 29.83
C SER B 343 11.85 -19.81 30.07
N ALA B 344 12.05 -20.39 31.24
CA ALA B 344 13.33 -21.00 31.56
C ALA B 344 13.63 -22.16 30.65
N ASP B 345 12.60 -22.86 30.18
CA ASP B 345 12.76 -23.98 29.27
C ASP B 345 12.22 -23.62 27.88
N ALA B 346 13.03 -23.90 26.87
CA ALA B 346 12.64 -23.68 25.48
C ALA B 346 13.56 -24.45 24.55
N ASP B 347 12.99 -25.33 23.72
CA ASP B 347 13.79 -26.16 22.83
C ASP B 347 13.24 -26.23 21.41
N GLY B 348 12.47 -25.23 20.98
CA GLY B 348 11.97 -25.18 19.62
C GLY B 348 10.46 -25.02 19.58
N TYR B 349 9.97 -24.78 18.37
CA TYR B 349 8.55 -24.62 18.10
C TYR B 349 8.03 -25.85 17.38
N THR B 350 6.77 -25.78 16.96
CA THR B 350 6.15 -26.82 16.15
C THR B 350 5.23 -26.17 15.13
N ARG B 351 4.99 -26.86 14.03
CA ARG B 351 4.25 -26.28 12.91
C ARG B 351 2.80 -26.72 12.94
N SER B 352 1.89 -25.76 12.78
CA SER B 352 0.47 -26.01 12.82
C SER B 352 -0.20 -25.50 11.55
N GLU B 353 -1.45 -25.91 11.35
CA GLU B 353 -2.25 -25.47 10.22
C GLU B 353 -3.52 -24.79 10.73
N GLY B 354 -4.06 -23.89 9.93
CA GLY B 354 -5.22 -23.13 10.33
C GLY B 354 -5.37 -21.89 9.48
N GLY B 355 -6.04 -20.90 10.06
CA GLY B 355 -6.26 -19.66 9.35
C GLY B 355 -7.15 -18.68 10.07
N GLY B 356 -7.08 -17.41 9.69
CA GLY B 356 -7.91 -16.38 10.29
C GLY B 356 -8.24 -15.32 9.27
N MET B 357 -9.35 -14.63 9.51
CA MET B 357 -9.83 -13.60 8.60
C MET B 357 -10.41 -12.46 9.42
N LEU B 358 -10.35 -11.25 8.86
CA LEU B 358 -10.83 -10.06 9.54
C LEU B 358 -11.50 -9.15 8.52
N VAL B 359 -12.66 -8.61 8.86
CA VAL B 359 -13.38 -7.68 8.00
C VAL B 359 -13.08 -6.26 8.48
N LEU B 360 -12.22 -5.56 7.75
CA LEU B 360 -11.83 -4.20 8.08
C LEU B 360 -12.70 -3.20 7.34
N LYS B 361 -12.99 -2.10 8.02
CA LYS B 361 -13.85 -1.04 7.54
C LYS B 361 -13.38 0.25 8.19
N ARG B 362 -13.54 1.35 7.46
CA ARG B 362 -13.21 2.64 8.07
C ARG B 362 -14.17 2.91 9.23
N VAL B 363 -13.65 3.60 10.24
CA VAL B 363 -14.45 3.83 11.45
C VAL B 363 -15.68 4.68 11.17
N ASP B 364 -15.54 5.70 10.32
CA ASP B 364 -16.71 6.50 9.94
C ASP B 364 -17.72 5.65 9.17
N ASP B 365 -17.23 4.76 8.29
CA ASP B 365 -18.14 3.88 7.57
C ASP B 365 -18.86 2.94 8.52
N ALA B 366 -18.16 2.40 9.51
CA ALA B 366 -18.78 1.52 10.48
C ALA B 366 -19.76 2.23 11.41
N ARG B 367 -19.54 3.52 11.69
CA ARG B 367 -20.53 4.26 12.45
C ARG B 367 -21.77 4.60 11.61
N ARG B 368 -21.55 5.00 10.36
CA ARG B 368 -22.68 5.38 9.51
C ARG B 368 -23.60 4.19 9.24
N ASP B 369 -23.02 3.02 8.99
CA ASP B 369 -23.79 1.82 8.67
C ASP B 369 -24.28 1.09 9.91
N GLY B 370 -24.06 1.64 11.09
CA GLY B 370 -24.63 1.08 12.30
C GLY B 370 -24.16 -0.31 12.65
N ASP B 371 -22.88 -0.61 12.45
CA ASP B 371 -22.31 -1.90 12.82
C ASP B 371 -21.70 -1.84 14.20
N ALA B 372 -21.41 -3.00 14.75
CA ALA B 372 -20.83 -3.13 16.08
C ALA B 372 -19.32 -3.28 15.93
N ILE B 373 -18.58 -2.30 16.44
CA ILE B 373 -17.12 -2.29 16.32
C ILE B 373 -16.56 -3.15 17.45
N LEU B 374 -15.69 -4.10 17.09
CA LEU B 374 -15.04 -4.92 18.11
C LEU B 374 -13.80 -4.24 18.66
N ALA B 375 -12.90 -3.80 17.78
CA ALA B 375 -11.70 -3.08 18.16
C ALA B 375 -11.21 -2.29 16.96
N VAL B 376 -10.47 -1.22 17.22
CA VAL B 376 -9.94 -0.41 16.15
C VAL B 376 -8.44 -0.64 16.05
N ILE B 377 -7.91 -0.47 14.85
CA ILE B 377 -6.48 -0.51 14.59
C ILE B 377 -6.02 0.92 14.41
N ALA B 378 -5.07 1.35 15.25
CA ALA B 378 -4.62 2.74 15.21
C ALA B 378 -3.52 2.96 14.18
N GLY B 379 -2.62 2.01 14.02
CA GLY B 379 -1.56 2.14 13.05
C GLY B 379 -0.72 0.88 13.02
N SER B 380 0.17 0.82 12.04
CA SER B 380 1.02 -0.35 11.89
C SER B 380 2.26 0.03 11.08
N ALA B 381 3.25 -0.85 11.11
CA ALA B 381 4.49 -0.64 10.39
C ALA B 381 5.07 -1.98 9.97
N VAL B 382 5.96 -1.94 9.00
CA VAL B 382 6.64 -3.13 8.47
C VAL B 382 7.98 -2.70 7.91
N ASN B 383 8.98 -3.56 8.05
CA ASN B 383 10.30 -3.28 7.52
C ASN B 383 11.07 -4.59 7.36
N HIS B 384 12.37 -4.48 7.14
CA HIS B 384 13.28 -5.61 7.09
C HIS B 384 14.38 -5.38 8.12
N ASP B 385 15.32 -6.32 8.24
CA ASP B 385 16.34 -6.26 9.27
C ASP B 385 17.76 -6.30 8.72
N GLY B 386 17.94 -6.34 7.40
CA GLY B 386 19.27 -6.30 6.81
C GLY B 386 20.16 -7.45 7.22
N ARG B 387 21.32 -7.14 7.78
CA ARG B 387 22.22 -8.13 8.38
C ARG B 387 22.47 -7.71 9.83
N SER B 388 21.97 -8.46 10.83
CA SER B 388 21.35 -9.80 10.74
C SER B 388 22.29 -10.84 10.17
N ASN B 389 23.32 -11.18 10.94
CA ASN B 389 24.39 -12.07 10.49
C ASN B 389 23.85 -13.48 10.29
N GLY B 390 23.34 -13.74 9.09
CA GLY B 390 22.62 -14.95 8.81
C GLY B 390 21.22 -14.61 8.36
N LEU B 391 20.69 -15.35 7.38
CA LEU B 391 19.37 -15.05 6.84
C LEU B 391 18.29 -15.20 7.91
N ILE B 392 18.50 -16.11 8.86
CA ILE B 392 17.45 -16.47 9.82
C ILE B 392 17.84 -16.06 11.23
N ALA B 393 18.60 -14.97 11.35
CA ALA B 393 19.00 -14.45 12.65
C ALA B 393 18.34 -13.11 12.91
N PRO B 394 17.74 -12.91 14.09
CA PRO B 394 17.01 -11.66 14.36
C PRO B 394 17.96 -10.50 14.61
N ASN B 395 17.36 -9.31 14.74
CA ASN B 395 18.08 -8.09 15.06
C ASN B 395 17.32 -7.31 16.12
N GLN B 396 18.05 -6.48 16.86
CA GLN B 396 17.46 -5.66 17.90
C GLN B 396 17.05 -4.27 17.40
N ASP B 397 17.97 -3.58 16.72
CA ASP B 397 17.67 -2.22 16.27
C ASP B 397 16.57 -2.22 15.22
N ALA B 398 16.52 -3.25 14.39
CA ALA B 398 15.46 -3.37 13.39
C ALA B 398 14.09 -3.47 14.06
N GLN B 399 13.95 -4.37 15.03
CA GLN B 399 12.67 -4.53 15.71
C GLN B 399 12.31 -3.29 16.52
N ALA B 400 13.30 -2.63 17.13
CA ALA B 400 13.03 -1.37 17.79
C ALA B 400 12.54 -0.31 16.80
N ASP B 401 13.10 -0.30 15.60
CA ASP B 401 12.63 0.62 14.57
C ASP B 401 11.19 0.30 14.16
N VAL B 402 10.87 -0.98 14.03
CA VAL B 402 9.49 -1.37 13.74
C VAL B 402 8.55 -0.84 14.82
N LEU B 403 8.92 -1.03 16.08
CA LEU B 403 8.09 -0.59 17.18
C LEU B 403 7.90 0.93 17.14
N ARG B 404 9.00 1.67 16.95
CA ARG B 404 8.91 3.12 16.94
C ARG B 404 8.07 3.64 15.78
N ARG B 405 8.26 3.08 14.58
CA ARG B 405 7.49 3.52 13.44
C ARG B 405 6.02 3.18 13.58
N ALA B 406 5.71 1.99 14.10
CA ALA B 406 4.32 1.61 14.31
C ALA B 406 3.64 2.52 15.34
N TYR B 407 4.33 2.84 16.43
CA TYR B 407 3.71 3.64 17.46
C TYR B 407 3.65 5.12 17.11
N LYS B 408 4.54 5.60 16.23
CA LYS B 408 4.37 6.95 15.70
C LYS B 408 3.30 7.02 14.63
N ASP B 409 3.11 5.96 13.85
CA ASP B 409 1.96 5.87 12.96
C ASP B 409 0.64 5.86 13.73
N ALA B 410 0.58 5.11 14.82
CA ALA B 410 -0.62 5.04 15.63
C ALA B 410 -0.88 6.34 16.37
N GLY B 411 0.17 7.12 16.64
CA GLY B 411 0.01 8.36 17.38
C GLY B 411 -0.18 8.17 18.86
N ILE B 412 0.40 7.10 19.43
CA ILE B 412 0.31 6.84 20.86
C ILE B 412 1.72 6.78 21.44
N ASP B 413 1.83 6.82 22.76
CA ASP B 413 3.11 6.67 23.44
C ASP B 413 3.32 5.21 23.78
N PRO B 414 4.41 4.59 23.33
CA PRO B 414 4.58 3.14 23.55
C PRO B 414 4.67 2.72 25.01
N ARG B 415 4.82 3.67 25.93
CA ARG B 415 4.95 3.37 27.36
C ARG B 415 3.62 3.40 28.10
N THR B 416 2.51 3.61 27.38
CA THR B 416 1.18 3.48 27.96
C THR B 416 0.50 2.19 27.53
N VAL B 417 1.22 1.30 26.86
CA VAL B 417 0.67 0.04 26.36
C VAL B 417 0.43 -0.90 27.53
N ASP B 418 -0.77 -1.49 27.57
CA ASP B 418 -1.16 -2.35 28.68
C ASP B 418 -0.76 -3.80 28.46
N TYR B 419 -0.67 -4.26 27.22
CA TYR B 419 -0.42 -5.66 26.92
C TYR B 419 0.28 -5.77 25.59
N ILE B 420 1.14 -6.77 25.45
CA ILE B 420 1.93 -6.99 24.24
C ILE B 420 1.86 -8.47 23.89
N GLU B 421 1.15 -8.79 22.82
CA GLU B 421 1.22 -10.14 22.26
C GLU B 421 2.45 -10.25 21.38
N ALA B 422 3.40 -11.08 21.78
CA ALA B 422 4.70 -11.12 21.16
C ALA B 422 4.80 -12.28 20.18
N HIS B 423 5.89 -12.30 19.41
CA HIS B 423 6.14 -13.40 18.50
C HIS B 423 6.33 -14.70 19.26
N GLY B 424 7.24 -14.70 20.23
CA GLY B 424 7.45 -15.79 21.16
C GLY B 424 7.48 -17.20 20.57
N THR B 425 8.47 -17.49 19.73
CA THR B 425 8.58 -18.79 19.10
C THR B 425 9.38 -19.79 19.94
N GLY B 426 9.58 -19.49 21.22
CA GLY B 426 10.25 -20.40 22.12
C GLY B 426 11.64 -20.80 21.70
N THR B 427 12.56 -19.84 21.67
CA THR B 427 13.95 -20.09 21.31
C THR B 427 14.85 -19.50 22.39
N ILE B 428 15.94 -20.22 22.69
CA ILE B 428 16.89 -19.74 23.69
C ILE B 428 17.65 -18.51 23.23
N LEU B 429 17.59 -18.17 21.94
CA LEU B 429 18.32 -17.04 21.39
C LEU B 429 17.39 -15.96 20.87
N GLY B 430 16.32 -16.34 20.17
CA GLY B 430 15.39 -15.34 19.65
C GLY B 430 14.63 -14.63 20.75
N ASP B 431 14.24 -15.36 21.79
CA ASP B 431 13.44 -14.76 22.86
C ASP B 431 14.18 -13.66 23.62
N PRO B 432 15.44 -13.83 24.03
CA PRO B 432 16.15 -12.71 24.68
C PRO B 432 16.24 -11.47 23.81
N ILE B 433 16.47 -11.69 22.51
CA ILE B 433 16.56 -10.57 21.57
C ILE B 433 15.22 -9.84 21.48
N GLU B 434 14.14 -10.60 21.37
CA GLU B 434 12.82 -9.98 21.29
C GLU B 434 12.51 -9.22 22.57
N ALA B 435 12.84 -9.81 23.72
CA ALA B 435 12.56 -9.15 25.00
C ALA B 435 13.36 -7.86 25.14
N GLU B 436 14.63 -7.87 24.76
CA GLU B 436 15.46 -6.67 24.86
C GLU B 436 14.95 -5.59 23.92
N ALA B 437 14.59 -5.96 22.69
CA ALA B 437 14.03 -4.98 21.76
C ALA B 437 12.72 -4.41 22.29
N LEU B 438 11.91 -5.26 22.93
CA LEU B 438 10.65 -4.79 23.50
C LEU B 438 10.90 -3.81 24.63
N GLY B 439 11.85 -4.12 25.51
CA GLY B 439 12.17 -3.28 26.64
C GLY B 439 12.87 -1.99 26.30
N ARG B 440 13.56 -1.92 25.16
CA ARG B 440 14.20 -0.67 24.75
C ARG B 440 13.21 0.39 24.33
N VAL B 441 12.02 0.00 23.87
CA VAL B 441 11.02 0.92 23.34
C VAL B 441 9.80 1.00 24.25
N VAL B 442 9.22 -0.16 24.59
CA VAL B 442 8.02 -0.17 25.41
C VAL B 442 8.35 0.07 26.87
N GLY B 443 9.15 -0.81 27.46
CA GLY B 443 9.51 -0.68 28.86
C GLY B 443 10.71 0.20 29.09
N ARG B 444 10.62 1.46 28.68
CA ARG B 444 11.74 2.40 28.84
C ARG B 444 11.59 3.18 30.14
N GLY B 445 10.48 3.90 30.29
CA GLY B 445 10.27 4.74 31.45
C GLY B 445 9.16 4.29 32.37
N ARG B 446 8.82 3.00 32.31
CA ARG B 446 7.78 2.47 33.17
C ARG B 446 8.20 2.56 34.63
N PRO B 447 7.37 3.14 35.51
CA PRO B 447 7.79 3.41 36.89
C PRO B 447 7.69 2.19 37.80
N ALA B 448 8.09 1.03 37.28
CA ALA B 448 8.35 -0.17 38.09
C ALA B 448 7.11 -0.74 38.75
N ASP B 449 5.97 -0.05 38.60
CA ASP B 449 4.69 -0.54 39.11
C ASP B 449 3.63 -0.55 38.02
N ARG B 450 4.01 -0.22 36.79
CA ARG B 450 3.13 -0.27 35.63
C ARG B 450 3.83 -1.06 34.53
N PRO B 451 4.03 -2.36 34.74
CA PRO B 451 4.75 -3.14 33.73
C PRO B 451 3.85 -3.55 32.58
N ALA B 452 4.47 -3.69 31.41
CA ALA B 452 3.76 -4.22 30.25
C ALA B 452 3.65 -5.73 30.38
N LEU B 453 2.45 -6.25 30.18
CA LEU B 453 2.20 -7.68 30.31
C LEU B 453 2.61 -8.39 29.03
N LEU B 454 3.45 -9.41 29.17
CA LEU B 454 3.85 -10.23 28.04
C LEU B 454 2.80 -11.33 27.84
N GLY B 455 3.10 -12.31 27.00
CA GLY B 455 2.15 -13.37 26.72
C GLY B 455 2.04 -13.63 25.24
N ALA B 456 2.17 -14.89 24.84
CA ALA B 456 2.15 -15.25 23.43
C ALA B 456 1.09 -16.33 23.20
N VAL B 457 0.27 -16.13 22.17
CA VAL B 457 -0.72 -17.13 21.79
C VAL B 457 -0.08 -18.39 21.24
N LYS B 458 1.20 -18.32 20.86
CA LYS B 458 1.91 -19.47 20.30
C LYS B 458 1.98 -20.64 21.26
N THR B 459 1.78 -20.42 22.56
CA THR B 459 1.81 -21.50 23.52
C THR B 459 0.53 -22.31 23.51
N ASN B 460 -0.54 -21.83 22.88
CA ASN B 460 -1.79 -22.58 22.79
C ASN B 460 -1.93 -23.28 21.44
N VAL B 461 -1.65 -22.58 20.35
CA VAL B 461 -1.90 -23.10 19.02
C VAL B 461 -0.63 -23.64 18.37
N GLY B 462 0.53 -23.16 18.79
CA GLY B 462 1.77 -23.46 18.13
C GLY B 462 2.15 -22.37 17.15
N HIS B 463 3.09 -22.70 16.27
CA HIS B 463 3.52 -21.79 15.22
C HIS B 463 2.69 -22.04 13.97
N LEU B 464 1.95 -21.02 13.53
CA LEU B 464 0.99 -21.16 12.45
C LEU B 464 1.52 -20.63 11.12
N GLU B 465 2.82 -20.41 11.02
CA GLU B 465 3.45 -19.89 9.80
C GLU B 465 2.78 -18.62 9.31
N SER B 466 2.35 -18.62 8.05
CA SER B 466 1.77 -17.44 7.43
C SER B 466 0.48 -16.99 8.11
N ALA B 467 -0.24 -17.90 8.75
CA ALA B 467 -1.46 -17.56 9.47
C ALA B 467 -1.20 -17.12 10.89
N ALA B 468 0.06 -17.16 11.33
CA ALA B 468 0.39 -16.85 12.72
C ALA B 468 -0.11 -15.48 13.12
N GLY B 469 0.22 -14.45 12.33
CA GLY B 469 -0.24 -13.11 12.64
C GLY B 469 -1.74 -12.97 12.71
N ALA B 470 -2.48 -13.84 12.00
CA ALA B 470 -3.92 -13.85 12.16
C ALA B 470 -4.32 -14.32 13.55
N ALA B 471 -3.78 -15.46 13.99
CA ALA B 471 -4.21 -16.07 15.24
C ALA B 471 -4.05 -15.10 16.40
N SER B 472 -2.84 -14.54 16.55
CA SER B 472 -2.61 -13.55 17.59
C SER B 472 -3.64 -12.44 17.52
N MET B 473 -3.88 -11.90 16.32
CA MET B 473 -4.85 -10.83 16.18
C MET B 473 -6.19 -11.23 16.79
N ALA B 474 -6.67 -12.44 16.47
CA ALA B 474 -7.95 -12.88 17.01
C ALA B 474 -7.96 -12.75 18.53
N LYS B 475 -6.93 -13.28 19.18
CA LYS B 475 -6.84 -13.18 20.64
C LYS B 475 -6.96 -11.73 21.08
N VAL B 476 -6.14 -10.85 20.50
CA VAL B 476 -6.12 -9.47 20.94
C VAL B 476 -7.46 -8.81 20.70
N VAL B 477 -8.22 -9.27 19.70
CA VAL B 477 -9.55 -8.71 19.51
C VAL B 477 -10.50 -9.23 20.57
N LEU B 478 -10.46 -10.54 20.83
CA LEU B 478 -11.42 -11.12 21.76
C LEU B 478 -11.22 -10.60 23.17
N ALA B 479 -9.97 -10.54 23.62
CA ALA B 479 -9.68 -9.99 24.94
C ALA B 479 -10.07 -8.51 25.02
N LEU B 480 -10.24 -7.85 23.88
CA LEU B 480 -10.66 -6.46 23.88
C LEU B 480 -12.17 -6.30 23.80
N GLN B 481 -12.91 -7.40 23.80
CA GLN B 481 -14.36 -7.32 23.72
C GLN B 481 -14.98 -8.01 24.93
N HIS B 482 -14.32 -9.05 25.43
CA HIS B 482 -14.76 -9.73 26.64
C HIS B 482 -14.17 -9.11 27.90
N ASP B 483 -13.27 -8.13 27.75
CA ASP B 483 -12.69 -7.40 28.87
C ASP B 483 -11.95 -8.31 29.85
N LYS B 484 -11.21 -9.29 29.34
CA LYS B 484 -10.40 -10.19 30.14
C LYS B 484 -9.00 -10.27 29.52
N LEU B 485 -8.18 -11.19 30.01
CA LEU B 485 -6.85 -11.44 29.45
C LEU B 485 -6.52 -12.92 29.59
N PRO B 486 -6.42 -13.66 28.48
CA PRO B 486 -6.16 -15.09 28.59
C PRO B 486 -4.79 -15.35 29.19
N PRO B 487 -4.64 -16.45 29.92
CA PRO B 487 -3.32 -16.80 30.45
C PRO B 487 -2.50 -17.59 29.44
N SER B 488 -1.18 -17.45 29.55
CA SER B 488 -0.26 -18.15 28.68
C SER B 488 0.16 -19.47 29.33
N ILE B 489 -0.16 -20.58 28.67
CA ILE B 489 0.14 -21.90 29.22
C ILE B 489 1.59 -22.26 28.95
N ASN B 490 2.07 -23.34 29.58
CA ASN B 490 3.38 -23.94 29.40
C ASN B 490 4.51 -23.11 29.99
N PHE B 491 4.22 -22.03 30.71
CA PHE B 491 5.27 -21.22 31.29
C PHE B 491 5.73 -21.81 32.61
N ALA B 492 7.03 -22.11 32.71
CA ALA B 492 7.59 -22.72 33.91
C ALA B 492 8.16 -21.66 34.85
N GLY B 493 9.13 -20.90 34.37
CA GLY B 493 9.77 -19.87 35.16
C GLY B 493 10.54 -18.90 34.29
N PRO B 494 10.76 -17.68 34.80
CA PRO B 494 11.47 -16.67 34.01
C PRO B 494 12.86 -17.14 33.63
N SER B 495 13.22 -16.89 32.36
CA SER B 495 14.42 -17.34 31.69
C SER B 495 15.66 -16.65 32.27
N PRO B 496 16.78 -17.38 32.33
CA PRO B 496 18.00 -16.78 32.89
C PRO B 496 18.50 -15.57 32.14
N TYR B 497 18.35 -15.55 30.81
CA TYR B 497 18.92 -14.48 29.98
C TYR B 497 18.01 -13.27 29.85
N ILE B 498 16.88 -13.25 30.55
CA ILE B 498 15.97 -12.10 30.50
C ILE B 498 15.80 -11.55 31.91
N ASP B 499 16.07 -10.26 32.07
CA ASP B 499 15.91 -9.57 33.35
C ASP B 499 14.56 -8.84 33.32
N PHE B 500 13.52 -9.54 33.76
CA PHE B 500 12.16 -9.06 33.58
C PHE B 500 11.91 -7.76 34.34
N ASP B 501 12.32 -7.68 35.60
CA ASP B 501 12.05 -6.49 36.40
C ASP B 501 12.94 -5.32 36.01
N ALA B 502 14.10 -5.59 35.41
CA ALA B 502 14.91 -4.52 34.81
C ALA B 502 14.20 -3.83 33.68
N MET B 503 13.50 -4.59 32.83
CA MET B 503 12.53 -4.05 31.89
C MET B 503 11.18 -3.94 32.59
N ARG B 504 10.11 -3.77 31.82
CA ARG B 504 8.78 -3.72 32.43
C ARG B 504 7.93 -4.89 31.97
N LEU B 505 8.51 -6.09 31.91
CA LEU B 505 7.83 -7.26 31.40
C LEU B 505 7.28 -8.09 32.55
N LYS B 506 6.01 -8.48 32.44
CA LYS B 506 5.33 -9.29 33.44
C LYS B 506 4.52 -10.36 32.72
N MET B 507 5.10 -11.54 32.56
CA MET B 507 4.46 -12.65 31.87
C MET B 507 3.30 -13.17 32.72
N ILE B 508 2.08 -12.94 32.26
CA ILE B 508 0.90 -13.35 33.02
C ILE B 508 0.80 -14.87 33.02
N THR B 509 0.20 -15.41 34.08
CA THR B 509 0.03 -16.84 34.26
C THR B 509 -1.40 -17.26 34.52
N THR B 510 -2.20 -16.40 35.13
CA THR B 510 -3.60 -16.62 35.49
C THR B 510 -4.45 -15.51 34.88
N PRO B 511 -5.68 -15.83 34.44
CA PRO B 511 -6.52 -14.79 33.81
C PRO B 511 -6.68 -13.53 34.64
N THR B 512 -6.14 -12.42 34.15
CA THR B 512 -6.22 -11.15 34.86
C THR B 512 -7.30 -10.26 34.24
N ASP B 513 -7.35 -9.02 34.70
CA ASP B 513 -8.18 -7.98 34.12
C ASP B 513 -7.28 -6.92 33.49
N TRP B 514 -7.88 -6.00 32.78
CA TRP B 514 -7.11 -5.11 31.92
C TRP B 514 -6.44 -4.03 32.75
N PRO B 515 -5.11 -3.91 32.71
CA PRO B 515 -4.39 -2.83 33.40
C PRO B 515 -4.34 -1.56 32.56
N ARG B 516 -5.42 -0.80 32.58
CA ARG B 516 -5.51 0.41 31.76
C ARG B 516 -4.61 1.49 32.35
N TYR B 517 -3.37 1.55 31.87
CA TYR B 517 -2.38 2.50 32.34
C TYR B 517 -2.56 3.88 31.72
N GLY B 518 -3.44 4.02 30.75
CA GLY B 518 -3.70 5.31 30.12
C GLY B 518 -5.18 5.58 29.95
N GLY B 519 -5.98 4.95 30.80
CA GLY B 519 -7.43 5.09 30.71
C GLY B 519 -8.08 3.99 29.90
N TYR B 520 -7.77 3.90 28.62
CA TYR B 520 -8.39 2.91 27.76
C TYR B 520 -7.42 1.76 27.49
N ALA B 521 -7.99 0.61 27.16
CA ALA B 521 -7.21 -0.57 26.87
C ALA B 521 -6.41 -0.39 25.58
N LEU B 522 -5.18 -0.92 25.58
CA LEU B 522 -4.28 -0.81 24.44
C LEU B 522 -3.51 -2.11 24.31
N ALA B 523 -3.08 -2.42 23.09
CA ALA B 523 -2.30 -3.62 22.89
C ALA B 523 -1.50 -3.50 21.61
N GLY B 524 -0.48 -4.36 21.50
CA GLY B 524 0.36 -4.42 20.33
C GLY B 524 0.65 -5.85 19.92
N VAL B 525 0.54 -6.14 18.62
CA VAL B 525 0.80 -7.46 18.09
C VAL B 525 2.07 -7.38 17.25
N SER B 526 3.03 -8.25 17.55
CA SER B 526 4.27 -8.29 16.79
C SER B 526 4.42 -9.64 16.09
N SER B 527 5.09 -9.62 14.94
CA SER B 527 5.34 -10.85 14.22
C SER B 527 6.57 -10.67 13.36
N PHE B 528 7.54 -11.56 13.52
CA PHE B 528 8.81 -11.49 12.79
C PHE B 528 8.99 -12.75 11.96
N GLY B 529 9.14 -12.58 10.66
CA GLY B 529 9.36 -13.69 9.76
C GLY B 529 10.79 -14.19 9.80
N PHE B 530 10.98 -15.38 9.26
CA PHE B 530 12.32 -15.98 9.21
C PHE B 530 13.12 -15.50 8.01
N GLY B 531 12.56 -14.65 7.18
CA GLY B 531 13.31 -14.01 6.11
C GLY B 531 13.81 -12.64 6.54
N GLY B 532 13.27 -12.13 7.63
CA GLY B 532 13.73 -10.86 8.17
C GLY B 532 12.70 -9.75 8.07
N ALA B 533 11.46 -10.10 7.78
CA ALA B 533 10.39 -9.12 7.65
C ALA B 533 9.62 -9.02 8.96
N ASN B 534 9.58 -7.82 9.54
CA ASN B 534 8.98 -7.58 10.85
C ASN B 534 7.73 -6.75 10.67
N ALA B 535 6.68 -7.06 11.44
CA ALA B 535 5.45 -6.30 11.41
C ALA B 535 4.93 -6.11 12.83
N HIS B 536 4.29 -4.96 13.05
CA HIS B 536 3.75 -4.60 14.36
C HIS B 536 2.48 -3.80 14.17
N VAL B 537 1.41 -4.20 14.85
CA VAL B 537 0.09 -3.59 14.71
C VAL B 537 -0.37 -3.12 16.08
N VAL B 538 -0.85 -1.88 16.15
CA VAL B 538 -1.34 -1.30 17.40
C VAL B 538 -2.86 -1.39 17.41
N VAL B 539 -3.40 -2.13 18.38
CA VAL B 539 -4.83 -2.40 18.46
C VAL B 539 -5.36 -1.71 19.71
N ARG B 540 -6.32 -0.82 19.53
CA ARG B 540 -6.95 -0.06 20.60
C ARG B 540 -8.27 -0.73 20.98
N GLU B 541 -9.07 -0.06 21.81
CA GLU B 541 -10.40 -0.51 22.16
C GLU B 541 -11.42 0.52 21.71
N VAL B 542 -12.65 0.07 21.52
CA VAL B 542 -13.71 0.97 21.09
C VAL B 542 -13.89 2.07 22.12
N LEU B 543 -14.13 3.29 21.65
CA LEU B 543 -14.17 4.48 22.48
C LEU B 543 -15.43 5.27 22.19
N PRO B 544 -15.83 6.15 23.10
CA PRO B 544 -17.00 7.01 22.81
C PRO B 544 -16.77 8.00 21.69
N ARG B 545 -15.51 8.30 21.36
CA ARG B 545 -15.24 9.38 20.40
C ARG B 545 -15.65 8.98 18.99
N ASP B 546 -15.73 7.68 18.71
CA ASP B 546 -15.99 7.19 17.36
C ASP B 546 -17.30 6.42 17.33
N VAL B 547 -18.29 6.89 18.08
CA VAL B 547 -19.65 6.37 17.98
C VAL B 547 -20.63 7.53 17.91
N VAL B 548 -20.12 8.75 17.99
CA VAL B 548 -20.94 9.96 17.99
C VAL B 548 -20.48 10.88 16.87
N GLU B 549 -21.44 11.46 16.16
CA GLU B 549 -21.12 12.36 15.06
C GLU B 549 -20.56 13.68 15.57
N LYS B 550 -19.88 14.40 14.69
CA LYS B 550 -19.27 15.68 15.03
C LYS B 550 -20.34 16.72 15.35
N GLU B 596 -40.94 29.10 1.41
CA GLU B 596 -41.84 28.86 2.53
C GLU B 596 -43.01 27.98 2.10
N LEU B 597 -43.77 27.49 3.08
CA LEU B 597 -44.92 26.64 2.79
C LEU B 597 -45.88 26.69 3.96
N PRO B 598 -47.19 26.69 3.73
CA PRO B 598 -48.15 26.72 4.83
C PRO B 598 -48.25 25.38 5.56
N GLY B 599 -47.38 25.15 6.54
CA GLY B 599 -47.41 23.94 7.33
C GLY B 599 -48.72 23.76 8.07
N VAL B 600 -48.77 22.70 8.88
CA VAL B 600 -49.99 22.23 9.54
C VAL B 600 -50.68 23.37 10.28
N THR B 601 -52.01 23.33 10.29
CA THR B 601 -52.80 24.39 10.92
C THR B 601 -52.92 24.16 12.42
N GLU B 602 -53.80 24.92 13.08
CA GLU B 602 -53.97 24.83 14.52
C GLU B 602 -55.01 23.80 14.94
N GLU B 603 -56.06 23.60 14.14
CA GLU B 603 -57.04 22.55 14.44
C GLU B 603 -56.37 21.18 14.41
N ALA B 604 -55.53 20.94 13.41
CA ALA B 604 -54.83 19.68 13.22
C ALA B 604 -54.10 19.27 14.50
N LEU B 605 -53.49 20.23 15.18
CA LEU B 605 -52.83 19.93 16.44
C LEU B 605 -53.81 19.38 17.46
N ARG B 606 -54.99 20.00 17.56
CA ARG B 606 -55.98 19.57 18.55
C ARG B 606 -56.48 18.16 18.25
N LEU B 607 -56.85 17.90 16.99
CA LEU B 607 -57.37 16.59 16.66
C LEU B 607 -56.28 15.53 16.78
N LYS B 608 -55.04 15.86 16.41
CA LYS B 608 -53.94 14.92 16.58
C LYS B 608 -53.71 14.61 18.05
N GLU B 609 -53.78 15.63 18.92
CA GLU B 609 -53.61 15.41 20.35
C GLU B 609 -54.69 14.50 20.89
N ALA B 610 -55.95 14.72 20.47
CA ALA B 610 -57.02 13.85 20.91
C ALA B 610 -56.81 12.41 20.43
N ALA B 611 -56.43 12.26 19.15
CA ALA B 611 -56.29 10.93 18.57
C ALA B 611 -55.15 10.16 19.23
N LEU B 612 -54.07 10.85 19.60
CA LEU B 612 -52.96 10.16 20.25
C LEU B 612 -53.36 9.60 21.61
N GLU B 613 -54.11 10.36 22.40
CA GLU B 613 -54.61 9.84 23.67
C GLU B 613 -55.58 8.68 23.44
N GLU B 614 -56.45 8.80 22.43
CA GLU B 614 -57.36 7.70 22.14
C GLU B 614 -56.60 6.43 21.78
N LEU B 615 -55.51 6.57 21.01
CA LEU B 615 -54.65 5.42 20.72
C LEU B 615 -54.02 4.89 21.99
N ALA B 616 -53.54 5.78 22.87
CA ALA B 616 -52.92 5.39 24.13
C ALA B 616 -53.93 4.95 25.17
N ALA B 617 -55.20 4.84 24.81
CA ALA B 617 -56.24 4.35 25.69
C ALA B 617 -56.89 3.10 25.09
N GLN B 618 -56.05 2.18 24.62
CA GLN B 618 -56.54 0.98 23.94
C GLN B 618 -55.78 -0.25 24.39
N GLU B 619 -55.94 -1.37 23.68
CA GLU B 619 -55.34 -2.63 24.05
C GLU B 619 -53.87 -2.67 23.66
N VAL B 620 -53.15 -3.62 24.26
CA VAL B 620 -51.74 -3.84 23.93
C VAL B 620 -51.66 -4.81 22.76
N THR B 621 -51.63 -4.27 21.55
CA THR B 621 -51.63 -5.10 20.35
C THR B 621 -50.26 -5.76 20.14
N ALA B 622 -50.30 -6.97 19.60
CA ALA B 622 -49.06 -7.68 19.29
C ALA B 622 -48.59 -7.30 17.89
N PRO B 623 -47.39 -6.76 17.73
CA PRO B 623 -46.91 -6.37 16.40
C PRO B 623 -46.63 -7.58 15.53
N LEU B 624 -46.66 -7.36 14.22
CA LEU B 624 -46.39 -8.41 13.25
C LEU B 624 -44.93 -8.34 12.83
N VAL B 625 -44.24 -9.47 12.93
CA VAL B 625 -42.80 -9.55 12.70
C VAL B 625 -42.55 -10.45 11.50
N PRO B 626 -41.80 -10.00 10.50
CA PRO B 626 -41.45 -10.88 9.38
C PRO B 626 -40.20 -11.70 9.65
N LEU B 627 -40.31 -13.02 9.66
CA LEU B 627 -39.14 -13.90 9.73
C LEU B 627 -38.77 -14.29 8.31
N ALA B 628 -37.58 -13.90 7.88
CA ALA B 628 -37.12 -14.09 6.50
C ALA B 628 -36.07 -15.18 6.47
N VAL B 629 -36.38 -16.28 5.79
CA VAL B 629 -35.42 -17.33 5.56
C VAL B 629 -35.04 -17.32 4.08
N SER B 630 -33.78 -17.64 3.79
CA SER B 630 -33.32 -17.57 2.42
C SER B 630 -32.15 -18.52 2.15
N ALA B 631 -32.00 -18.94 0.91
CA ALA B 631 -30.89 -19.79 0.50
C ALA B 631 -30.69 -19.62 -1.00
N PHE B 632 -29.72 -20.33 -1.56
CA PHE B 632 -29.49 -20.34 -2.99
C PHE B 632 -30.27 -21.43 -3.72
N LEU B 633 -30.62 -22.50 -3.02
CA LEU B 633 -31.51 -23.52 -3.54
C LEU B 633 -32.80 -23.52 -2.73
N THR B 634 -33.67 -24.49 -3.03
CA THR B 634 -34.91 -24.64 -2.29
C THR B 634 -34.78 -25.63 -1.14
N SER B 635 -34.05 -26.73 -1.36
CA SER B 635 -33.83 -27.70 -0.29
C SER B 635 -33.08 -27.08 0.87
N ARG B 636 -32.08 -26.24 0.56
CA ARG B 636 -31.36 -25.53 1.61
C ARG B 636 -32.28 -24.61 2.40
N LYS B 637 -33.18 -23.92 1.72
CA LYS B 637 -34.13 -23.03 2.40
C LYS B 637 -35.04 -23.84 3.32
N LYS B 638 -35.53 -24.97 2.84
CA LYS B 638 -36.39 -25.82 3.67
C LYS B 638 -35.66 -26.32 4.90
N ALA B 639 -34.42 -26.80 4.72
CA ALA B 639 -33.65 -27.29 5.85
C ALA B 639 -33.35 -26.19 6.86
N ALA B 640 -33.00 -25.01 6.37
CA ALA B 640 -32.74 -23.89 7.28
C ALA B 640 -33.99 -23.48 8.03
N ALA B 641 -35.15 -23.48 7.37
CA ALA B 641 -36.40 -23.18 8.05
C ALA B 641 -36.70 -24.21 9.13
N ALA B 642 -36.45 -25.48 8.85
CA ALA B 642 -36.66 -26.53 9.85
C ALA B 642 -35.75 -26.32 11.05
N GLU B 643 -34.48 -26.00 10.80
CA GLU B 643 -33.53 -25.78 11.89
C GLU B 643 -33.95 -24.58 12.73
N LEU B 644 -34.36 -23.49 12.09
CA LEU B 644 -34.77 -22.31 12.82
C LEU B 644 -36.02 -22.58 13.65
N ALA B 645 -36.95 -23.36 13.10
CA ALA B 645 -38.15 -23.74 13.85
C ALA B 645 -37.77 -24.57 15.08
N ASP B 646 -36.84 -25.51 14.91
CA ASP B 646 -36.41 -26.33 16.04
C ASP B 646 -35.76 -25.49 17.12
N TRP B 647 -34.88 -24.56 16.72
CA TRP B 647 -34.16 -23.76 17.70
C TRP B 647 -35.11 -22.86 18.49
N MET B 648 -36.20 -22.43 17.85
CA MET B 648 -37.15 -21.52 18.45
C MET B 648 -37.94 -22.14 19.59
N GLN B 649 -37.86 -23.46 19.76
CA GLN B 649 -38.61 -24.16 20.79
C GLN B 649 -37.78 -24.49 22.02
N SER B 650 -36.46 -24.57 21.87
CA SER B 650 -35.57 -24.80 23.01
C SER B 650 -35.58 -23.58 23.93
N PRO B 651 -35.13 -23.75 25.19
CA PRO B 651 -35.22 -22.63 26.14
C PRO B 651 -34.54 -21.35 25.67
N GLU B 652 -33.40 -21.43 25.00
CA GLU B 652 -32.76 -20.23 24.47
C GLU B 652 -33.64 -19.56 23.41
N GLY B 653 -34.24 -20.36 22.53
CA GLY B 653 -35.13 -19.80 21.54
C GLY B 653 -36.39 -19.21 22.16
N GLN B 654 -36.91 -19.86 23.19
CA GLN B 654 -38.10 -19.36 23.86
C GLN B 654 -37.84 -18.07 24.63
N ALA B 655 -36.65 -17.91 25.20
CA ALA B 655 -36.33 -16.72 25.98
C ALA B 655 -36.02 -15.52 25.10
N SER B 656 -35.85 -15.72 23.79
CA SER B 656 -35.44 -14.65 22.88
C SER B 656 -36.65 -13.89 22.39
N SER B 657 -36.53 -12.56 22.34
CA SER B 657 -37.61 -11.73 21.81
C SER B 657 -37.78 -11.98 20.32
N LEU B 658 -39.03 -11.90 19.86
CA LEU B 658 -39.31 -12.13 18.45
C LEU B 658 -38.62 -11.12 17.55
N GLU B 659 -38.61 -9.85 17.96
CA GLU B 659 -37.97 -8.81 17.15
C GLU B 659 -36.48 -9.07 16.99
N SER B 660 -35.82 -9.57 18.03
CA SER B 660 -34.40 -9.87 17.93
C SER B 660 -34.13 -10.98 16.92
N ILE B 661 -34.96 -12.03 16.93
CA ILE B 661 -34.81 -13.10 15.95
C ILE B 661 -35.04 -12.57 14.55
N GLY B 662 -36.07 -11.72 14.39
CA GLY B 662 -36.30 -11.13 13.09
C GLY B 662 -35.14 -10.30 12.60
N ARG B 663 -34.51 -9.53 13.51
CA ARG B 663 -33.36 -8.72 13.14
C ARG B 663 -32.20 -9.60 12.69
N SER B 664 -31.86 -10.60 13.51
CA SER B 664 -30.75 -11.49 13.16
C SER B 664 -31.01 -12.20 11.84
N LEU B 665 -32.27 -12.53 11.55
CA LEU B 665 -32.58 -13.10 10.24
C LEU B 665 -32.48 -12.09 9.12
N SER B 666 -32.83 -10.83 9.38
CA SER B 666 -32.80 -9.81 8.34
C SER B 666 -31.40 -9.32 8.05
N ARG B 667 -30.41 -9.65 8.88
CA ARG B 667 -29.03 -9.29 8.62
C ARG B 667 -28.19 -10.49 8.17
N ARG B 668 -28.77 -11.34 7.34
CA ARG B 668 -28.07 -12.48 6.76
C ARG B 668 -28.11 -12.39 5.24
N ASN B 669 -27.60 -13.44 4.59
CA ASN B 669 -27.56 -13.48 3.14
C ASN B 669 -28.96 -13.63 2.56
N HIS B 670 -29.24 -12.89 1.50
CA HIS B 670 -30.52 -12.97 0.79
C HIS B 670 -30.29 -13.68 -0.53
N GLY B 671 -30.41 -15.01 -0.50
CA GLY B 671 -30.13 -15.84 -1.66
C GLY B 671 -31.22 -15.78 -2.72
N ARG B 672 -31.13 -16.70 -3.68
CA ARG B 672 -32.07 -16.76 -4.79
C ARG B 672 -33.45 -17.20 -4.33
N SER B 673 -33.53 -18.27 -3.55
CA SER B 673 -34.79 -18.75 -3.01
C SER B 673 -35.06 -18.10 -1.67
N ARG B 674 -36.28 -17.59 -1.49
CA ARG B 674 -36.63 -16.82 -0.32
C ARG B 674 -37.97 -17.29 0.23
N ALA B 675 -38.20 -17.00 1.52
CA ALA B 675 -39.47 -17.31 2.16
C ALA B 675 -39.64 -16.38 3.35
N VAL B 676 -40.87 -15.97 3.62
CA VAL B 676 -41.19 -15.08 4.73
C VAL B 676 -42.40 -15.61 5.48
N VAL B 677 -42.29 -15.62 6.80
CA VAL B 677 -43.38 -16.01 7.69
C VAL B 677 -43.70 -14.79 8.53
N LEU B 678 -44.92 -14.28 8.39
CA LEU B 678 -45.35 -13.18 9.25
C LEU B 678 -45.96 -13.74 10.53
N ALA B 679 -45.40 -13.37 11.67
CA ALA B 679 -45.80 -14.00 12.92
C ALA B 679 -46.08 -12.95 13.98
N HIS B 680 -46.94 -13.32 14.92
CA HIS B 680 -47.24 -12.50 16.09
C HIS B 680 -46.59 -13.00 17.37
N ASP B 681 -46.49 -14.32 17.54
CA ASP B 681 -45.82 -14.92 18.68
C ASP B 681 -45.01 -16.11 18.20
N HIS B 682 -44.44 -16.84 19.15
CA HIS B 682 -43.58 -17.96 18.80
C HIS B 682 -44.36 -19.10 18.15
N ASP B 683 -45.58 -19.38 18.63
CA ASP B 683 -46.33 -20.53 18.12
C ASP B 683 -46.69 -20.36 16.66
N GLU B 684 -47.15 -19.16 16.27
CA GLU B 684 -47.45 -18.90 14.86
C GLU B 684 -46.20 -19.04 14.01
N ALA B 685 -45.06 -18.55 14.51
CA ALA B 685 -43.81 -18.66 13.78
C ALA B 685 -43.41 -20.11 13.57
N ILE B 686 -43.57 -20.94 14.61
CA ILE B 686 -43.23 -22.36 14.49
C ILE B 686 -44.14 -23.04 13.48
N LYS B 687 -45.44 -22.73 13.53
CA LYS B 687 -46.37 -23.33 12.58
C LYS B 687 -46.01 -22.95 11.15
N GLY B 688 -45.74 -21.66 10.92
CA GLY B 688 -45.37 -21.22 9.58
C GLY B 688 -44.06 -21.80 9.09
N LEU B 689 -43.07 -21.91 9.98
CA LEU B 689 -41.80 -22.50 9.60
C LEU B 689 -41.94 -23.99 9.28
N ARG B 690 -42.79 -24.69 10.03
CA ARG B 690 -43.09 -26.08 9.68
C ARG B 690 -43.76 -26.17 8.32
N ALA B 691 -44.66 -25.24 8.01
CA ALA B 691 -45.29 -25.22 6.70
C ALA B 691 -44.25 -25.01 5.60
N VAL B 692 -43.32 -24.08 5.83
CA VAL B 692 -42.28 -23.81 4.84
C VAL B 692 -41.40 -25.05 4.64
N ALA B 693 -40.99 -25.67 5.75
CA ALA B 693 -40.11 -26.83 5.67
C ALA B 693 -40.79 -28.00 4.96
N ALA B 694 -42.07 -28.21 5.24
CA ALA B 694 -42.82 -29.31 4.61
C ALA B 694 -43.09 -29.03 3.13
N GLY B 695 -43.79 -27.94 2.84
CA GLY B 695 -44.10 -27.59 1.47
C GLY B 695 -45.50 -27.07 1.28
N LYS B 696 -46.31 -27.14 2.34
CA LYS B 696 -47.67 -26.66 2.27
C LYS B 696 -47.73 -25.14 2.29
N GLN B 697 -48.91 -24.61 1.99
CA GLN B 697 -49.15 -23.18 2.03
C GLN B 697 -49.80 -22.79 3.36
N ALA B 698 -49.95 -21.49 3.56
CA ALA B 698 -50.52 -20.96 4.80
C ALA B 698 -51.10 -19.58 4.50
N PRO B 699 -52.04 -19.10 5.33
CA PRO B 699 -52.68 -17.81 5.04
C PRO B 699 -51.71 -16.63 4.96
N ASN B 700 -50.65 -16.63 5.76
CA ASN B 700 -49.70 -15.51 5.77
C ASN B 700 -48.26 -16.00 5.73
N VAL B 701 -47.97 -16.94 4.84
CA VAL B 701 -46.63 -17.49 4.67
C VAL B 701 -46.35 -17.50 3.17
N PHE B 702 -45.27 -16.83 2.75
CA PHE B 702 -44.92 -16.79 1.34
C PHE B 702 -43.60 -17.51 1.11
N SER B 703 -43.51 -18.21 -0.03
CA SER B 703 -42.29 -18.95 -0.38
C SER B 703 -42.30 -19.17 -1.89
N VAL B 704 -41.30 -18.59 -2.57
CA VAL B 704 -41.14 -18.77 -4.01
C VAL B 704 -39.83 -19.49 -4.28
N ASP B 705 -39.58 -19.80 -5.54
CA ASP B 705 -38.39 -20.55 -5.94
C ASP B 705 -37.32 -19.72 -6.63
N GLY B 706 -37.70 -18.65 -7.33
CA GLY B 706 -36.75 -17.84 -8.04
C GLY B 706 -37.25 -16.43 -8.26
N PRO B 707 -36.33 -15.51 -8.51
CA PRO B 707 -36.73 -14.11 -8.69
C PRO B 707 -37.59 -13.92 -9.94
N VAL B 708 -38.52 -12.98 -9.85
CA VAL B 708 -39.30 -12.60 -11.03
C VAL B 708 -38.44 -11.72 -11.91
N THR B 709 -38.40 -12.04 -13.21
CA THR B 709 -37.46 -11.39 -14.12
C THR B 709 -37.77 -9.91 -14.33
N THR B 710 -39.03 -9.51 -14.29
CA THR B 710 -39.43 -8.15 -14.63
C THR B 710 -39.93 -7.44 -13.38
N GLY B 711 -39.66 -6.14 -13.31
CA GLY B 711 -40.02 -5.35 -12.15
C GLY B 711 -41.52 -5.17 -12.03
N PRO B 712 -41.93 -4.57 -10.92
CA PRO B 712 -43.36 -4.39 -10.66
C PRO B 712 -43.97 -3.32 -11.55
N VAL B 713 -45.30 -3.25 -11.51
CA VAL B 713 -46.07 -2.20 -12.16
C VAL B 713 -46.97 -1.59 -11.10
N TRP B 714 -46.75 -0.30 -10.81
CA TRP B 714 -47.52 0.37 -9.75
C TRP B 714 -48.85 0.82 -10.32
N VAL B 715 -49.93 0.20 -9.86
CA VAL B 715 -51.28 0.49 -10.36
C VAL B 715 -51.89 1.62 -9.54
N LEU B 716 -51.71 2.85 -10.00
CA LEU B 716 -52.21 4.01 -9.26
C LEU B 716 -53.73 4.13 -9.44
N ALA B 717 -54.47 3.34 -8.68
CA ALA B 717 -55.92 3.23 -8.76
C ALA B 717 -56.61 4.20 -7.82
N GLY B 718 -57.87 3.93 -7.51
CA GLY B 718 -58.62 4.79 -6.60
C GLY B 718 -59.96 5.27 -7.11
N PHE B 719 -60.57 4.50 -8.00
CA PHE B 719 -61.98 4.69 -8.39
C PHE B 719 -62.82 3.92 -7.37
N GLY B 720 -63.42 4.64 -6.44
CA GLY B 720 -64.23 4.01 -5.40
C GLY B 720 -63.40 3.26 -4.39
N ALA B 721 -62.53 3.99 -3.67
CA ALA B 721 -61.64 3.38 -2.70
C ALA B 721 -61.74 3.97 -1.31
N GLN B 722 -62.65 4.92 -1.08
CA GLN B 722 -62.69 5.60 0.20
C GLN B 722 -63.33 4.74 1.28
N HIS B 723 -62.78 4.83 2.49
CA HIS B 723 -63.41 4.33 3.70
C HIS B 723 -63.17 5.37 4.77
N ARG B 724 -64.17 5.58 5.64
CA ARG B 724 -64.22 6.82 6.42
C ARG B 724 -62.94 7.08 7.22
N LYS B 725 -62.23 6.02 7.61
CA LYS B 725 -60.96 6.17 8.30
C LYS B 725 -59.79 5.96 7.33
N MET B 726 -59.71 6.81 6.32
CA MET B 726 -58.65 6.69 5.31
C MET B 726 -57.32 7.11 5.90
N GLY B 727 -56.43 6.15 6.10
CA GLY B 727 -55.04 6.43 6.43
C GLY B 727 -54.84 7.23 7.70
N LYS B 728 -55.58 6.91 8.75
CA LYS B 728 -55.43 7.61 10.02
C LYS B 728 -54.47 6.90 10.96
N SER B 729 -54.55 5.57 11.02
CA SER B 729 -53.67 4.80 11.90
C SER B 729 -52.20 4.94 11.50
N LEU B 730 -51.94 4.86 10.19
CA LEU B 730 -50.55 4.91 9.72
C LEU B 730 -49.93 6.27 9.97
N TYR B 731 -50.73 7.34 9.92
CA TYR B 731 -50.21 8.67 10.19
C TYR B 731 -49.67 8.76 11.60
N LEU B 732 -50.41 8.22 12.58
CA LEU B 732 -49.95 8.23 13.95
C LEU B 732 -48.78 7.30 14.16
N ARG B 733 -48.85 6.09 13.61
CA ARG B 733 -47.91 5.03 13.95
C ARG B 733 -46.83 4.82 12.89
N ASN B 734 -46.51 5.85 12.11
CA ASN B 734 -45.39 5.79 11.17
C ASN B 734 -45.00 7.21 10.80
N GLU B 735 -43.69 7.49 10.79
CA GLU B 735 -43.22 8.87 10.70
C GLU B 735 -42.99 9.35 9.27
N VAL B 736 -42.45 8.49 8.40
CA VAL B 736 -42.24 8.88 7.00
C VAL B 736 -43.58 9.18 6.34
N PHE B 737 -44.57 8.32 6.61
CA PHE B 737 -45.92 8.55 6.12
C PHE B 737 -46.45 9.89 6.57
N ALA B 738 -46.26 10.21 7.85
CA ALA B 738 -46.77 11.46 8.40
C ALA B 738 -46.07 12.67 7.77
N ALA B 739 -44.75 12.59 7.59
CA ALA B 739 -44.02 13.70 7.00
C ALA B 739 -44.46 13.95 5.57
N TRP B 740 -44.57 12.89 4.77
CA TRP B 740 -45.00 13.07 3.39
C TRP B 740 -46.44 13.57 3.33
N ILE B 741 -47.29 13.06 4.21
CA ILE B 741 -48.67 13.54 4.26
C ILE B 741 -48.71 15.03 4.57
N GLU B 742 -47.90 15.49 5.53
CA GLU B 742 -47.90 16.90 5.87
C GLU B 742 -47.34 17.76 4.73
N LYS B 743 -46.35 17.26 4.00
CA LYS B 743 -45.88 17.99 2.83
C LYS B 743 -46.99 18.17 1.80
N VAL B 744 -47.73 17.08 1.53
CA VAL B 744 -48.85 17.18 0.60
C VAL B 744 -49.92 18.10 1.15
N ASP B 745 -50.13 18.10 2.47
CA ASP B 745 -51.10 19.00 3.08
C ASP B 745 -50.71 20.45 2.87
N ALA B 746 -49.41 20.75 3.01
CA ALA B 746 -48.95 22.10 2.76
C ALA B 746 -49.21 22.51 1.32
N LEU B 747 -48.91 21.62 0.38
CA LEU B 747 -49.14 21.92 -1.02
C LEU B 747 -50.63 22.16 -1.30
N VAL B 748 -51.49 21.28 -0.78
CA VAL B 748 -52.93 21.39 -1.03
C VAL B 748 -53.49 22.63 -0.34
N GLN B 749 -52.97 22.97 0.83
CA GLN B 749 -53.39 24.19 1.51
C GLN B 749 -53.04 25.42 0.68
N ASP B 750 -51.86 25.41 0.07
CA ASP B 750 -51.50 26.50 -0.83
C ASP B 750 -52.46 26.57 -2.01
N GLU B 751 -52.80 25.40 -2.59
CA GLU B 751 -53.59 25.39 -3.81
C GLU B 751 -55.04 25.77 -3.55
N LEU B 752 -55.75 24.97 -2.74
CA LEU B 752 -57.19 25.12 -2.58
C LEU B 752 -57.60 25.95 -1.38
N GLY B 753 -56.85 25.90 -0.29
CA GLY B 753 -57.20 26.66 0.90
C GLY B 753 -57.43 25.80 2.13
N TYR B 754 -58.07 24.65 1.98
CA TYR B 754 -58.32 23.77 3.10
C TYR B 754 -57.16 22.78 3.27
N SER B 755 -57.19 22.05 4.37
CA SER B 755 -56.13 21.10 4.71
C SER B 755 -56.68 19.68 4.66
N VAL B 756 -56.02 18.81 3.91
CA VAL B 756 -56.37 17.40 3.82
C VAL B 756 -56.17 16.74 5.17
N LEU B 757 -55.14 17.18 5.90
CA LEU B 757 -54.80 16.56 7.17
C LEU B 757 -55.95 16.61 8.16
N GLU B 758 -56.70 17.72 8.17
CA GLU B 758 -57.85 17.84 9.07
C GLU B 758 -58.87 16.75 8.80
N LEU B 759 -59.25 16.57 7.52
CA LEU B 759 -60.23 15.54 7.18
C LEU B 759 -59.68 14.15 7.46
N ILE B 760 -58.39 13.93 7.21
CA ILE B 760 -57.80 12.60 7.43
C ILE B 760 -57.83 12.25 8.91
N LEU B 761 -57.37 13.16 9.77
CA LEU B 761 -57.30 12.87 11.19
C LEU B 761 -58.69 12.84 11.82
N ASP B 762 -59.52 13.84 11.52
CA ASP B 762 -60.84 13.93 12.11
C ASP B 762 -61.71 12.77 11.62
N ASP B 763 -62.57 12.28 12.51
CA ASP B 763 -63.50 11.20 12.20
C ASP B 763 -64.95 11.66 12.31
N ALA B 764 -65.19 12.97 12.15
CA ALA B 764 -66.53 13.53 12.16
C ALA B 764 -67.02 13.86 10.76
N GLN B 765 -66.23 14.63 10.01
CA GLN B 765 -66.63 15.04 8.67
C GLN B 765 -66.49 13.88 7.68
N ASP B 766 -67.52 13.69 6.86
CA ASP B 766 -67.49 12.68 5.80
C ASP B 766 -66.83 13.27 4.57
N TYR B 767 -66.92 12.57 3.43
CA TYR B 767 -66.18 13.02 2.26
C TYR B 767 -67.09 13.50 1.13
N GLY B 768 -66.46 13.90 0.03
CA GLY B 768 -67.13 14.38 -1.16
C GLY B 768 -66.13 14.35 -2.30
N ILE B 769 -66.58 14.50 -3.54
CA ILE B 769 -65.73 14.20 -4.70
C ILE B 769 -64.42 14.98 -4.65
N GLU B 770 -64.48 16.28 -4.36
CA GLU B 770 -63.28 17.08 -4.25
C GLU B 770 -62.35 16.55 -3.15
N THR B 771 -62.88 16.48 -1.92
CA THR B 771 -62.07 16.03 -0.80
C THR B 771 -61.65 14.59 -0.97
N THR B 772 -62.54 13.73 -1.49
CA THR B 772 -62.18 12.34 -1.73
C THR B 772 -60.99 12.26 -2.67
N GLN B 773 -61.04 12.99 -3.78
CA GLN B 773 -59.97 12.90 -4.76
C GLN B 773 -58.65 13.40 -4.19
N VAL B 774 -58.67 14.57 -3.53
CA VAL B 774 -57.42 15.12 -3.03
C VAL B 774 -56.83 14.22 -1.94
N THR B 775 -57.68 13.68 -1.06
CA THR B 775 -57.20 12.82 0.01
C THR B 775 -56.63 11.52 -0.54
N ILE B 776 -57.30 10.93 -1.54
CA ILE B 776 -56.78 9.70 -2.14
C ILE B 776 -55.43 9.96 -2.79
N PHE B 777 -55.29 11.10 -3.47
CA PHE B 777 -54.01 11.43 -4.08
C PHE B 777 -52.93 11.60 -3.01
N ALA B 778 -53.26 12.27 -1.91
CA ALA B 778 -52.28 12.46 -0.84
C ALA B 778 -51.84 11.13 -0.24
N ILE B 779 -52.80 10.24 0.01
CA ILE B 779 -52.47 8.93 0.57
C ILE B 779 -51.62 8.14 -0.42
N GLN B 780 -51.92 8.26 -1.72
CA GLN B 780 -51.12 7.56 -2.71
C GLN B 780 -49.69 8.06 -2.71
N ILE B 781 -49.49 9.38 -2.63
CA ILE B 781 -48.14 9.93 -2.59
C ILE B 781 -47.40 9.45 -1.35
N ALA B 782 -48.08 9.48 -0.20
CA ALA B 782 -47.44 9.04 1.05
C ALA B 782 -47.06 7.58 0.98
N LEU B 783 -47.95 6.74 0.45
CA LEU B 783 -47.65 5.32 0.32
C LEU B 783 -46.48 5.07 -0.60
N GLY B 784 -46.44 5.79 -1.73
CA GLY B 784 -45.33 5.61 -2.66
C GLY B 784 -44.00 6.01 -2.06
N GLU B 785 -43.98 7.13 -1.34
CA GLU B 785 -42.74 7.55 -0.70
C GLU B 785 -42.35 6.66 0.47
N LEU B 786 -43.33 6.10 1.19
CA LEU B 786 -43.01 5.11 2.21
C LEU B 786 -42.36 3.88 1.59
N LEU B 787 -42.90 3.43 0.45
CA LEU B 787 -42.31 2.29 -0.23
C LEU B 787 -40.91 2.59 -0.72
N ARG B 788 -40.70 3.78 -1.30
CA ARG B 788 -39.40 4.15 -1.84
C ARG B 788 -38.39 4.53 -0.76
N HIS B 789 -38.83 4.78 0.47
CA HIS B 789 -37.90 4.98 1.56
C HIS B 789 -37.26 3.68 2.02
N HIS B 790 -37.96 2.55 1.85
CA HIS B 790 -37.42 1.25 2.17
C HIS B 790 -36.67 0.60 1.01
N GLY B 791 -36.53 1.30 -0.11
CA GLY B 791 -35.78 0.78 -1.23
C GLY B 791 -36.58 0.15 -2.34
N ALA B 792 -37.86 0.50 -2.46
CA ALA B 792 -38.68 0.01 -3.56
C ALA B 792 -38.60 0.95 -4.76
N LYS B 793 -38.57 0.35 -5.94
CA LYS B 793 -38.47 1.12 -7.17
C LYS B 793 -39.42 0.58 -8.22
N PRO B 794 -40.31 1.43 -8.75
CA PRO B 794 -41.20 0.98 -9.84
C PRO B 794 -40.42 0.73 -11.12
N ALA B 795 -40.93 -0.20 -11.92
CA ALA B 795 -40.43 -0.42 -13.27
C ALA B 795 -41.36 0.13 -14.34
N ALA B 796 -42.66 0.19 -14.06
CA ALA B 796 -43.63 0.81 -14.94
C ALA B 796 -44.77 1.34 -14.08
N VAL B 797 -45.52 2.29 -14.63
CA VAL B 797 -46.58 2.95 -13.88
C VAL B 797 -47.80 3.10 -14.77
N ILE B 798 -48.97 2.69 -14.27
CA ILE B 798 -50.23 2.83 -14.97
C ILE B 798 -51.24 3.48 -14.03
N GLY B 799 -51.97 4.46 -14.56
CA GLY B 799 -52.87 5.24 -13.74
C GLY B 799 -54.27 5.38 -14.33
N GLN B 800 -55.28 5.21 -13.49
CA GLN B 800 -56.67 5.23 -13.92
C GLN B 800 -57.37 6.45 -13.32
N SER B 801 -57.81 7.37 -14.18
CA SER B 801 -58.61 8.52 -13.79
C SER B 801 -57.85 9.42 -12.82
N LEU B 802 -58.42 9.67 -11.64
CA LEU B 802 -57.78 10.52 -10.65
C LEU B 802 -56.42 9.99 -10.23
N GLY B 803 -56.17 8.69 -10.39
CA GLY B 803 -54.87 8.13 -10.10
C GLY B 803 -53.89 8.36 -11.22
N GLU B 804 -54.12 9.41 -11.99
CA GLU B 804 -53.20 9.77 -13.07
C GLU B 804 -52.13 10.74 -12.62
N ALA B 805 -52.53 11.85 -11.98
CA ALA B 805 -51.56 12.87 -11.58
C ALA B 805 -50.48 12.28 -10.67
N ALA B 806 -50.89 11.52 -9.65
CA ALA B 806 -49.91 10.85 -8.80
C ALA B 806 -48.99 9.96 -9.63
N SER B 807 -49.57 9.22 -10.58
CA SER B 807 -48.76 8.41 -11.48
C SER B 807 -47.65 9.24 -12.12
N ALA B 808 -47.99 10.44 -12.57
CA ALA B 808 -47.00 11.32 -13.18
C ALA B 808 -45.81 11.53 -12.24
N TYR B 809 -46.09 11.85 -10.98
CA TYR B 809 -45.01 12.13 -10.04
C TYR B 809 -44.11 10.91 -9.88
N PHE B 810 -44.67 9.71 -10.02
CA PHE B 810 -43.88 8.51 -9.81
C PHE B 810 -43.11 8.10 -11.05
N ALA B 811 -43.26 8.82 -12.16
CA ALA B 811 -42.57 8.46 -13.39
C ALA B 811 -41.51 9.46 -13.82
N GLY B 812 -41.40 10.60 -13.15
CA GLY B 812 -40.51 11.64 -13.59
C GLY B 812 -41.10 12.42 -14.74
N GLY B 813 -42.43 12.43 -14.83
CA GLY B 813 -43.12 13.20 -15.85
C GLY B 813 -43.53 14.55 -15.33
N LEU B 814 -43.54 14.69 -14.00
CA LEU B 814 -43.78 15.96 -13.33
C LEU B 814 -43.01 15.98 -12.02
N SER B 815 -43.30 16.97 -11.17
CA SER B 815 -42.81 16.99 -9.81
C SER B 815 -44.00 17.16 -8.89
N LEU B 816 -43.76 16.96 -7.59
CA LEU B 816 -44.85 16.91 -6.62
C LEU B 816 -45.76 18.12 -6.72
N ARG B 817 -45.18 19.31 -6.91
CA ARG B 817 -45.98 20.52 -7.02
C ARG B 817 -46.87 20.49 -8.25
N ASP B 818 -46.34 20.03 -9.38
CA ASP B 818 -47.14 19.97 -10.60
C ASP B 818 -48.26 18.94 -10.50
N ALA B 819 -47.96 17.78 -9.91
CA ALA B 819 -48.99 16.78 -9.72
C ALA B 819 -50.09 17.29 -8.80
N THR B 820 -49.71 18.00 -7.73
CA THR B 820 -50.69 18.60 -6.85
C THR B 820 -51.54 19.62 -7.59
N ARG B 821 -50.89 20.47 -8.38
CA ARG B 821 -51.60 21.40 -9.27
C ARG B 821 -52.68 20.68 -10.07
N ALA B 822 -52.27 19.65 -10.80
CA ALA B 822 -53.18 18.97 -11.72
C ALA B 822 -54.34 18.33 -10.96
N ILE B 823 -54.04 17.60 -9.88
CA ILE B 823 -55.10 16.88 -9.19
C ILE B 823 -56.07 17.84 -8.51
N CYS B 824 -55.56 18.90 -7.88
CA CYS B 824 -56.45 19.87 -7.25
C CYS B 824 -57.31 20.60 -8.26
N SER B 825 -56.74 21.02 -9.40
CA SER B 825 -57.54 21.68 -10.42
C SER B 825 -58.63 20.76 -10.93
N ARG B 826 -58.27 19.51 -11.25
CA ARG B 826 -59.23 18.52 -11.72
C ARG B 826 -60.37 18.32 -10.73
N SER B 827 -60.02 18.09 -9.46
CA SER B 827 -61.01 17.81 -8.43
C SER B 827 -61.95 19.01 -8.23
N HIS B 828 -61.39 20.21 -8.23
CA HIS B 828 -62.20 21.41 -8.08
C HIS B 828 -63.17 21.56 -9.25
N LEU B 829 -62.69 21.22 -10.45
CA LEU B 829 -63.55 21.27 -11.63
C LEU B 829 -64.73 20.31 -11.50
N MET B 830 -64.47 19.05 -11.13
CA MET B 830 -65.61 18.16 -10.92
C MET B 830 -66.52 18.64 -9.80
N GLY B 831 -65.95 19.20 -8.74
CA GLY B 831 -66.77 19.71 -7.66
C GLY B 831 -67.80 20.70 -8.16
N GLU B 832 -67.33 21.78 -8.79
CA GLU B 832 -68.26 22.80 -9.25
C GLU B 832 -69.18 22.26 -10.35
N GLY B 833 -68.66 21.47 -11.28
CA GLY B 833 -69.47 20.94 -12.34
C GLY B 833 -70.62 20.09 -11.85
N GLU B 834 -70.31 19.08 -11.02
CA GLU B 834 -71.37 18.26 -10.46
C GLU B 834 -72.29 19.06 -9.55
N ALA B 835 -71.78 20.17 -8.98
CA ALA B 835 -72.66 21.06 -8.25
C ALA B 835 -73.64 21.77 -9.17
N MET B 836 -73.29 21.98 -10.44
CA MET B 836 -74.17 22.70 -11.35
C MET B 836 -75.07 21.76 -12.16
N LEU B 837 -74.48 20.87 -12.96
CA LEU B 837 -75.22 20.14 -13.98
C LEU B 837 -76.18 19.10 -13.41
N PHE B 838 -77.48 19.41 -13.49
CA PHE B 838 -78.55 18.49 -13.09
C PHE B 838 -79.73 18.62 -14.05
N GLY B 839 -80.65 17.67 -13.96
CA GLY B 839 -81.87 17.69 -14.75
C GLY B 839 -81.67 17.26 -16.18
N GLU B 840 -81.79 18.21 -17.11
CA GLU B 840 -81.58 17.95 -18.53
C GLU B 840 -80.13 17.64 -18.86
N TYR B 841 -79.25 17.62 -17.85
CA TYR B 841 -77.84 17.31 -18.04
C TYR B 841 -77.36 16.16 -17.18
N ILE B 842 -78.22 15.55 -16.38
CA ILE B 842 -77.81 14.44 -15.51
C ILE B 842 -77.32 13.29 -16.36
N ARG B 843 -76.16 12.74 -16.00
CA ARG B 843 -75.65 11.50 -16.56
C ARG B 843 -75.68 10.42 -15.48
N LEU B 844 -75.25 9.22 -15.86
CA LEU B 844 -75.18 8.10 -14.93
C LEU B 844 -73.98 7.24 -15.30
N MET B 845 -73.76 6.18 -14.53
CA MET B 845 -72.72 5.22 -14.82
C MET B 845 -73.29 3.81 -14.65
N ALA B 846 -72.72 2.87 -15.39
CA ALA B 846 -73.21 1.50 -15.34
C ALA B 846 -72.08 0.55 -15.71
N LEU B 847 -71.85 -0.45 -14.85
CA LEU B 847 -70.87 -1.50 -15.11
C LEU B 847 -71.55 -2.64 -15.87
N VAL B 848 -71.58 -2.51 -17.18
CA VAL B 848 -72.25 -3.51 -18.01
C VAL B 848 -71.26 -4.57 -18.44
N GLU B 849 -71.76 -5.78 -18.68
CA GLU B 849 -70.91 -6.88 -19.10
C GLU B 849 -70.81 -6.96 -20.62
N TYR B 850 -70.46 -5.84 -21.24
CA TYR B 850 -70.23 -5.75 -22.68
C TYR B 850 -68.75 -5.59 -22.96
N SER B 851 -68.27 -6.31 -23.97
CA SER B 851 -66.88 -6.19 -24.36
C SER B 851 -66.68 -4.96 -25.23
N ALA B 852 -65.48 -4.77 -25.76
CA ALA B 852 -65.22 -3.65 -26.66
C ALA B 852 -66.00 -3.79 -27.96
N ASP B 853 -66.17 -5.02 -28.45
CA ASP B 853 -66.88 -5.26 -29.70
C ASP B 853 -68.38 -5.42 -29.51
N GLU B 854 -68.81 -6.09 -28.45
CA GLU B 854 -70.24 -6.20 -28.15
C GLU B 854 -70.85 -4.84 -27.84
N ILE B 855 -70.02 -3.87 -27.46
CA ILE B 855 -70.43 -2.48 -27.44
C ILE B 855 -70.56 -1.90 -28.84
N ARG B 856 -69.70 -2.28 -29.78
CA ARG B 856 -69.70 -1.68 -31.11
C ARG B 856 -70.98 -1.97 -31.88
N GLU B 857 -71.77 -2.95 -31.44
CA GLU B 857 -73.05 -3.26 -32.08
C GLU B 857 -74.23 -2.95 -31.18
N VAL B 858 -74.00 -2.30 -30.03
CA VAL B 858 -75.07 -2.05 -29.08
C VAL B 858 -75.40 -0.56 -28.94
N PHE B 859 -74.57 0.34 -29.44
CA PHE B 859 -74.86 1.77 -29.35
C PHE B 859 -75.81 2.24 -30.44
N SER B 860 -76.17 1.37 -31.39
CA SER B 860 -77.04 1.78 -32.49
C SER B 860 -78.41 2.20 -31.98
N ASP B 861 -78.96 1.46 -31.02
CA ASP B 861 -80.26 1.82 -30.46
C ASP B 861 -80.18 3.08 -29.62
N PHE B 862 -79.05 3.33 -28.97
CA PHE B 862 -78.87 4.45 -28.04
C PHE B 862 -77.58 5.18 -28.41
N PRO B 863 -77.61 6.02 -29.43
CA PRO B 863 -76.36 6.65 -29.92
C PRO B 863 -75.71 7.60 -28.92
N ASP B 864 -76.43 8.07 -27.91
CA ASP B 864 -75.94 9.12 -27.04
C ASP B 864 -75.16 8.61 -25.83
N LEU B 865 -75.02 7.29 -25.68
CA LEU B 865 -74.16 6.75 -24.63
C LEU B 865 -72.72 6.70 -25.08
N GLU B 866 -71.81 6.77 -24.11
CA GLU B 866 -70.37 6.76 -24.33
C GLU B 866 -69.74 5.74 -23.40
N VAL B 867 -68.44 5.52 -23.58
CA VAL B 867 -67.70 4.58 -22.76
C VAL B 867 -66.82 5.37 -21.80
N CYS B 868 -67.00 5.12 -20.51
CA CYS B 868 -66.20 5.82 -19.50
C CYS B 868 -64.85 5.14 -19.30
N VAL B 869 -64.87 3.89 -18.85
CA VAL B 869 -63.67 3.14 -18.51
C VAL B 869 -63.78 1.75 -19.10
N TYR B 870 -62.71 1.32 -19.79
CA TYR B 870 -62.57 -0.07 -20.22
C TYR B 870 -61.90 -0.83 -19.08
N ALA B 871 -62.69 -1.27 -18.11
CA ALA B 871 -62.15 -1.88 -16.90
C ALA B 871 -61.58 -3.27 -17.13
N ALA B 872 -62.29 -4.11 -17.86
CA ALA B 872 -61.85 -5.47 -18.14
C ALA B 872 -62.32 -5.82 -19.54
N PRO B 873 -61.73 -6.84 -20.16
CA PRO B 873 -62.26 -7.27 -21.46
C PRO B 873 -63.43 -8.22 -21.31
N THR B 874 -64.28 -7.96 -20.31
CA THR B 874 -65.59 -8.59 -20.18
C THR B 874 -66.61 -7.55 -19.74
N GLN B 875 -66.14 -6.47 -19.12
CA GLN B 875 -66.98 -5.46 -18.50
C GLN B 875 -66.55 -4.08 -18.95
N THR B 876 -67.41 -3.09 -18.73
CA THR B 876 -67.14 -1.74 -19.19
C THR B 876 -68.09 -0.74 -18.53
N VAL B 877 -67.59 0.45 -18.21
CA VAL B 877 -68.45 1.48 -17.63
C VAL B 877 -69.03 2.34 -18.74
N ILE B 878 -70.35 2.45 -18.77
CA ILE B 878 -71.06 3.29 -19.73
C ILE B 878 -71.71 4.45 -19.00
N GLY B 879 -71.72 5.61 -19.64
CA GLY B 879 -72.37 6.79 -19.11
C GLY B 879 -72.96 7.67 -20.19
N GLY B 880 -74.23 8.04 -20.01
CA GLY B 880 -74.92 8.88 -20.97
C GLY B 880 -76.19 9.48 -20.41
N PRO B 881 -77.17 9.70 -21.28
CA PRO B 881 -78.46 10.25 -20.84
C PRO B 881 -79.16 9.30 -19.88
N PRO B 882 -79.96 9.81 -18.96
CA PRO B 882 -80.61 8.92 -17.98
C PRO B 882 -81.54 7.89 -18.61
N GLU B 883 -82.42 8.33 -19.52
CA GLU B 883 -83.39 7.47 -20.16
C GLU B 883 -82.71 6.30 -20.86
N GLN B 884 -81.73 6.61 -21.70
CA GLN B 884 -81.00 5.56 -22.41
C GLN B 884 -80.23 4.69 -21.43
N VAL B 885 -79.85 5.24 -20.26
CA VAL B 885 -79.11 4.45 -19.28
C VAL B 885 -80.01 3.39 -18.67
N ASP B 886 -81.23 3.75 -18.26
CA ASP B 886 -82.11 2.71 -17.72
C ASP B 886 -82.56 1.77 -18.83
N ALA B 887 -82.67 2.26 -20.06
CA ALA B 887 -82.99 1.37 -21.18
C ALA B 887 -81.89 0.34 -21.38
N ILE B 888 -80.62 0.75 -21.31
CA ILE B 888 -79.51 -0.19 -21.40
C ILE B 888 -79.45 -1.14 -20.22
N LEU B 889 -79.83 -0.68 -19.02
CA LEU B 889 -79.92 -1.61 -17.89
C LEU B 889 -80.99 -2.67 -18.13
N ALA B 890 -82.16 -2.26 -18.63
CA ALA B 890 -83.21 -3.22 -18.94
C ALA B 890 -82.77 -4.20 -20.03
N ARG B 891 -82.07 -3.69 -21.05
CA ARG B 891 -81.56 -4.58 -22.10
C ARG B 891 -80.55 -5.57 -21.53
N ALA B 892 -79.66 -5.10 -20.66
CA ALA B 892 -78.67 -6.00 -20.05
C ALA B 892 -79.35 -7.07 -19.21
N GLU B 893 -80.40 -6.70 -18.48
CA GLU B 893 -81.13 -7.66 -17.68
C GLU B 893 -81.74 -8.77 -18.53
N ALA B 894 -82.19 -8.43 -19.75
CA ALA B 894 -82.86 -9.37 -20.63
C ALA B 894 -81.91 -9.98 -21.65
N GLU B 895 -80.63 -9.66 -21.56
CA GLU B 895 -79.62 -10.29 -22.40
C GLU B 895 -78.62 -11.13 -21.63
N GLY B 896 -78.86 -11.39 -20.35
CA GLY B 896 -77.93 -12.16 -19.54
C GLY B 896 -76.69 -11.39 -19.17
N LYS B 897 -76.85 -10.07 -18.98
CA LYS B 897 -75.73 -9.17 -18.73
C LYS B 897 -75.92 -8.50 -17.39
N PHE B 898 -74.90 -8.55 -16.53
CA PHE B 898 -74.96 -7.87 -15.25
C PHE B 898 -74.84 -6.36 -15.45
N ALA B 899 -75.66 -5.61 -14.72
CA ALA B 899 -75.62 -4.15 -14.78
C ALA B 899 -75.86 -3.60 -13.39
N ARG B 900 -75.19 -2.50 -13.08
CA ARG B 900 -75.29 -1.88 -11.75
C ARG B 900 -74.97 -0.40 -11.88
N LYS B 901 -75.82 0.43 -11.29
CA LYS B 901 -75.67 1.88 -11.41
C LYS B 901 -74.73 2.41 -10.33
N PHE B 902 -73.80 3.29 -10.72
CA PHE B 902 -73.04 4.05 -9.76
C PHE B 902 -73.71 5.39 -9.51
N ALA B 903 -74.20 5.60 -8.29
CA ALA B 903 -74.91 6.82 -7.94
C ALA B 903 -73.91 7.89 -7.52
N THR B 904 -73.15 8.37 -8.51
CA THR B 904 -72.14 9.40 -8.31
C THR B 904 -72.49 10.59 -9.19
N LYS B 905 -72.54 11.77 -8.59
CA LYS B 905 -72.81 12.98 -9.35
C LYS B 905 -71.71 13.25 -10.36
N GLY B 906 -70.45 13.06 -9.97
CA GLY B 906 -69.34 13.35 -10.84
C GLY B 906 -69.07 12.27 -11.88
N ALA B 907 -70.01 12.11 -12.81
CA ALA B 907 -69.84 11.17 -13.91
C ALA B 907 -68.91 11.77 -14.95
N SER B 908 -67.61 11.65 -14.74
CA SER B 908 -66.63 12.30 -15.60
C SER B 908 -66.38 11.48 -16.86
N HIS B 909 -65.57 12.05 -17.75
CA HIS B 909 -65.05 11.37 -18.94
C HIS B 909 -66.13 11.10 -19.99
N THR B 910 -67.31 11.70 -19.85
CA THR B 910 -68.26 11.44 -20.91
C THR B 910 -68.66 12.67 -21.72
N SER B 911 -69.46 13.56 -21.13
CA SER B 911 -69.85 14.77 -21.86
C SER B 911 -70.04 15.95 -20.92
N GLN B 912 -69.96 15.70 -19.62
CA GLN B 912 -70.30 16.74 -18.66
C GLN B 912 -69.13 17.70 -18.47
N MET B 913 -67.96 17.35 -19.00
CA MET B 913 -66.74 18.10 -18.74
C MET B 913 -66.40 19.02 -19.92
N ASP B 914 -67.33 19.08 -20.88
CA ASP B 914 -67.10 19.90 -22.06
C ASP B 914 -66.97 21.38 -21.67
N PRO B 915 -67.88 21.93 -20.85
CA PRO B 915 -67.67 23.31 -20.38
C PRO B 915 -66.42 23.48 -19.53
N LEU B 916 -66.03 22.45 -18.78
CA LEU B 916 -65.02 22.63 -17.75
C LEU B 916 -63.62 22.76 -18.33
N LEU B 917 -63.32 22.05 -19.43
CA LEU B 917 -61.95 21.98 -19.92
C LEU B 917 -61.36 23.36 -20.19
N GLY B 918 -62.17 24.31 -20.63
CA GLY B 918 -61.66 25.66 -20.85
C GLY B 918 -61.05 26.25 -19.60
N GLU B 919 -61.78 26.18 -18.48
CA GLU B 919 -61.20 26.62 -17.21
C GLU B 919 -59.95 25.84 -16.88
N LEU B 920 -59.92 24.54 -17.20
CA LEU B 920 -58.71 23.76 -17.01
C LEU B 920 -57.54 24.37 -17.77
N THR B 921 -57.79 24.80 -19.01
CA THR B 921 -56.74 25.42 -19.80
C THR B 921 -56.20 26.66 -19.10
N ALA B 922 -57.06 27.35 -18.35
CA ALA B 922 -56.63 28.55 -17.64
C ALA B 922 -55.73 28.21 -16.46
N GLU B 923 -55.89 27.02 -15.88
CA GLU B 923 -55.23 26.71 -14.63
C GLU B 923 -53.88 26.02 -14.82
N LEU B 924 -53.89 24.86 -15.48
CA LEU B 924 -52.70 24.02 -15.53
C LEU B 924 -51.59 24.59 -16.41
N GLN B 925 -51.86 25.66 -17.16
CA GLN B 925 -50.85 26.22 -18.05
C GLN B 925 -49.68 26.77 -17.26
N GLY B 926 -48.54 26.09 -17.31
CA GLY B 926 -47.37 26.54 -16.59
C GLY B 926 -46.60 25.43 -15.91
N ILE B 927 -47.03 24.18 -16.09
CA ILE B 927 -46.30 23.05 -15.54
C ILE B 927 -45.15 22.69 -16.48
N LYS B 928 -44.13 22.02 -15.93
CA LYS B 928 -42.92 21.69 -16.67
C LYS B 928 -42.73 20.19 -16.72
N PRO B 929 -43.23 19.51 -17.74
CA PRO B 929 -42.93 18.07 -17.88
C PRO B 929 -41.45 17.85 -18.15
N THR B 930 -40.95 16.71 -17.69
CA THR B 930 -39.55 16.37 -17.92
C THR B 930 -39.44 14.99 -18.57
N SER B 931 -38.22 14.49 -18.70
CA SER B 931 -37.97 13.21 -19.35
C SER B 931 -38.40 12.09 -18.42
N PRO B 932 -39.35 11.24 -18.80
CA PRO B 932 -39.78 10.15 -17.92
C PRO B 932 -38.67 9.16 -17.61
N THR B 933 -38.34 9.02 -16.33
CA THR B 933 -37.39 8.01 -15.89
C THR B 933 -38.03 6.65 -15.67
N CYS B 934 -39.35 6.54 -15.83
CA CYS B 934 -40.05 5.28 -15.64
C CYS B 934 -41.04 5.12 -16.79
N GLY B 935 -41.12 3.91 -17.35
CA GLY B 935 -41.96 3.67 -18.51
C GLY B 935 -43.43 3.70 -18.19
N ILE B 936 -44.14 4.71 -18.69
CA ILE B 936 -45.55 4.87 -18.38
C ILE B 936 -46.40 4.12 -19.39
N PHE B 937 -47.35 3.33 -18.90
CA PHE B 937 -48.41 2.77 -19.73
C PHE B 937 -49.54 3.78 -19.76
N SER B 938 -49.51 4.66 -20.75
CA SER B 938 -50.47 5.75 -20.83
C SER B 938 -51.84 5.20 -21.21
N THR B 939 -52.73 5.11 -20.24
CA THR B 939 -54.11 4.74 -20.53
C THR B 939 -54.85 5.82 -21.29
N VAL B 940 -54.28 7.01 -21.39
CA VAL B 940 -54.90 8.10 -22.13
C VAL B 940 -54.55 8.04 -23.60
N HIS B 941 -53.35 7.57 -23.92
CA HIS B 941 -52.90 7.35 -25.29
C HIS B 941 -53.17 5.92 -25.75
N GLU B 942 -54.25 5.32 -25.25
CA GLU B 942 -54.78 4.04 -25.71
C GLU B 942 -53.92 2.86 -25.29
N GLY B 943 -52.85 3.11 -24.54
CA GLY B 943 -52.09 2.01 -23.97
C GLY B 943 -50.78 1.70 -24.66
N ARG B 944 -50.04 2.74 -25.05
CA ARG B 944 -48.74 2.56 -25.69
C ARG B 944 -47.64 2.71 -24.65
N TYR B 945 -46.71 1.75 -24.64
CA TYR B 945 -45.64 1.69 -23.66
C TYR B 945 -44.59 2.76 -23.98
N ILE B 946 -44.85 3.97 -23.48
CA ILE B 946 -43.91 5.08 -23.66
C ILE B 946 -42.63 4.79 -22.89
N LYS B 947 -41.53 4.63 -23.62
CA LYS B 947 -40.20 4.21 -23.21
C LYS B 947 -39.55 5.27 -22.32
N PRO B 948 -38.82 4.84 -21.27
CA PRO B 948 -38.16 5.78 -20.38
C PRO B 948 -37.15 6.68 -21.09
N GLY B 949 -37.09 7.95 -20.68
CA GLY B 949 -36.09 8.87 -21.15
C GLY B 949 -36.34 9.48 -22.51
N GLY B 950 -37.47 9.18 -23.14
CA GLY B 950 -37.73 9.66 -24.47
C GLY B 950 -37.89 11.17 -24.59
N GLU B 951 -38.98 11.70 -24.03
CA GLU B 951 -39.34 13.11 -24.19
C GLU B 951 -40.52 13.43 -23.29
N PRO B 952 -40.65 14.67 -22.81
CA PRO B 952 -41.84 15.04 -22.02
C PRO B 952 -43.15 14.71 -22.71
N ILE B 953 -44.07 14.09 -21.98
CA ILE B 953 -45.33 13.62 -22.55
C ILE B 953 -46.51 14.03 -21.68
N HIS B 954 -46.26 14.91 -20.72
CA HIS B 954 -47.30 15.34 -19.78
C HIS B 954 -47.50 16.85 -19.94
N ASP B 955 -48.34 17.23 -20.90
CA ASP B 955 -48.65 18.63 -21.14
C ASP B 955 -50.11 18.90 -20.82
N VAL B 956 -50.54 20.16 -21.00
CA VAL B 956 -51.89 20.58 -20.66
C VAL B 956 -52.96 19.83 -21.43
N GLU B 957 -52.73 19.54 -22.71
CA GLU B 957 -53.66 18.75 -23.49
C GLU B 957 -53.82 17.34 -22.95
N TYR B 958 -52.71 16.73 -22.49
CA TYR B 958 -52.79 15.38 -21.95
C TYR B 958 -53.71 15.30 -20.75
N TRP B 959 -53.61 16.26 -19.83
CA TRP B 959 -54.52 16.30 -18.68
C TRP B 959 -55.92 16.72 -19.06
N LYS B 960 -56.09 17.38 -20.22
CA LYS B 960 -57.42 17.70 -20.71
C LYS B 960 -58.03 16.50 -21.43
N LYS B 961 -57.26 15.88 -22.34
CA LYS B 961 -57.77 14.72 -23.07
C LYS B 961 -58.07 13.57 -22.12
N GLY B 962 -57.19 13.32 -21.15
CA GLY B 962 -57.41 12.22 -20.23
C GLY B 962 -58.66 12.40 -19.40
N LEU B 963 -58.94 13.64 -18.99
CA LEU B 963 -60.18 13.90 -18.28
C LEU B 963 -61.38 13.76 -19.21
N ARG B 964 -61.24 14.20 -20.46
CA ARG B 964 -62.38 14.21 -21.38
C ARG B 964 -62.67 12.82 -21.93
N HIS B 965 -61.70 12.22 -22.62
CA HIS B 965 -61.94 10.97 -23.33
C HIS B 965 -61.97 9.78 -22.39
N SER B 966 -62.04 8.59 -22.96
CA SER B 966 -62.22 7.36 -22.20
C SER B 966 -60.89 6.87 -21.63
N VAL B 967 -60.99 5.94 -20.68
CA VAL B 967 -59.83 5.33 -20.04
C VAL B 967 -59.66 3.93 -20.63
N TYR B 968 -58.44 3.64 -21.08
CA TYR B 968 -58.14 2.40 -21.81
C TYR B 968 -57.41 1.39 -20.93
N PHE B 969 -57.87 1.27 -19.69
CA PHE B 969 -57.19 0.48 -18.68
C PHE B 969 -56.88 -0.94 -19.16
N THR B 970 -57.89 -1.62 -19.71
CA THR B 970 -57.69 -3.03 -20.05
C THR B 970 -56.67 -3.19 -21.18
N HIS B 971 -56.69 -2.28 -22.16
CA HIS B 971 -55.69 -2.35 -23.22
C HIS B 971 -54.28 -2.14 -22.67
N GLY B 972 -54.13 -1.19 -21.75
CA GLY B 972 -52.83 -0.97 -21.14
C GLY B 972 -52.34 -2.18 -20.36
N ILE B 973 -53.23 -2.78 -19.57
CA ILE B 973 -52.84 -3.97 -18.82
C ILE B 973 -52.47 -5.11 -19.76
N ARG B 974 -53.25 -5.30 -20.83
CA ARG B 974 -52.95 -6.34 -21.81
C ARG B 974 -51.59 -6.11 -22.45
N ASN B 975 -51.29 -4.86 -22.80
CA ASN B 975 -49.97 -4.54 -23.35
C ASN B 975 -48.88 -4.80 -22.33
N ALA B 976 -49.16 -4.57 -21.05
CA ALA B 976 -48.16 -4.79 -20.01
C ALA B 976 -47.84 -6.28 -19.83
N VAL B 977 -48.88 -7.12 -19.73
CA VAL B 977 -48.65 -8.54 -19.59
C VAL B 977 -47.96 -9.13 -20.81
N ASP B 978 -48.15 -8.53 -21.98
CA ASP B 978 -47.47 -8.97 -23.20
C ASP B 978 -46.06 -8.42 -23.30
N SER B 979 -45.64 -7.56 -22.37
CA SER B 979 -44.28 -7.03 -22.35
C SER B 979 -43.41 -7.69 -21.29
N GLY B 980 -43.97 -8.54 -20.44
CA GLY B 980 -43.16 -9.30 -19.50
C GLY B 980 -43.56 -9.21 -18.05
N HIS B 981 -44.22 -8.10 -17.66
CA HIS B 981 -44.52 -7.88 -16.26
C HIS B 981 -45.51 -8.90 -15.73
N THR B 982 -45.26 -9.38 -14.51
CA THR B 982 -46.17 -10.27 -13.81
C THR B 982 -46.61 -9.76 -12.46
N THR B 983 -45.89 -8.81 -11.86
CA THR B 983 -46.20 -8.29 -10.53
C THR B 983 -46.87 -6.93 -10.65
N PHE B 984 -48.05 -6.80 -10.06
CA PHE B 984 -48.77 -5.54 -10.02
C PHE B 984 -49.01 -5.15 -8.57
N LEU B 985 -48.74 -3.88 -8.26
CA LEU B 985 -48.84 -3.36 -6.90
C LEU B 985 -49.80 -2.19 -6.91
N GLU B 986 -50.90 -2.32 -6.17
CA GLU B 986 -51.91 -1.27 -6.14
C GLU B 986 -51.73 -0.44 -4.88
N LEU B 987 -51.62 0.88 -5.04
CA LEU B 987 -51.46 1.80 -3.93
C LEU B 987 -52.75 2.58 -3.76
N ALA B 988 -53.65 2.04 -2.92
CA ALA B 988 -54.94 2.67 -2.70
C ALA B 988 -55.38 2.38 -1.28
N PRO B 989 -56.20 3.24 -0.67
CA PRO B 989 -56.70 2.98 0.68
C PRO B 989 -57.47 1.67 0.79
N ASN B 990 -58.21 1.32 -0.25
CA ASN B 990 -59.00 0.10 -0.26
C ASN B 990 -58.85 -0.60 -1.60
N PRO B 991 -58.24 -1.78 -1.67
CA PRO B 991 -57.96 -2.40 -2.97
C PRO B 991 -59.24 -2.83 -3.67
N VAL B 992 -59.51 -2.20 -4.82
CA VAL B 992 -60.70 -2.50 -5.59
C VAL B 992 -60.33 -2.80 -7.04
N ALA B 993 -59.19 -2.28 -7.49
CA ALA B 993 -58.77 -2.45 -8.87
C ALA B 993 -58.03 -3.75 -9.13
N LEU B 994 -57.61 -4.45 -8.07
CA LEU B 994 -56.93 -5.73 -8.27
C LEU B 994 -57.85 -6.78 -8.88
N MET B 995 -59.16 -6.69 -8.66
CA MET B 995 -60.08 -7.60 -9.34
C MET B 995 -60.07 -7.36 -10.84
N GLN B 996 -60.10 -6.09 -11.27
CA GLN B 996 -60.03 -5.78 -12.68
C GLN B 996 -58.70 -6.23 -13.27
N VAL B 997 -57.61 -6.00 -12.54
CA VAL B 997 -56.31 -6.43 -13.02
C VAL B 997 -56.26 -7.96 -13.14
N ALA B 998 -56.87 -8.66 -12.19
CA ALA B 998 -56.91 -10.12 -12.23
C ALA B 998 -57.66 -10.61 -13.46
N LEU B 999 -58.82 -10.02 -13.73
CA LEU B 999 -59.59 -10.42 -14.91
C LEU B 999 -58.79 -10.16 -16.19
N THR B 1000 -58.20 -8.97 -16.31
CA THR B 1000 -57.49 -8.61 -17.53
C THR B 1000 -56.28 -9.52 -17.73
N THR B 1001 -55.55 -9.83 -16.66
CA THR B 1001 -54.38 -10.69 -16.80
C THR B 1001 -54.78 -12.14 -17.02
N ALA B 1002 -55.94 -12.55 -16.52
CA ALA B 1002 -56.43 -13.91 -16.75
C ALA B 1002 -56.79 -14.10 -18.21
N ASP B 1003 -57.49 -13.12 -18.80
CA ASP B 1003 -57.80 -13.22 -20.22
C ASP B 1003 -56.54 -13.20 -21.07
N ALA B 1004 -55.54 -12.43 -20.65
CA ALA B 1004 -54.31 -12.25 -21.41
C ALA B 1004 -53.39 -13.47 -21.37
N GLY B 1005 -53.77 -14.54 -20.68
CA GLY B 1005 -53.02 -15.78 -20.71
C GLY B 1005 -52.32 -16.13 -19.41
N LEU B 1006 -51.74 -15.14 -18.74
CA LEU B 1006 -51.01 -15.40 -17.51
C LEU B 1006 -51.98 -15.50 -16.35
N HIS B 1007 -52.12 -16.72 -15.79
CA HIS B 1007 -53.03 -16.95 -14.68
C HIS B 1007 -52.35 -16.88 -13.32
N ASP B 1008 -51.05 -17.16 -13.26
CA ASP B 1008 -50.30 -17.10 -12.01
C ASP B 1008 -49.54 -15.78 -11.91
N ALA B 1009 -50.29 -14.73 -11.60
CA ALA B 1009 -49.74 -13.41 -11.44
C ALA B 1009 -49.38 -13.17 -9.99
N GLN B 1010 -49.01 -11.93 -9.66
CA GLN B 1010 -48.66 -11.53 -8.29
C GLN B 1010 -49.37 -10.22 -7.99
N LEU B 1011 -50.58 -10.32 -7.45
CA LEU B 1011 -51.33 -9.15 -7.04
C LEU B 1011 -50.99 -8.80 -5.60
N ILE B 1012 -50.49 -7.59 -5.38
CA ILE B 1012 -49.98 -7.18 -4.08
C ILE B 1012 -50.74 -5.95 -3.61
N PRO B 1013 -51.62 -6.08 -2.61
CA PRO B 1013 -52.42 -4.93 -2.19
C PRO B 1013 -51.76 -4.14 -1.06
N THR B 1014 -52.14 -2.86 -1.00
CA THR B 1014 -51.80 -1.96 0.10
C THR B 1014 -52.91 -2.00 1.14
N LEU B 1015 -52.97 -0.97 1.98
CA LEU B 1015 -53.91 -0.89 3.10
C LEU B 1015 -55.33 -1.22 2.65
N ALA B 1016 -56.17 -1.61 3.61
CA ALA B 1016 -57.55 -1.97 3.36
C ALA B 1016 -58.36 -1.62 4.59
N ARG B 1017 -59.67 -1.83 4.50
CA ARG B 1017 -60.60 -1.52 5.58
C ARG B 1017 -60.70 -2.70 6.54
N LYS B 1018 -60.87 -2.39 7.82
CA LYS B 1018 -60.96 -3.39 8.89
C LYS B 1018 -59.70 -4.25 8.93
N GLN B 1019 -58.55 -3.61 8.70
CA GLN B 1019 -57.25 -4.25 8.79
C GLN B 1019 -56.29 -3.30 9.50
N ASP B 1020 -55.27 -3.88 10.12
CA ASP B 1020 -54.23 -3.07 10.76
C ASP B 1020 -53.27 -2.59 9.68
N GLU B 1021 -53.22 -1.27 9.48
CA GLU B 1021 -52.49 -0.71 8.35
C GLU B 1021 -50.99 -0.99 8.45
N VAL B 1022 -50.44 -0.98 9.67
CA VAL B 1022 -49.03 -1.31 9.84
C VAL B 1022 -48.75 -2.73 9.37
N SER B 1023 -49.62 -3.67 9.75
CA SER B 1023 -49.46 -5.05 9.29
C SER B 1023 -49.63 -5.16 7.78
N SER B 1024 -50.51 -4.37 7.19
CA SER B 1024 -50.68 -4.40 5.73
C SER B 1024 -49.41 -3.93 5.03
N MET B 1025 -48.80 -2.85 5.53
CA MET B 1025 -47.56 -2.37 4.94
C MET B 1025 -46.45 -3.40 5.11
N VAL B 1026 -46.37 -4.01 6.29
CA VAL B 1026 -45.36 -5.04 6.52
C VAL B 1026 -45.54 -6.20 5.56
N SER B 1027 -46.79 -6.62 5.33
CA SER B 1027 -47.06 -7.72 4.43
C SER B 1027 -46.70 -7.36 2.99
N THR B 1028 -47.02 -6.15 2.55
CA THR B 1028 -46.68 -5.72 1.19
C THR B 1028 -45.17 -5.74 0.99
N MET B 1029 -44.43 -5.18 1.94
CA MET B 1029 -42.99 -5.16 1.83
C MET B 1029 -42.38 -6.56 1.92
N ALA B 1030 -42.96 -7.43 2.73
CA ALA B 1030 -42.50 -8.82 2.78
C ALA B 1030 -42.70 -9.52 1.45
N GLN B 1031 -43.86 -9.31 0.82
CA GLN B 1031 -44.10 -9.91 -0.49
C GLN B 1031 -43.11 -9.39 -1.52
N LEU B 1032 -42.85 -8.08 -1.51
CA LEU B 1032 -41.86 -7.51 -2.41
C LEU B 1032 -40.50 -8.16 -2.20
N TYR B 1033 -40.12 -8.38 -0.94
CA TYR B 1033 -38.86 -9.06 -0.66
C TYR B 1033 -38.86 -10.48 -1.22
N VAL B 1034 -39.97 -11.20 -1.05
CA VAL B 1034 -40.01 -12.61 -1.43
C VAL B 1034 -39.88 -12.77 -2.94
N TYR B 1035 -40.66 -11.99 -3.70
CA TYR B 1035 -40.70 -12.22 -5.15
C TYR B 1035 -39.38 -11.84 -5.80
N GLY B 1036 -38.63 -10.93 -5.19
CA GLY B 1036 -37.28 -10.66 -5.63
C GLY B 1036 -37.00 -9.22 -6.01
N HIS B 1037 -37.97 -8.34 -5.78
CA HIS B 1037 -37.84 -6.95 -6.21
C HIS B 1037 -37.02 -6.16 -5.18
N ASP B 1038 -36.79 -4.89 -5.48
CA ASP B 1038 -35.92 -4.05 -4.67
C ASP B 1038 -36.59 -3.75 -3.34
N LEU B 1039 -36.03 -4.30 -2.26
CA LEU B 1039 -36.51 -4.01 -0.92
C LEU B 1039 -35.39 -4.32 0.06
N ASP B 1040 -35.06 -3.35 0.91
CA ASP B 1040 -34.03 -3.54 1.93
C ASP B 1040 -34.69 -4.09 3.19
N ILE B 1041 -34.60 -5.41 3.39
CA ILE B 1041 -35.24 -6.04 4.53
C ILE B 1041 -34.65 -5.54 5.85
N ARG B 1042 -33.40 -5.09 5.83
CA ARG B 1042 -32.74 -4.62 7.05
C ARG B 1042 -33.34 -3.32 7.57
N THR B 1043 -34.07 -2.58 6.74
CA THR B 1043 -34.60 -1.29 7.14
C THR B 1043 -35.92 -1.39 7.89
N LEU B 1044 -36.51 -2.59 7.98
CA LEU B 1044 -37.75 -2.75 8.71
C LEU B 1044 -37.49 -2.64 10.20
N PHE B 1045 -36.63 -3.52 10.71
CA PHE B 1045 -36.26 -3.49 12.12
C PHE B 1045 -35.41 -2.27 12.42
N SER B 1046 -35.68 -1.65 13.57
CA SER B 1046 -35.01 -0.41 13.94
C SER B 1046 -33.54 -0.68 14.28
N ARG B 1047 -32.76 0.40 14.31
CA ARG B 1047 -31.34 0.31 14.63
C ARG B 1047 -31.16 -0.19 16.06
N ALA B 1048 -30.22 -1.10 16.23
CA ALA B 1048 -30.03 -1.79 17.51
C ALA B 1048 -29.19 -0.94 18.45
N SER B 1049 -29.06 -1.43 19.69
CA SER B 1049 -28.27 -0.77 20.72
C SER B 1049 -27.05 -1.58 21.14
N GLY B 1050 -27.22 -2.86 21.45
CA GLY B 1050 -26.12 -3.69 21.88
C GLY B 1050 -26.27 -5.13 21.43
N PRO B 1051 -25.51 -6.04 22.04
CA PRO B 1051 -25.61 -7.46 21.69
C PRO B 1051 -26.89 -8.12 22.18
N GLN B 1052 -27.71 -7.43 22.97
CA GLN B 1052 -28.96 -7.95 23.46
C GLN B 1052 -30.12 -7.73 22.49
N ASP B 1053 -29.91 -6.94 21.44
CA ASP B 1053 -30.93 -6.70 20.43
C ASP B 1053 -30.89 -7.72 19.30
N TYR B 1054 -29.93 -8.64 19.32
CA TYR B 1054 -29.82 -9.71 18.34
C TYR B 1054 -29.99 -11.05 19.04
N ALA B 1055 -30.13 -12.11 18.24
CA ALA B 1055 -30.37 -13.44 18.76
C ALA B 1055 -29.32 -14.40 18.23
N ASN B 1056 -29.11 -15.48 18.97
CA ASN B 1056 -28.16 -16.52 18.58
C ASN B 1056 -28.84 -17.56 17.69
N ILE B 1057 -29.32 -17.09 16.54
CA ILE B 1057 -29.95 -17.94 15.55
C ILE B 1057 -28.90 -18.91 15.02
N PRO B 1058 -29.27 -20.12 14.62
CA PRO B 1058 -28.28 -21.09 14.15
C PRO B 1058 -27.55 -20.59 12.92
N PRO B 1059 -26.29 -20.95 12.76
CA PRO B 1059 -25.54 -20.53 11.56
C PRO B 1059 -25.83 -21.43 10.37
N THR B 1060 -25.35 -20.99 9.20
CA THR B 1060 -25.52 -21.77 7.99
C THR B 1060 -24.70 -23.05 8.06
N ARG B 1061 -25.12 -24.04 7.27
CA ARG B 1061 -24.47 -25.34 7.24
C ARG B 1061 -23.99 -25.65 5.83
N PHE B 1062 -22.85 -26.34 5.74
CA PHE B 1062 -22.32 -26.83 4.48
C PHE B 1062 -22.36 -28.34 4.47
N LYS B 1063 -22.70 -28.91 3.32
CA LYS B 1063 -22.67 -30.36 3.12
C LYS B 1063 -21.32 -30.71 2.52
N ARG B 1064 -20.36 -31.06 3.38
CA ARG B 1064 -18.99 -31.27 2.97
C ARG B 1064 -18.77 -32.72 2.57
N LYS B 1065 -18.18 -32.93 1.40
CA LYS B 1065 -17.83 -34.25 0.91
C LYS B 1065 -16.33 -34.31 0.64
N GLU B 1066 -15.76 -35.49 0.84
CA GLU B 1066 -14.32 -35.67 0.69
C GLU B 1066 -13.93 -35.48 -0.78
N HIS B 1067 -13.27 -34.36 -1.07
CA HIS B 1067 -12.78 -34.05 -2.42
C HIS B 1067 -11.26 -34.04 -2.36
N TRP B 1068 -10.65 -35.17 -2.71
CA TRP B 1068 -9.21 -35.32 -2.64
C TRP B 1068 -8.70 -35.96 -3.92
N LEU B 1069 -7.44 -35.70 -4.23
CA LEU B 1069 -6.82 -36.23 -5.44
C LEU B 1069 -6.06 -37.52 -5.13
N PRO B 1070 -6.19 -38.54 -5.99
CA PRO B 1070 -5.36 -39.74 -5.83
C PRO B 1070 -3.95 -39.51 -6.34
N ALA B 1071 -2.98 -39.35 -5.44
CA ALA B 1071 -1.63 -38.99 -5.80
C ALA B 1071 -0.66 -40.04 -5.25
N HIS B 1072 -0.10 -40.85 -6.13
CA HIS B 1072 0.84 -41.89 -5.77
C HIS B 1072 2.26 -41.41 -6.05
N PHE B 1073 3.08 -41.35 -5.01
CA PHE B 1073 4.48 -40.97 -5.17
C PHE B 1073 5.40 -42.16 -4.90
#